data_5TS1
#
_entry.id   5TS1
#
_cell.length_a   47.302
_cell.length_b   88.960
_cell.length_c   109.947
_cell.angle_alpha   89.97
_cell.angle_beta   93.83
_cell.angle_gamma   90.04
#
_symmetry.space_group_name_H-M   'P 1'
#
loop_
_entity.id
_entity.type
_entity.pdbx_description
1 polymer 'H-2 class I histocompatibility antigen, K-D alpha chain'
2 polymer Beta-2-microglobulin
3 polymer 'Peptide (P9) of Mtb85B (Mycobacterium tuberculosis) YYQSGLSIV'
4 non-polymer GLYCEROL
5 non-polymer 1,2-ETHANEDIOL
6 water water
#
loop_
_entity_poly.entity_id
_entity_poly.type
_entity_poly.pdbx_seq_one_letter_code
_entity_poly.pdbx_strand_id
1 'polypeptide(L)'
;PHSLRYFVTAVSRPGLGEPRFIAVGYVDDTQFVRFDSDADNPRFEPRAPWMEQEGPEYWEEQTQRAKSDEQWFRVSLRTA
QRYYNQSKGGSHTFQRMFGCDVGSDWRLLRGYHQFAYDGRDYIALNEDLKTWTAADTAALITRRKWEQAGDAEYYRAYLE
GECVEWLRRYLELGNETLLRTDSPKAHVTYHPRSQVDVTLRCWALGFYPADITLTWQLNGEDLTQDMELVETRPAGDGTF
QKWAAVVVPLGKEQNYTCHVHHKGLPEPLTLRWKP
;
A,C,E,G
2 'polypeptide(L)'
;MIQRTPKIQVYSRHPAENGKSNFLNCYVSGFHPSDIEVDLLKNGERIEKVEHSDLSFSKDWSFYLLYYTEFTPTEKDEYA
CRVNHVTLSQPKIVKWDRDM
;
B,D,F,H
3 'polypeptide(L)' YYQSGLSIV P,Q,R,S
#
# COMPACT_ATOMS: atom_id res chain seq x y z
N PRO A 1 -17.47 -21.28 -40.39
CA PRO A 1 -17.18 -21.22 -41.82
C PRO A 1 -16.56 -19.88 -42.24
N HIS A 2 -15.81 -19.88 -43.32
CA HIS A 2 -15.24 -18.66 -43.85
C HIS A 2 -15.34 -18.69 -45.37
N SER A 3 -15.32 -17.52 -45.99
CA SER A 3 -15.48 -17.48 -47.44
C SER A 3 -14.47 -16.52 -48.05
N LEU A 4 -14.12 -16.83 -49.29
CA LEU A 4 -13.32 -15.95 -50.12
C LEU A 4 -14.13 -15.69 -51.37
N ARG A 5 -14.30 -14.43 -51.75
CA ARG A 5 -15.06 -14.09 -52.94
C ARG A 5 -14.38 -12.97 -53.71
N TYR A 6 -14.52 -13.04 -55.05
CA TYR A 6 -14.19 -11.96 -55.97
C TYR A 6 -15.42 -11.64 -56.79
N PHE A 7 -15.75 -10.37 -56.89
CA PHE A 7 -16.87 -9.91 -57.70
C PHE A 7 -16.32 -9.04 -58.82
N VAL A 8 -16.44 -9.54 -60.05
CA VAL A 8 -15.76 -8.99 -61.21
C VAL A 8 -16.83 -8.51 -62.17
N THR A 9 -16.75 -7.24 -62.55
CA THR A 9 -17.69 -6.64 -63.47
C THR A 9 -16.90 -6.08 -64.64
N ALA A 10 -17.34 -6.40 -65.86
CA ALA A 10 -16.78 -5.81 -67.07
C ALA A 10 -17.93 -5.21 -67.86
N VAL A 11 -17.89 -3.90 -68.07
CA VAL A 11 -18.96 -3.18 -68.77
C VAL A 11 -18.32 -2.48 -69.96
N SER A 12 -18.69 -2.92 -71.17
CA SER A 12 -18.30 -2.23 -72.38
C SER A 12 -19.01 -0.89 -72.50
N ARG A 13 -18.29 0.09 -72.99
CA ARG A 13 -18.81 1.45 -73.20
C ARG A 13 -18.46 1.86 -74.61
N PRO A 14 -19.18 1.37 -75.62
CA PRO A 14 -18.84 1.68 -77.03
C PRO A 14 -18.88 3.18 -77.30
N GLY A 15 -17.78 3.69 -77.85
CA GLY A 15 -17.62 5.11 -78.08
C GLY A 15 -16.94 5.85 -76.96
N LEU A 16 -16.87 5.25 -75.76
CA LEU A 16 -16.25 5.88 -74.61
C LEU A 16 -14.93 5.23 -74.22
N GLY A 17 -14.33 4.47 -75.12
CA GLY A 17 -13.09 3.80 -74.80
C GLY A 17 -13.29 2.31 -74.55
N GLU A 18 -12.29 1.73 -73.91
CA GLU A 18 -12.28 0.31 -73.63
C GLU A 18 -13.26 0.00 -72.49
N PRO A 19 -13.72 -1.25 -72.40
CA PRO A 19 -14.70 -1.58 -71.35
C PRO A 19 -14.12 -1.35 -69.95
N ARG A 20 -15.01 -1.12 -69.00
CA ARG A 20 -14.60 -0.86 -67.64
C ARG A 20 -14.57 -2.19 -66.92
N PHE A 21 -13.45 -2.48 -66.25
CA PHE A 21 -13.23 -3.75 -65.56
C PHE A 21 -12.95 -3.50 -64.09
N ILE A 22 -13.79 -4.07 -63.22
CA ILE A 22 -13.62 -3.99 -61.78
C ILE A 22 -13.67 -5.39 -61.22
N ALA A 23 -12.70 -5.73 -60.37
CA ALA A 23 -12.78 -6.94 -59.56
C ALA A 23 -12.55 -6.56 -58.12
N VAL A 24 -13.49 -6.93 -57.25
CA VAL A 24 -13.41 -6.59 -55.84
C VAL A 24 -13.44 -7.91 -55.08
N GLY A 25 -12.51 -8.07 -54.13
CA GLY A 25 -12.34 -9.32 -53.40
C GLY A 25 -12.78 -9.19 -51.95
N TYR A 26 -13.40 -10.25 -51.44
CA TYR A 26 -13.87 -10.28 -50.07
C TYR A 26 -13.46 -11.58 -49.38
N VAL A 27 -13.15 -11.46 -48.10
CA VAL A 27 -13.11 -12.56 -47.15
C VAL A 27 -14.25 -12.32 -46.18
N ASP A 28 -15.22 -13.22 -46.17
CA ASP A 28 -16.47 -13.12 -45.39
C ASP A 28 -17.18 -11.83 -45.77
N ASP A 29 -17.46 -10.93 -44.83
CA ASP A 29 -18.09 -9.65 -45.07
C ASP A 29 -17.11 -8.49 -45.05
N THR A 30 -15.81 -8.76 -45.25
CA THR A 30 -14.77 -7.75 -45.17
C THR A 30 -14.08 -7.68 -46.53
N GLN A 31 -14.12 -6.50 -47.15
CA GLN A 31 -13.40 -6.31 -48.40
C GLN A 31 -11.91 -6.20 -48.12
N PHE A 32 -11.11 -6.91 -48.90
CA PHE A 32 -9.68 -6.86 -48.65
C PHE A 32 -8.83 -6.37 -49.82
N VAL A 33 -9.28 -6.49 -51.07
CA VAL A 33 -8.52 -6.01 -52.23
C VAL A 33 -9.48 -5.48 -53.28
N ARG A 34 -8.97 -4.63 -54.16
CA ARG A 34 -9.74 -4.23 -55.33
C ARG A 34 -8.78 -3.94 -56.48
N PHE A 35 -9.27 -4.17 -57.71
CA PHE A 35 -8.66 -3.71 -58.96
C PHE A 35 -9.72 -2.94 -59.74
N ASP A 36 -9.37 -1.72 -60.19
CA ASP A 36 -10.27 -0.93 -61.03
C ASP A 36 -9.48 -0.40 -62.22
N SER A 37 -9.93 -0.77 -63.42
CA SER A 37 -9.23 -0.45 -64.67
C SER A 37 -9.13 1.06 -64.91
N ASP A 38 -9.99 1.85 -64.28
CA ASP A 38 -10.02 3.29 -64.46
C ASP A 38 -9.22 4.03 -63.39
N ALA A 39 -8.61 3.31 -62.46
CA ALA A 39 -7.78 3.92 -61.45
C ALA A 39 -6.44 4.41 -62.02
N ASP A 40 -5.76 5.22 -61.20
CA ASP A 40 -4.45 5.82 -61.43
C ASP A 40 -3.54 4.99 -62.33
N ASN A 41 -2.67 4.19 -61.71
CA ASN A 41 -2.04 3.04 -62.34
C ASN A 41 -2.87 1.84 -61.94
N PRO A 42 -3.78 1.37 -62.81
CA PRO A 42 -4.68 0.27 -62.43
C PRO A 42 -3.90 -0.92 -61.92
N ARG A 43 -4.17 -1.30 -60.67
CA ARG A 43 -3.49 -2.43 -60.05
C ARG A 43 -4.34 -2.92 -58.90
N PHE A 44 -4.06 -4.16 -58.48
CA PHE A 44 -4.63 -4.69 -57.24
C PHE A 44 -4.04 -3.97 -56.03
N GLU A 45 -4.92 -3.47 -55.16
CA GLU A 45 -4.59 -2.65 -54.02
C GLU A 45 -5.19 -3.25 -52.75
N PRO A 46 -4.56 -3.02 -51.60
CA PRO A 46 -5.18 -3.47 -50.34
C PRO A 46 -6.37 -2.60 -50.02
N ARG A 47 -7.45 -3.25 -49.59
CA ARG A 47 -8.67 -2.59 -49.13
C ARG A 47 -8.95 -2.92 -47.67
N ALA A 48 -8.03 -3.59 -47.00
CA ALA A 48 -8.08 -3.84 -45.56
C ALA A 48 -6.68 -3.61 -45.01
N PRO A 49 -6.58 -3.11 -43.76
CA PRO A 49 -5.25 -2.77 -43.22
C PRO A 49 -4.31 -3.96 -43.09
N TRP A 50 -4.84 -5.16 -42.89
CA TRP A 50 -4.04 -6.38 -42.76
C TRP A 50 -3.46 -6.86 -44.09
N MET A 51 -3.72 -6.16 -45.19
CA MET A 51 -3.20 -6.50 -46.50
C MET A 51 -2.01 -5.66 -46.90
N GLU A 52 -1.76 -4.58 -46.19
CA GLU A 52 -0.75 -3.59 -46.56
C GLU A 52 0.69 -4.05 -46.33
N GLN A 53 0.92 -5.14 -45.60
CA GLN A 53 2.28 -5.61 -45.38
C GLN A 53 2.69 -6.63 -46.44
N GLU A 54 1.80 -6.96 -47.37
CA GLU A 54 2.17 -7.86 -48.44
C GLU A 54 3.21 -7.23 -49.33
N GLY A 55 4.16 -8.05 -49.75
CA GLY A 55 5.30 -7.63 -50.52
C GLY A 55 4.98 -7.25 -51.95
N PRO A 56 5.99 -6.73 -52.65
CA PRO A 56 5.79 -6.38 -54.06
C PRO A 56 5.49 -7.59 -54.94
N GLU A 57 6.01 -8.77 -54.59
CA GLU A 57 5.70 -9.98 -55.36
C GLU A 57 4.21 -10.25 -55.36
N TYR A 58 3.58 -10.26 -54.18
CA TYR A 58 2.16 -10.57 -54.12
C TYR A 58 1.36 -9.60 -55.00
N TRP A 59 1.61 -8.29 -54.87
CA TRP A 59 0.85 -7.35 -55.68
C TRP A 59 1.12 -7.49 -57.18
N GLU A 60 2.38 -7.73 -57.60
CA GLU A 60 2.63 -7.88 -59.04
C GLU A 60 1.94 -9.11 -59.63
N GLU A 61 1.93 -10.23 -58.92
CA GLU A 61 1.20 -11.38 -59.46
C GLU A 61 -0.30 -11.08 -59.55
N GLN A 62 -0.87 -10.49 -58.51
CA GLN A 62 -2.30 -10.15 -58.54
C GLN A 62 -2.61 -9.18 -59.67
N THR A 63 -1.77 -8.16 -59.84
CA THR A 63 -1.98 -7.18 -60.90
C THR A 63 -1.89 -7.83 -62.28
N GLN A 64 -0.95 -8.76 -62.46
CA GLN A 64 -0.81 -9.47 -63.72
C GLN A 64 -2.02 -10.34 -64.06
N ARG A 65 -2.59 -11.05 -63.07
CA ARG A 65 -3.81 -11.82 -63.27
C ARG A 65 -5.03 -10.95 -63.61
N ALA A 66 -5.15 -9.77 -63.00
CA ALA A 66 -6.22 -8.86 -63.35
C ALA A 66 -6.12 -8.37 -64.79
N LYS A 67 -4.90 -8.04 -65.24
CA LYS A 67 -4.70 -7.62 -66.63
C LYS A 67 -4.95 -8.76 -67.63
N SER A 68 -4.63 -10.00 -67.27
CA SER A 68 -4.98 -11.13 -68.12
C SER A 68 -6.49 -11.28 -68.22
N ASP A 69 -7.18 -11.21 -67.09
CA ASP A 69 -8.64 -11.26 -67.07
C ASP A 69 -9.27 -10.08 -67.80
N GLU A 70 -8.67 -8.90 -67.72
CA GLU A 70 -9.25 -7.76 -68.42
C GLU A 70 -9.36 -8.02 -69.92
N GLN A 71 -8.28 -8.56 -70.53
CA GLN A 71 -8.31 -8.92 -71.95
C GLN A 71 -9.27 -10.06 -72.21
N TRP A 72 -9.35 -11.00 -71.27
CA TRP A 72 -10.30 -12.10 -71.42
C TRP A 72 -11.74 -11.59 -71.48
N PHE A 73 -12.09 -10.63 -70.62
CA PHE A 73 -13.43 -10.02 -70.64
C PHE A 73 -13.73 -9.19 -71.88
N ARG A 74 -12.77 -8.40 -72.40
CA ARG A 74 -13.08 -7.67 -73.62
C ARG A 74 -13.38 -8.63 -74.77
N VAL A 75 -12.59 -9.71 -74.88
CA VAL A 75 -12.87 -10.75 -75.86
C VAL A 75 -14.22 -11.42 -75.58
N SER A 76 -14.50 -11.73 -74.32
CA SER A 76 -15.74 -12.44 -73.98
C SER A 76 -16.98 -11.59 -74.22
N LEU A 77 -16.90 -10.29 -73.94
CA LEU A 77 -18.02 -9.40 -74.21
C LEU A 77 -18.29 -9.28 -75.71
N ARG A 78 -17.22 -9.23 -76.52
CA ARG A 78 -17.38 -9.24 -77.97
C ARG A 78 -17.91 -10.57 -78.49
N THR A 79 -17.42 -11.69 -77.96
CA THR A 79 -17.94 -13.01 -78.36
C THR A 79 -19.41 -13.16 -78.00
N ALA A 80 -19.79 -12.76 -76.78
CA ALA A 80 -21.18 -12.84 -76.37
C ALA A 80 -22.07 -11.96 -77.24
N GLN A 81 -21.57 -10.81 -77.67
CA GLN A 81 -22.35 -9.96 -78.56
C GLN A 81 -22.64 -10.67 -79.88
N ARG A 82 -21.68 -11.42 -80.42
CA ARG A 82 -21.96 -12.25 -81.61
C ARG A 82 -22.92 -13.40 -81.29
N TYR A 83 -22.80 -14.01 -80.11
CA TYR A 83 -23.66 -15.15 -79.76
C TYR A 83 -25.12 -14.77 -79.75
N TYR A 84 -25.42 -13.60 -79.21
CA TYR A 84 -26.77 -13.11 -79.04
C TYR A 84 -27.25 -12.35 -80.26
N ASN A 85 -26.43 -12.31 -81.31
CA ASN A 85 -26.70 -11.54 -82.52
C ASN A 85 -27.17 -10.13 -82.15
N GLN A 86 -26.36 -9.50 -81.30
CA GLN A 86 -26.67 -8.17 -80.81
C GLN A 86 -26.04 -7.12 -81.70
N SER A 87 -26.63 -5.94 -81.70
CA SER A 87 -26.09 -4.85 -82.49
C SER A 87 -24.83 -4.30 -81.82
N LYS A 88 -24.14 -3.41 -82.54
CA LYS A 88 -22.77 -3.02 -82.17
C LYS A 88 -22.72 -1.95 -81.09
N GLY A 89 -23.75 -1.12 -80.97
CA GLY A 89 -23.68 0.08 -80.15
C GLY A 89 -24.17 -0.01 -78.72
N GLY A 90 -24.71 -1.14 -78.28
CA GLY A 90 -25.16 -1.25 -76.89
C GLY A 90 -24.05 -1.56 -75.92
N SER A 91 -24.20 -1.03 -74.70
CA SER A 91 -23.39 -1.47 -73.57
C SER A 91 -23.89 -2.81 -73.04
N HIS A 92 -22.98 -3.73 -72.78
CA HIS A 92 -23.32 -5.03 -72.22
C HIS A 92 -22.39 -5.36 -71.07
N THR A 93 -22.84 -6.28 -70.22
CA THR A 93 -22.16 -6.61 -68.98
C THR A 93 -21.83 -8.09 -68.89
N PHE A 94 -20.57 -8.40 -68.57
CA PHE A 94 -20.21 -9.71 -68.03
C PHE A 94 -19.90 -9.54 -66.55
N GLN A 95 -20.37 -10.49 -65.76
CA GLN A 95 -20.08 -10.58 -64.35
C GLN A 95 -19.58 -11.97 -64.04
N ARG A 96 -18.60 -12.05 -63.15
CA ARG A 96 -18.01 -13.31 -62.72
C ARG A 96 -17.90 -13.29 -61.21
N MET A 97 -18.42 -14.34 -60.58
CA MET A 97 -18.21 -14.55 -59.15
C MET A 97 -17.41 -15.83 -59.01
N PHE A 98 -16.33 -15.76 -58.22
CA PHE A 98 -15.56 -16.94 -57.86
C PHE A 98 -15.00 -16.78 -56.46
N GLY A 99 -14.66 -17.91 -55.85
CA GLY A 99 -14.08 -17.95 -54.52
C GLY A 99 -14.31 -19.32 -53.91
N CYS A 100 -14.18 -19.38 -52.59
CA CYS A 100 -14.34 -20.65 -51.90
C CYS A 100 -14.90 -20.47 -50.49
N ASP A 101 -15.52 -21.53 -49.98
CA ASP A 101 -15.99 -21.61 -48.59
C ASP A 101 -15.22 -22.69 -47.83
N VAL A 102 -14.94 -22.46 -46.54
CA VAL A 102 -14.30 -23.44 -45.68
C VAL A 102 -15.12 -23.59 -44.41
N GLY A 103 -15.05 -24.77 -43.78
CA GLY A 103 -15.74 -25.02 -42.52
C GLY A 103 -14.92 -24.80 -41.26
N SER A 104 -15.37 -25.46 -40.18
CA SER A 104 -14.66 -25.37 -38.91
C SER A 104 -13.25 -25.93 -39.01
N ASP A 105 -13.06 -26.96 -39.83
CA ASP A 105 -11.74 -27.53 -40.14
C ASP A 105 -10.92 -26.64 -41.07
N TRP A 106 -11.55 -25.67 -41.75
CA TRP A 106 -10.92 -24.83 -42.79
C TRP A 106 -10.46 -25.62 -44.01
N ARG A 107 -11.30 -26.52 -44.49
CA ARG A 107 -11.10 -27.15 -45.79
C ARG A 107 -12.34 -26.94 -46.65
N LEU A 108 -12.16 -27.03 -47.96
CA LEU A 108 -13.17 -26.63 -48.94
C LEU A 108 -14.52 -27.32 -48.80
N LEU A 109 -15.56 -26.53 -48.55
CA LEU A 109 -16.95 -26.97 -48.64
C LEU A 109 -17.47 -26.82 -50.05
N ARG A 110 -17.23 -25.66 -50.65
CA ARG A 110 -17.66 -25.42 -52.01
C ARG A 110 -16.80 -24.35 -52.69
N GLY A 111 -16.57 -24.55 -53.99
CA GLY A 111 -15.91 -23.59 -54.86
C GLY A 111 -16.90 -23.04 -55.87
N TYR A 112 -16.74 -21.76 -56.21
CA TYR A 112 -17.63 -21.09 -57.16
C TYR A 112 -16.88 -20.53 -58.35
N HIS A 113 -17.51 -20.72 -59.52
CA HIS A 113 -17.11 -20.09 -60.76
C HIS A 113 -18.35 -20.01 -61.65
N GLN A 114 -18.93 -18.82 -61.72
CA GLN A 114 -20.19 -18.59 -62.39
C GLN A 114 -20.16 -17.22 -63.04
N PHE A 115 -20.91 -17.09 -64.14
CA PHE A 115 -20.96 -15.85 -64.88
C PHE A 115 -22.40 -15.41 -65.08
N ALA A 116 -22.58 -14.09 -65.18
CA ALA A 116 -23.82 -13.48 -65.64
C ALA A 116 -23.53 -12.60 -66.83
N TYR A 117 -24.40 -12.66 -67.82
CA TYR A 117 -24.36 -11.71 -68.92
C TYR A 117 -25.62 -10.86 -68.91
N ASP A 118 -25.41 -9.55 -68.92
CA ASP A 118 -26.48 -8.56 -68.88
C ASP A 118 -27.41 -8.79 -67.69
N GLY A 119 -26.84 -9.08 -66.52
CA GLY A 119 -27.63 -9.21 -65.32
C GLY A 119 -28.34 -10.53 -65.12
N ARG A 120 -28.15 -11.50 -66.01
CA ARG A 120 -28.86 -12.77 -65.91
C ARG A 120 -27.86 -13.91 -65.95
N ASP A 121 -28.27 -15.07 -65.41
CA ASP A 121 -27.37 -16.21 -65.34
C ASP A 121 -26.88 -16.60 -66.74
N TYR A 122 -25.60 -16.92 -66.85
CA TYR A 122 -25.04 -17.30 -68.13
C TYR A 122 -24.50 -18.73 -68.06
N ILE A 123 -23.43 -18.99 -67.31
CA ILE A 123 -22.99 -20.36 -67.06
C ILE A 123 -22.41 -20.42 -65.65
N ALA A 124 -22.64 -21.55 -64.98
CA ALA A 124 -22.06 -21.77 -63.65
C ALA A 124 -21.44 -23.14 -63.57
N LEU A 125 -20.29 -23.20 -62.90
CA LEU A 125 -19.67 -24.46 -62.50
C LEU A 125 -20.50 -25.08 -61.38
N ASN A 126 -20.77 -26.38 -61.48
CA ASN A 126 -21.53 -27.06 -60.43
C ASN A 126 -20.66 -27.34 -59.23
N GLU A 127 -21.31 -27.76 -58.13
CA GLU A 127 -20.60 -27.99 -56.88
C GLU A 127 -19.55 -29.09 -56.99
N ASP A 128 -19.70 -30.00 -57.96
CA ASP A 128 -18.67 -30.99 -58.22
C ASP A 128 -17.39 -30.39 -58.77
N LEU A 129 -17.44 -29.17 -59.33
CA LEU A 129 -16.28 -28.57 -59.99
C LEU A 129 -15.84 -29.40 -61.19
N LYS A 130 -16.78 -30.15 -61.79
CA LYS A 130 -16.45 -30.98 -62.94
C LYS A 130 -17.34 -30.66 -64.13
N THR A 131 -18.56 -30.21 -63.86
CA THR A 131 -19.58 -29.95 -64.87
C THR A 131 -20.08 -28.51 -64.80
N TRP A 132 -20.69 -28.08 -65.90
CA TRP A 132 -21.20 -26.72 -66.09
C TRP A 132 -22.72 -26.72 -66.19
N THR A 133 -23.33 -25.62 -65.75
CA THR A 133 -24.75 -25.36 -65.99
C THR A 133 -24.87 -24.20 -66.97
N ALA A 134 -25.37 -24.47 -68.18
CA ALA A 134 -25.70 -23.41 -69.11
C ALA A 134 -27.12 -22.92 -68.82
N ALA A 135 -27.28 -21.60 -68.69
CA ALA A 135 -28.58 -20.99 -68.45
C ALA A 135 -29.46 -20.92 -69.70
N ASP A 136 -28.86 -20.83 -70.88
CA ASP A 136 -29.61 -20.62 -72.12
C ASP A 136 -28.82 -21.22 -73.27
N THR A 137 -29.35 -21.05 -74.49
CA THR A 137 -28.74 -21.64 -75.69
C THR A 137 -27.36 -21.07 -76.02
N ALA A 138 -27.17 -19.75 -75.90
CA ALA A 138 -25.84 -19.21 -76.15
C ALA A 138 -24.83 -19.79 -75.19
N ALA A 139 -25.23 -20.04 -73.95
CA ALA A 139 -24.35 -20.67 -72.97
C ALA A 139 -24.14 -22.16 -73.21
N LEU A 140 -25.00 -22.83 -73.98
CA LEU A 140 -24.67 -24.19 -74.39
C LEU A 140 -23.50 -24.23 -75.36
N ILE A 141 -23.35 -23.21 -76.20
CA ILE A 141 -22.17 -23.15 -77.06
C ILE A 141 -20.93 -23.08 -76.20
N THR A 142 -20.98 -22.22 -75.17
CA THR A 142 -19.86 -22.05 -74.26
C THR A 142 -19.57 -23.34 -73.51
N ARG A 143 -20.61 -24.01 -73.04
CA ARG A 143 -20.43 -25.27 -72.33
C ARG A 143 -19.74 -26.33 -73.17
N ARG A 144 -20.09 -26.43 -74.45
CA ARG A 144 -19.42 -27.35 -75.35
C ARG A 144 -17.94 -27.03 -75.53
N LYS A 145 -17.62 -25.74 -75.64
CA LYS A 145 -16.24 -25.30 -75.80
C LYS A 145 -15.37 -25.62 -74.58
N TRP A 146 -15.84 -25.24 -73.40
CA TRP A 146 -15.10 -25.49 -72.16
C TRP A 146 -15.03 -26.96 -71.80
N GLU A 147 -16.04 -27.76 -72.11
CA GLU A 147 -15.91 -29.18 -71.84
C GLU A 147 -14.84 -29.82 -72.73
N GLN A 148 -14.76 -29.38 -73.99
CA GLN A 148 -13.72 -29.93 -74.86
C GLN A 148 -12.33 -29.44 -74.44
N ALA A 149 -12.22 -28.23 -73.92
CA ALA A 149 -10.93 -27.67 -73.59
C ALA A 149 -10.51 -27.97 -72.15
N GLY A 150 -11.32 -28.70 -71.40
CA GLY A 150 -11.00 -29.01 -70.00
C GLY A 150 -10.78 -27.78 -69.14
N ASP A 151 -11.64 -26.76 -69.29
CA ASP A 151 -11.60 -25.58 -68.43
C ASP A 151 -11.96 -25.87 -66.98
N ALA A 152 -12.86 -26.83 -66.73
CA ALA A 152 -13.28 -27.12 -65.36
C ALA A 152 -12.11 -27.59 -64.49
N GLU A 153 -11.26 -28.47 -65.04
CA GLU A 153 -10.10 -28.93 -64.29
C GLU A 153 -9.16 -27.78 -63.96
N TYR A 154 -9.12 -26.77 -64.83
CA TYR A 154 -8.24 -25.62 -64.62
C TYR A 154 -8.70 -24.76 -63.44
N TYR A 155 -9.99 -24.41 -63.39
CA TYR A 155 -10.54 -23.75 -62.21
C TYR A 155 -10.56 -24.65 -60.98
N ARG A 156 -10.83 -25.95 -61.16
CA ARG A 156 -10.88 -26.84 -60.01
C ARG A 156 -9.52 -26.91 -59.31
N ALA A 157 -8.44 -26.90 -60.09
CA ALA A 157 -7.10 -26.94 -59.49
C ALA A 157 -6.83 -25.73 -58.63
N TYR A 158 -7.29 -24.56 -59.05
CA TYR A 158 -7.22 -23.36 -58.24
C TYR A 158 -8.09 -23.45 -56.99
N LEU A 159 -9.35 -23.88 -57.16
CA LEU A 159 -10.30 -23.89 -56.05
C LEU A 159 -9.89 -24.85 -54.94
N GLU A 160 -9.38 -26.02 -55.31
CA GLU A 160 -8.89 -27.01 -54.37
C GLU A 160 -7.50 -26.69 -53.83
N GLY A 161 -6.74 -25.84 -54.52
CA GLY A 161 -5.43 -25.50 -54.04
C GLY A 161 -5.26 -24.07 -53.57
N GLU A 162 -4.94 -23.16 -54.50
CA GLU A 162 -4.62 -21.78 -54.14
C GLU A 162 -5.74 -21.04 -53.42
N CYS A 163 -7.00 -21.22 -53.83
CA CYS A 163 -8.06 -20.45 -53.18
C CYS A 163 -8.18 -20.75 -51.70
N VAL A 164 -8.23 -22.03 -51.33
CA VAL A 164 -8.26 -22.39 -49.91
C VAL A 164 -6.94 -22.03 -49.22
N GLU A 165 -5.81 -22.29 -49.86
CA GLU A 165 -4.52 -22.04 -49.23
C GLU A 165 -4.35 -20.56 -48.89
N TRP A 166 -4.69 -19.67 -49.83
CA TRP A 166 -4.64 -18.25 -49.57
C TRP A 166 -5.78 -17.73 -48.70
N LEU A 167 -6.98 -18.32 -48.76
CA LEU A 167 -8.02 -17.89 -47.84
C LEU A 167 -7.64 -18.13 -46.38
N ARG A 168 -7.04 -19.29 -46.09
CA ARG A 168 -6.52 -19.53 -44.75
C ARG A 168 -5.42 -18.54 -44.37
N ARG A 169 -4.58 -18.14 -45.32
CA ARG A 169 -3.55 -17.14 -45.02
C ARG A 169 -4.19 -15.79 -44.69
N TYR A 170 -5.23 -15.41 -45.42
CA TYR A 170 -5.94 -14.16 -45.12
C TYR A 170 -6.55 -14.18 -43.72
N LEU A 171 -7.05 -15.33 -43.28
CA LEU A 171 -7.57 -15.46 -41.92
C LEU A 171 -6.47 -15.24 -40.88
N GLU A 172 -5.21 -15.61 -41.20
CA GLU A 172 -4.08 -15.23 -40.35
C GLU A 172 -3.74 -13.74 -40.41
N LEU A 173 -3.77 -13.11 -41.59
CA LEU A 173 -3.40 -11.71 -41.64
C LEU A 173 -4.38 -10.85 -40.84
N GLY A 174 -5.66 -11.17 -40.88
CA GLY A 174 -6.68 -10.38 -40.22
C GLY A 174 -7.29 -11.06 -39.01
N ASN A 175 -6.51 -11.93 -38.34
CA ASN A 175 -7.09 -12.82 -37.33
C ASN A 175 -7.76 -12.04 -36.20
N GLU A 176 -7.10 -10.98 -35.71
CA GLU A 176 -7.68 -10.19 -34.61
C GLU A 176 -9.02 -9.56 -34.99
N THR A 177 -9.16 -9.13 -36.26
CA THR A 177 -10.40 -8.50 -36.72
C THR A 177 -11.34 -9.41 -37.49
N LEU A 178 -10.83 -10.26 -38.40
CA LEU A 178 -11.71 -11.14 -39.18
C LEU A 178 -12.49 -12.14 -38.32
N LEU A 179 -11.86 -12.71 -37.30
CA LEU A 179 -12.53 -13.74 -36.50
C LEU A 179 -13.41 -13.16 -35.40
N ARG A 180 -13.40 -11.85 -35.22
CA ARG A 180 -14.27 -11.26 -34.21
C ARG A 180 -15.72 -11.25 -34.64
N THR A 181 -16.59 -11.25 -33.65
CA THR A 181 -17.99 -10.93 -33.84
C THR A 181 -18.28 -9.66 -33.05
N ASP A 182 -19.26 -8.91 -33.52
CA ASP A 182 -19.86 -7.87 -32.70
C ASP A 182 -21.33 -8.23 -32.57
N SER A 183 -21.76 -8.56 -31.36
CA SER A 183 -23.15 -8.89 -31.15
C SER A 183 -23.98 -7.65 -31.46
N PRO A 184 -25.17 -7.80 -32.03
CA PRO A 184 -26.00 -6.62 -32.34
C PRO A 184 -26.45 -5.92 -31.09
N LYS A 185 -26.49 -4.58 -31.14
CA LYS A 185 -27.17 -3.82 -30.11
C LYS A 185 -28.56 -3.55 -30.67
N ALA A 186 -29.55 -4.14 -30.03
CA ALA A 186 -30.90 -4.23 -30.55
C ALA A 186 -31.85 -3.43 -29.66
N HIS A 187 -32.79 -2.74 -30.28
CA HIS A 187 -33.84 -2.05 -29.55
C HIS A 187 -35.09 -2.01 -30.42
N VAL A 188 -36.24 -1.86 -29.77
CA VAL A 188 -37.53 -1.72 -30.45
C VAL A 188 -37.97 -0.27 -30.31
N THR A 189 -38.33 0.34 -31.44
CA THR A 189 -38.96 1.65 -31.48
C THR A 189 -40.45 1.57 -31.83
N TYR A 190 -41.16 2.62 -31.46
CA TYR A 190 -42.61 2.74 -31.56
C TYR A 190 -42.99 4.00 -32.31
N HIS A 191 -43.72 3.87 -33.42
CA HIS A 191 -44.28 5.04 -34.08
C HIS A 191 -45.76 4.87 -34.42
N PRO A 192 -46.62 5.77 -33.97
CA PRO A 192 -48.05 5.70 -34.31
C PRO A 192 -48.19 5.90 -35.80
N ARG A 193 -49.14 5.21 -36.41
CA ARG A 193 -49.29 5.32 -37.84
C ARG A 193 -50.69 5.73 -38.26
N SER A 194 -51.70 5.42 -37.46
CA SER A 194 -53.09 5.72 -37.73
C SER A 194 -53.68 6.15 -36.39
N GLN A 195 -54.99 6.30 -36.33
CA GLN A 195 -55.62 6.21 -35.02
C GLN A 195 -55.96 4.77 -34.65
N VAL A 196 -55.48 3.79 -35.42
CA VAL A 196 -55.86 2.41 -35.18
C VAL A 196 -54.64 1.49 -35.02
N ASP A 197 -53.51 1.85 -35.63
CA ASP A 197 -52.38 0.92 -35.67
C ASP A 197 -51.04 1.65 -35.49
N VAL A 198 -50.03 0.86 -35.13
CA VAL A 198 -48.68 1.36 -34.84
C VAL A 198 -47.64 0.50 -35.55
N THR A 199 -46.54 1.13 -35.97
CA THR A 199 -45.39 0.41 -36.50
C THR A 199 -44.39 0.18 -35.37
N LEU A 200 -44.06 -1.10 -35.12
CA LEU A 200 -43.01 -1.48 -34.20
C LEU A 200 -41.81 -1.94 -35.01
N ARG A 201 -40.69 -1.25 -34.85
CA ARG A 201 -39.47 -1.55 -35.58
C ARG A 201 -38.43 -2.11 -34.63
N CYS A 202 -37.92 -3.28 -34.97
CA CYS A 202 -36.84 -3.94 -34.25
C CYS A 202 -35.52 -3.57 -34.92
N TRP A 203 -34.63 -2.96 -34.16
CA TRP A 203 -33.36 -2.46 -34.66
C TRP A 203 -32.22 -3.39 -34.27
N ALA A 204 -31.24 -3.54 -35.16
CA ALA A 204 -29.97 -4.17 -34.83
C ALA A 204 -28.82 -3.31 -35.34
N LEU A 205 -27.89 -2.96 -34.45
CA LEU A 205 -26.82 -2.04 -34.82
C LEU A 205 -25.48 -2.63 -34.38
N GLY A 206 -24.43 -2.18 -35.07
CA GLY A 206 -23.04 -2.51 -34.76
C GLY A 206 -22.70 -3.98 -34.69
N PHE A 207 -23.16 -4.77 -35.67
CA PHE A 207 -22.91 -6.21 -35.64
C PHE A 207 -22.06 -6.65 -36.83
N TYR A 208 -21.13 -7.54 -36.54
CA TYR A 208 -20.38 -8.32 -37.51
C TYR A 208 -20.34 -9.74 -36.96
N PRO A 209 -20.58 -10.73 -37.83
CA PRO A 209 -20.77 -10.51 -39.27
C PRO A 209 -22.19 -10.10 -39.74
N ALA A 210 -22.33 -9.96 -41.05
CA ALA A 210 -23.55 -9.44 -41.67
C ALA A 210 -24.76 -10.35 -41.45
N ASP A 211 -24.54 -11.66 -41.38
CA ASP A 211 -25.61 -12.62 -41.20
C ASP A 211 -26.36 -12.37 -39.88
N ILE A 212 -27.69 -12.33 -39.96
CA ILE A 212 -28.55 -12.07 -38.80
C ILE A 212 -29.95 -12.60 -39.11
N THR A 213 -30.69 -12.99 -38.07
CA THR A 213 -32.11 -13.33 -38.21
C THR A 213 -32.95 -12.48 -37.26
N LEU A 214 -33.92 -11.75 -37.81
CA LEU A 214 -34.89 -10.99 -37.03
C LEU A 214 -36.29 -11.52 -37.30
N THR A 215 -37.03 -11.84 -36.24
CA THR A 215 -38.39 -12.30 -36.38
C THR A 215 -39.24 -11.61 -35.33
N TRP A 216 -40.50 -11.35 -35.68
CA TRP A 216 -41.50 -10.87 -34.73
C TRP A 216 -42.42 -12.04 -34.46
N GLN A 217 -42.88 -12.14 -33.22
CA GLN A 217 -43.72 -13.26 -32.85
C GLN A 217 -44.87 -12.71 -32.01
N LEU A 218 -46.05 -13.33 -32.13
CA LEU A 218 -47.18 -13.04 -31.24
C LEU A 218 -47.60 -14.33 -30.56
N ASN A 219 -47.53 -14.35 -29.23
CA ASN A 219 -47.89 -15.54 -28.46
C ASN A 219 -47.16 -16.76 -29.01
N GLY A 220 -45.86 -16.59 -29.21
CA GLY A 220 -44.98 -17.62 -29.75
C GLY A 220 -45.35 -18.13 -31.14
N GLU A 221 -45.27 -17.27 -32.16
CA GLU A 221 -45.62 -17.68 -33.52
C GLU A 221 -45.15 -16.62 -34.51
N ASP A 222 -44.44 -17.06 -35.54
CA ASP A 222 -43.75 -16.14 -36.45
C ASP A 222 -44.76 -15.27 -37.21
N LEU A 223 -44.54 -13.96 -37.17
CA LEU A 223 -45.36 -13.00 -37.90
C LEU A 223 -44.67 -12.55 -39.18
N THR A 224 -43.92 -13.46 -39.81
CA THR A 224 -43.17 -13.08 -41.00
C THR A 224 -44.07 -12.80 -42.19
N GLN A 225 -45.34 -13.26 -42.15
CA GLN A 225 -46.27 -12.87 -43.20
C GLN A 225 -46.70 -11.40 -43.09
N ASP A 226 -46.42 -10.73 -41.97
CA ASP A 226 -46.78 -9.33 -41.86
C ASP A 226 -45.56 -8.43 -41.72
N MET A 227 -44.36 -9.00 -41.83
CA MET A 227 -43.13 -8.27 -41.55
C MET A 227 -42.69 -7.45 -42.75
N GLU A 228 -42.25 -6.22 -42.49
CA GLU A 228 -41.47 -5.49 -43.48
C GLU A 228 -40.00 -5.61 -43.10
N LEU A 229 -39.18 -6.05 -44.04
CA LEU A 229 -37.76 -6.28 -43.81
C LEU A 229 -36.96 -5.46 -44.82
N VAL A 230 -35.96 -4.72 -44.34
CA VAL A 230 -34.97 -4.11 -45.22
C VAL A 230 -33.76 -5.02 -45.31
N GLU A 231 -32.96 -4.81 -46.36
CA GLU A 231 -31.69 -5.50 -46.51
C GLU A 231 -30.70 -5.04 -45.44
N THR A 232 -29.86 -5.96 -45.00
CA THR A 232 -28.80 -5.63 -44.04
C THR A 232 -27.88 -4.57 -44.63
N ARG A 233 -27.63 -3.50 -43.88
CA ARG A 233 -26.86 -2.43 -44.49
C ARG A 233 -25.55 -2.20 -43.74
N PRO A 234 -24.48 -1.84 -44.48
CA PRO A 234 -23.19 -1.53 -43.84
C PRO A 234 -23.15 -0.16 -43.18
N ALA A 235 -22.67 -0.13 -41.94
CA ALA A 235 -22.48 1.12 -41.22
C ALA A 235 -21.34 1.97 -41.80
N GLY A 236 -20.36 1.33 -42.44
CA GLY A 236 -19.16 2.00 -42.89
C GLY A 236 -17.93 1.82 -42.01
N ASP A 237 -18.07 1.15 -40.87
CA ASP A 237 -16.98 0.87 -39.96
C ASP A 237 -16.60 -0.61 -39.94
N GLY A 238 -17.14 -1.41 -40.87
CA GLY A 238 -17.05 -2.85 -40.84
C GLY A 238 -18.24 -3.57 -40.22
N THR A 239 -19.09 -2.88 -39.45
CA THR A 239 -20.33 -3.46 -38.95
C THR A 239 -21.52 -3.26 -39.91
N PHE A 240 -22.66 -3.85 -39.52
CA PHE A 240 -23.88 -3.86 -40.31
C PHE A 240 -25.09 -3.42 -39.49
N GLN A 241 -26.17 -3.09 -40.21
CA GLN A 241 -27.41 -2.62 -39.62
C GLN A 241 -28.59 -3.34 -40.29
N LYS A 242 -29.64 -3.62 -39.51
CA LYS A 242 -30.88 -4.19 -40.04
C LYS A 242 -32.07 -3.88 -39.12
N TRP A 243 -33.26 -3.82 -39.73
CA TRP A 243 -34.48 -3.79 -38.94
C TRP A 243 -35.60 -4.62 -39.55
N ALA A 244 -36.47 -5.09 -38.67
CA ALA A 244 -37.73 -5.75 -38.97
C ALA A 244 -38.84 -5.02 -38.26
N ALA A 245 -39.95 -4.78 -38.97
CA ALA A 245 -41.10 -4.06 -38.45
C ALA A 245 -42.42 -4.81 -38.64
N VAL A 246 -43.32 -4.63 -37.67
CA VAL A 246 -44.68 -5.14 -37.72
C VAL A 246 -45.62 -3.99 -37.36
N VAL A 247 -46.80 -4.00 -37.97
CA VAL A 247 -47.85 -3.02 -37.69
C VAL A 247 -48.95 -3.71 -36.88
N VAL A 248 -49.25 -3.16 -35.70
CA VAL A 248 -50.09 -3.84 -34.72
C VAL A 248 -51.13 -2.88 -34.15
N PRO A 249 -52.22 -3.42 -33.60
CA PRO A 249 -53.30 -2.56 -33.06
C PRO A 249 -52.83 -1.70 -31.88
N LEU A 250 -53.40 -0.49 -31.79
CA LEU A 250 -53.06 0.40 -30.68
C LEU A 250 -53.39 -0.28 -29.37
N GLY A 251 -52.47 -0.23 -28.42
CA GLY A 251 -52.74 -0.89 -27.15
C GLY A 251 -52.33 -2.35 -27.14
N LYS A 252 -51.84 -2.88 -28.25
CA LYS A 252 -51.44 -4.27 -28.31
C LYS A 252 -49.92 -4.42 -28.37
N GLU A 253 -49.16 -3.35 -28.09
CA GLU A 253 -47.72 -3.39 -28.30
C GLU A 253 -47.06 -4.47 -27.46
N GLN A 254 -47.48 -4.60 -26.20
CA GLN A 254 -46.80 -5.50 -25.29
C GLN A 254 -47.08 -6.97 -25.56
N ASN A 255 -47.90 -7.32 -26.56
CA ASN A 255 -48.05 -8.72 -26.94
C ASN A 255 -47.05 -9.18 -27.98
N TYR A 256 -46.19 -8.30 -28.50
CA TYR A 256 -45.28 -8.66 -29.58
C TYR A 256 -43.83 -8.68 -29.12
N THR A 257 -43.11 -9.72 -29.54
CA THR A 257 -41.70 -9.89 -29.21
C THR A 257 -40.89 -10.01 -30.49
N CYS A 258 -39.75 -9.35 -30.54
CA CYS A 258 -38.80 -9.46 -31.63
C CYS A 258 -37.64 -10.35 -31.20
N HIS A 259 -37.22 -11.25 -32.10
CA HIS A 259 -36.17 -12.21 -31.81
C HIS A 259 -34.95 -11.99 -32.70
N VAL A 260 -33.77 -12.06 -32.08
CA VAL A 260 -32.51 -11.74 -32.74
C VAL A 260 -31.57 -12.93 -32.65
N HIS A 261 -31.17 -13.44 -33.81
CA HIS A 261 -30.16 -14.48 -33.96
C HIS A 261 -28.91 -13.88 -34.59
N HIS A 262 -27.75 -14.20 -34.02
CA HIS A 262 -26.50 -13.73 -34.58
C HIS A 262 -25.38 -14.62 -34.06
N LYS A 263 -24.29 -14.72 -34.83
CA LYS A 263 -23.15 -15.57 -34.46
C LYS A 263 -22.51 -15.15 -33.15
N GLY A 264 -22.62 -13.87 -32.79
CA GLY A 264 -22.25 -13.32 -31.49
C GLY A 264 -23.17 -13.60 -30.35
N LEU A 265 -24.34 -14.16 -30.63
CA LEU A 265 -25.30 -14.39 -29.55
C LEU A 265 -25.46 -15.87 -29.32
N PRO A 266 -24.94 -16.39 -28.19
CA PRO A 266 -25.15 -17.82 -27.90
C PRO A 266 -26.60 -18.16 -27.72
N GLU A 267 -27.39 -17.25 -27.16
CA GLU A 267 -28.84 -17.37 -27.07
C GLU A 267 -29.52 -16.21 -27.79
N PRO A 268 -30.63 -16.47 -28.48
CA PRO A 268 -31.33 -15.40 -29.18
C PRO A 268 -32.00 -14.42 -28.21
N LEU A 269 -31.94 -13.14 -28.58
CA LEU A 269 -32.56 -12.07 -27.82
C LEU A 269 -34.08 -12.07 -27.93
N THR A 270 -34.73 -11.62 -26.85
CA THR A 270 -36.16 -11.37 -26.83
C THR A 270 -36.33 -9.96 -26.30
N LEU A 271 -36.90 -9.08 -27.12
CA LEU A 271 -37.11 -7.70 -26.72
C LEU A 271 -38.56 -7.32 -26.93
N ARG A 272 -38.98 -6.32 -26.15
CA ARG A 272 -40.34 -5.79 -26.20
C ARG A 272 -40.23 -4.29 -26.23
N TRP A 273 -41.28 -3.63 -26.72
CA TRP A 273 -41.27 -2.17 -26.70
C TRP A 273 -41.34 -1.58 -25.28
N MET B 1 -31.27 -9.38 -71.32
CA MET B 1 -30.95 -8.14 -70.62
C MET B 1 -32.02 -7.66 -69.65
N ILE B 2 -31.66 -7.69 -68.40
CA ILE B 2 -32.53 -7.33 -67.31
C ILE B 2 -32.25 -5.89 -66.92
N GLN B 3 -33.27 -5.19 -66.44
CA GLN B 3 -33.14 -3.87 -65.83
C GLN B 3 -33.82 -3.96 -64.47
N ARG B 4 -33.10 -3.54 -63.44
CA ARG B 4 -33.60 -3.53 -62.07
C ARG B 4 -33.57 -2.14 -61.45
N THR B 5 -34.70 -1.69 -60.94
CA THR B 5 -34.69 -0.44 -60.22
C THR B 5 -34.04 -0.65 -58.85
N PRO B 6 -33.23 0.29 -58.39
CA PRO B 6 -32.53 0.11 -57.11
C PRO B 6 -33.44 0.24 -55.91
N LYS B 7 -32.96 -0.30 -54.80
CA LYS B 7 -33.51 0.01 -53.48
C LYS B 7 -32.62 1.08 -52.85
N ILE B 8 -33.23 1.97 -52.07
CA ILE B 8 -32.56 3.15 -51.53
C ILE B 8 -32.77 3.18 -50.03
N GLN B 9 -31.69 3.26 -49.26
CA GLN B 9 -31.75 3.52 -47.83
C GLN B 9 -30.82 4.67 -47.49
N VAL B 10 -31.34 5.64 -46.74
CA VAL B 10 -30.57 6.79 -46.25
C VAL B 10 -30.59 6.74 -44.73
N TYR B 11 -29.42 6.77 -44.11
CA TYR B 11 -29.29 6.53 -42.68
C TYR B 11 -27.94 7.02 -42.21
N SER B 12 -27.76 7.03 -40.90
CA SER B 12 -26.52 7.43 -40.25
C SER B 12 -25.74 6.23 -39.73
N ARG B 13 -24.41 6.39 -39.67
CA ARG B 13 -23.56 5.31 -39.20
C ARG B 13 -23.86 5.01 -37.74
N HIS B 14 -24.04 6.06 -36.93
CA HIS B 14 -24.39 5.99 -35.51
C HIS B 14 -25.71 6.73 -35.25
N PRO B 15 -26.32 6.52 -34.08
CA PRO B 15 -27.58 7.20 -33.78
C PRO B 15 -27.36 8.71 -33.71
N ALA B 16 -28.17 9.45 -34.47
CA ALA B 16 -27.87 10.85 -34.73
C ALA B 16 -28.05 11.69 -33.47
N GLU B 17 -27.03 12.46 -33.13
CA GLU B 17 -27.05 13.36 -31.99
C GLU B 17 -26.73 14.75 -32.54
N ASN B 18 -27.53 15.75 -32.17
CA ASN B 18 -27.30 17.07 -32.73
C ASN B 18 -25.99 17.61 -32.21
N GLY B 19 -25.12 18.03 -33.12
CA GLY B 19 -23.83 18.48 -32.68
C GLY B 19 -22.80 17.38 -32.52
N LYS B 20 -23.14 16.11 -32.81
CA LYS B 20 -22.17 15.04 -32.75
C LYS B 20 -21.86 14.60 -34.17
N SER B 21 -20.58 14.58 -34.49
CA SER B 21 -20.17 14.22 -35.83
C SER B 21 -20.54 12.77 -36.13
N ASN B 22 -21.06 12.53 -37.32
CA ASN B 22 -21.65 11.25 -37.68
C ASN B 22 -21.37 11.04 -39.16
N PHE B 23 -21.89 9.95 -39.72
CA PHE B 23 -21.73 9.67 -41.13
C PHE B 23 -23.09 9.46 -41.78
N LEU B 24 -23.33 10.12 -42.92
CA LEU B 24 -24.53 9.92 -43.70
C LEU B 24 -24.25 8.96 -44.85
N ASN B 25 -25.07 7.91 -44.94
CA ASN B 25 -24.92 6.83 -45.92
C ASN B 25 -26.13 6.79 -46.85
N CYS B 26 -25.90 6.62 -48.15
CA CYS B 26 -26.96 6.18 -49.05
C CYS B 26 -26.53 4.79 -49.49
N TYR B 27 -27.31 3.77 -49.13
CA TYR B 27 -27.03 2.41 -49.60
C TYR B 27 -28.06 2.09 -50.69
N VAL B 28 -27.55 1.82 -51.90
CA VAL B 28 -28.34 1.44 -53.06
C VAL B 28 -28.00 0.01 -53.47
N SER B 29 -29.03 -0.81 -53.71
CA SER B 29 -28.84 -2.23 -53.99
C SER B 29 -29.92 -2.73 -54.95
N GLY B 30 -29.70 -3.94 -55.46
CA GLY B 30 -30.65 -4.57 -56.37
C GLY B 30 -30.85 -3.93 -57.73
N PHE B 31 -29.89 -3.15 -58.23
CA PHE B 31 -30.04 -2.50 -59.52
C PHE B 31 -29.16 -3.12 -60.61
N HIS B 32 -29.65 -3.05 -61.84
CA HIS B 32 -28.94 -3.40 -63.06
C HIS B 32 -29.43 -2.58 -64.24
N PRO B 33 -28.52 -2.00 -65.03
CA PRO B 33 -27.06 -2.15 -64.99
C PRO B 33 -26.38 -1.29 -63.91
N SER B 34 -25.05 -1.35 -63.90
CA SER B 34 -24.24 -0.75 -62.86
C SER B 34 -24.31 0.77 -62.86
N ASP B 35 -24.45 1.37 -64.04
CA ASP B 35 -24.43 2.82 -64.15
C ASP B 35 -25.58 3.43 -63.36
N ILE B 36 -25.23 4.33 -62.44
CA ILE B 36 -26.17 4.95 -61.51
C ILE B 36 -25.59 6.31 -61.12
N GLU B 37 -26.47 7.19 -60.66
CA GLU B 37 -26.05 8.49 -60.14
C GLU B 37 -26.58 8.62 -58.72
N VAL B 38 -25.70 8.88 -57.76
CA VAL B 38 -26.09 9.02 -56.37
C VAL B 38 -25.47 10.30 -55.82
N ASP B 39 -26.31 11.18 -55.29
CA ASP B 39 -25.90 12.42 -54.66
C ASP B 39 -26.55 12.51 -53.28
N LEU B 40 -25.83 13.12 -52.34
CA LEU B 40 -26.36 13.38 -51.01
C LEU B 40 -26.66 14.86 -50.91
N LEU B 41 -27.80 15.20 -50.30
CA LEU B 41 -28.35 16.55 -50.31
C LEU B 41 -28.44 17.09 -48.89
N LYS B 42 -28.07 18.36 -48.73
CA LYS B 42 -28.31 19.11 -47.50
C LYS B 42 -29.12 20.35 -47.83
N ASN B 43 -30.34 20.41 -47.31
CA ASN B 43 -31.27 21.52 -47.59
C ASN B 43 -31.50 21.69 -49.08
N GLY B 44 -31.51 20.58 -49.81
CA GLY B 44 -31.80 20.57 -51.22
C GLY B 44 -30.59 20.73 -52.11
N GLU B 45 -29.49 21.25 -51.57
CA GLU B 45 -28.26 21.40 -52.31
C GLU B 45 -27.41 20.13 -52.15
N ARG B 46 -26.76 19.73 -53.23
CA ARG B 46 -25.93 18.53 -53.26
C ARG B 46 -24.63 18.67 -52.47
N ILE B 47 -24.30 17.65 -51.68
CA ILE B 47 -23.12 17.67 -50.81
C ILE B 47 -21.90 17.22 -51.60
N GLU B 48 -20.84 18.01 -51.51
CA GLU B 48 -19.58 17.78 -52.21
C GLU B 48 -18.65 16.91 -51.39
N LYS B 49 -17.85 16.11 -52.11
CA LYS B 49 -16.89 15.15 -51.55
C LYS B 49 -17.60 13.96 -50.90
N VAL B 50 -18.63 13.44 -51.57
CA VAL B 50 -19.27 12.21 -51.14
C VAL B 50 -18.48 11.04 -51.69
N GLU B 51 -17.96 10.21 -50.79
CA GLU B 51 -17.24 8.99 -51.15
C GLU B 51 -18.22 7.87 -51.48
N HIS B 52 -17.74 6.88 -52.24
CA HIS B 52 -18.54 5.68 -52.46
C HIS B 52 -17.63 4.47 -52.48
N SER B 53 -18.23 3.32 -52.21
CA SER B 53 -17.58 2.03 -52.13
C SER B 53 -17.20 1.50 -53.52
N ASP B 54 -16.37 0.44 -53.52
CA ASP B 54 -16.03 -0.24 -54.76
C ASP B 54 -17.21 -1.07 -55.22
N LEU B 55 -17.45 -1.08 -56.53
CA LEU B 55 -18.64 -1.73 -57.07
C LEU B 55 -18.63 -3.23 -56.84
N SER B 56 -19.71 -3.74 -56.23
CA SER B 56 -19.83 -5.16 -55.94
C SER B 56 -21.27 -5.56 -56.26
N PHE B 57 -21.52 -6.86 -56.26
CA PHE B 57 -22.86 -7.37 -56.55
C PHE B 57 -23.15 -8.56 -55.65
N SER B 58 -24.43 -8.87 -55.51
CA SER B 58 -24.84 -9.97 -54.65
C SER B 58 -25.03 -11.26 -55.44
N LYS B 59 -25.65 -12.24 -54.78
CA LYS B 59 -25.82 -13.59 -55.33
C LYS B 59 -26.69 -13.59 -56.57
N ASP B 60 -27.67 -12.69 -56.64
CA ASP B 60 -28.58 -12.57 -57.77
C ASP B 60 -28.04 -11.67 -58.89
N TRP B 61 -26.76 -11.27 -58.81
CA TRP B 61 -26.01 -10.47 -59.80
C TRP B 61 -26.38 -9.00 -59.79
N SER B 62 -27.25 -8.57 -58.89
CA SER B 62 -27.60 -7.16 -58.79
C SER B 62 -26.58 -6.39 -57.96
N PHE B 63 -26.27 -5.18 -58.42
CA PHE B 63 -25.22 -4.38 -57.84
C PHE B 63 -25.63 -3.70 -56.54
N TYR B 64 -24.64 -3.42 -55.71
CA TYR B 64 -24.82 -2.59 -54.53
C TYR B 64 -23.64 -1.65 -54.40
N LEU B 65 -23.95 -0.44 -53.94
CA LEU B 65 -23.01 0.64 -53.70
C LEU B 65 -23.39 1.32 -52.39
N LEU B 66 -22.39 1.74 -51.63
CA LEU B 66 -22.57 2.60 -50.47
C LEU B 66 -21.96 3.97 -50.73
N TYR B 67 -22.79 5.03 -50.67
CA TYR B 67 -22.34 6.41 -50.83
C TYR B 67 -22.40 7.08 -49.46
N TYR B 68 -21.30 7.72 -49.05
CA TYR B 68 -21.20 8.18 -47.68
C TYR B 68 -20.41 9.48 -47.59
N THR B 69 -20.83 10.34 -46.69
CA THR B 69 -20.09 11.53 -46.33
C THR B 69 -20.25 11.76 -44.83
N GLU B 70 -19.16 12.19 -44.18
CA GLU B 70 -19.26 12.59 -42.79
C GLU B 70 -20.10 13.86 -42.69
N PHE B 71 -20.94 13.94 -41.66
CA PHE B 71 -21.78 15.11 -41.47
C PHE B 71 -22.07 15.22 -39.99
N THR B 72 -22.49 16.41 -39.57
CA THR B 72 -22.95 16.61 -38.21
C THR B 72 -24.40 17.05 -38.30
N PRO B 73 -25.33 16.21 -37.84
CA PRO B 73 -26.76 16.54 -37.89
C PRO B 73 -27.19 17.63 -36.93
N THR B 74 -28.17 18.40 -37.36
CA THR B 74 -28.81 19.41 -36.51
C THR B 74 -30.30 19.09 -36.42
N GLU B 75 -31.02 19.93 -35.68
CA GLU B 75 -32.46 19.76 -35.55
C GLU B 75 -33.21 20.06 -36.84
N LYS B 76 -32.87 21.16 -37.51
CA LYS B 76 -33.69 21.63 -38.63
C LYS B 76 -33.06 21.46 -40.01
N ASP B 77 -31.84 20.92 -40.13
CA ASP B 77 -31.26 20.68 -41.44
C ASP B 77 -31.87 19.43 -42.07
N GLU B 78 -32.16 19.50 -43.38
CA GLU B 78 -32.80 18.41 -44.10
C GLU B 78 -31.82 17.74 -45.05
N TYR B 79 -31.82 16.41 -45.04
CA TYR B 79 -30.87 15.60 -45.80
C TYR B 79 -31.63 14.57 -46.64
N ALA B 80 -31.06 14.23 -47.80
CA ALA B 80 -31.69 13.23 -48.65
C ALA B 80 -30.68 12.59 -49.58
N CYS B 81 -31.12 11.50 -50.20
CA CYS B 81 -30.38 10.85 -51.26
C CYS B 81 -31.19 11.02 -52.53
N ARG B 82 -30.53 11.41 -53.61
CA ARG B 82 -31.17 11.51 -54.90
C ARG B 82 -30.47 10.59 -55.89
N VAL B 83 -31.19 9.55 -56.33
CA VAL B 83 -30.69 8.51 -57.21
C VAL B 83 -31.39 8.62 -58.56
N ASN B 84 -30.61 8.55 -59.63
CA ASN B 84 -31.17 8.40 -60.96
C ASN B 84 -30.61 7.15 -61.62
N HIS B 85 -31.47 6.42 -62.30
CA HIS B 85 -31.13 5.15 -62.91
C HIS B 85 -31.91 5.04 -64.21
N VAL B 86 -31.50 4.09 -65.04
CA VAL B 86 -32.19 3.89 -66.31
C VAL B 86 -33.63 3.46 -66.06
N THR B 87 -33.88 2.73 -64.98
CA THR B 87 -35.24 2.31 -64.68
C THR B 87 -36.11 3.48 -64.27
N LEU B 88 -35.50 4.58 -63.81
CA LEU B 88 -36.22 5.72 -63.26
C LEU B 88 -36.31 6.81 -64.33
N SER B 89 -37.53 7.11 -64.77
CA SER B 89 -37.75 8.16 -65.75
C SER B 89 -37.30 9.52 -65.23
N GLN B 90 -37.56 9.79 -63.96
CA GLN B 90 -37.19 11.01 -63.27
C GLN B 90 -36.38 10.66 -62.04
N PRO B 91 -35.55 11.58 -61.56
CA PRO B 91 -34.72 11.26 -60.39
C PRO B 91 -35.57 10.98 -59.16
N LYS B 92 -35.14 9.97 -58.43
CA LYS B 92 -35.81 9.53 -57.22
C LYS B 92 -35.15 10.19 -56.02
N ILE B 93 -35.95 10.83 -55.20
CA ILE B 93 -35.48 11.39 -53.95
C ILE B 93 -36.10 10.58 -52.82
N VAL B 94 -35.25 10.15 -51.90
CA VAL B 94 -35.69 9.44 -50.72
C VAL B 94 -35.18 10.33 -49.60
N LYS B 95 -36.10 10.76 -48.75
CA LYS B 95 -35.70 11.67 -47.71
C LYS B 95 -35.11 10.89 -46.55
N TRP B 96 -34.18 11.52 -45.86
CA TRP B 96 -33.61 10.94 -44.65
C TRP B 96 -34.60 11.10 -43.51
N ASP B 97 -34.96 9.97 -42.89
CA ASP B 97 -35.85 9.94 -41.73
C ASP B 97 -35.07 9.21 -40.65
N ARG B 98 -34.74 9.91 -39.57
CA ARG B 98 -33.93 9.28 -38.53
C ARG B 98 -34.67 8.26 -37.67
N ASP B 99 -36.00 8.15 -37.76
CA ASP B 99 -36.68 7.03 -37.11
C ASP B 99 -36.97 5.84 -38.01
N MET B 100 -37.11 6.07 -39.32
CA MET B 100 -37.45 5.02 -40.27
C MET B 100 -36.26 4.66 -41.13
N TYR C 1 -6.18 -15.09 -53.47
CA TYR C 1 -5.37 -15.25 -54.68
C TYR C 1 -6.26 -15.34 -55.93
N TYR C 2 -6.14 -14.34 -56.79
CA TYR C 2 -6.96 -14.25 -57.99
C TYR C 2 -6.52 -15.29 -59.02
N GLN C 3 -7.45 -15.69 -59.87
CA GLN C 3 -7.11 -16.57 -60.98
C GLN C 3 -7.72 -16.02 -62.26
N SER C 4 -6.93 -16.02 -63.32
CA SER C 4 -7.34 -15.58 -64.63
C SER C 4 -8.04 -16.68 -65.42
N GLY C 5 -8.91 -16.25 -66.34
CA GLY C 5 -9.61 -17.18 -67.20
C GLY C 5 -8.72 -17.86 -68.23
N LEU C 6 -9.17 -19.03 -68.67
CA LEU C 6 -8.49 -19.73 -69.76
C LEU C 6 -9.25 -19.54 -71.07
N SER C 7 -10.04 -20.54 -71.47
CA SER C 7 -10.81 -20.45 -72.71
C SER C 7 -11.82 -19.30 -72.67
N ILE C 8 -11.97 -18.65 -73.83
CA ILE C 8 -12.97 -17.61 -73.96
C ILE C 8 -14.34 -18.27 -73.90
N VAL C 9 -15.32 -17.54 -73.40
CA VAL C 9 -16.71 -17.94 -73.43
C VAL C 9 -17.19 -18.32 -74.82
N PRO D 1 -26.08 -20.61 -20.04
CA PRO D 1 -26.36 -20.45 -18.61
C PRO D 1 -26.33 -19.00 -18.14
N HIS D 2 -27.05 -18.72 -17.06
CA HIS D 2 -27.06 -17.40 -16.44
C HIS D 2 -27.04 -17.55 -14.92
N SER D 3 -26.58 -16.51 -14.24
CA SER D 3 -26.45 -16.56 -12.80
C SER D 3 -26.98 -15.28 -12.17
N LEU D 4 -27.45 -15.43 -10.94
CA LEU D 4 -27.84 -14.33 -10.06
C LEU D 4 -26.99 -14.45 -8.81
N ARG D 5 -26.36 -13.36 -8.39
CA ARG D 5 -25.53 -13.38 -7.19
C ARG D 5 -25.70 -12.16 -6.32
N TYR D 6 -25.58 -12.39 -5.02
CA TYR D 6 -25.43 -11.37 -3.99
C TYR D 6 -24.17 -11.65 -3.18
N PHE D 7 -23.38 -10.61 -2.99
CA PHE D 7 -22.16 -10.69 -2.19
C PHE D 7 -22.34 -9.77 -0.99
N VAL D 8 -22.43 -10.35 0.20
CA VAL D 8 -22.85 -9.65 1.41
C VAL D 8 -21.69 -9.67 2.39
N THR D 9 -21.30 -8.49 2.86
CA THR D 9 -20.21 -8.35 3.81
C THR D 9 -20.71 -7.63 5.05
N ALA D 10 -20.41 -8.17 6.23
CA ALA D 10 -20.68 -7.49 7.49
C ALA D 10 -19.39 -7.42 8.30
N VAL D 11 -18.92 -6.20 8.56
CA VAL D 11 -17.66 -5.98 9.28
C VAL D 11 -17.96 -5.12 10.50
N SER D 12 -17.81 -5.71 11.68
CA SER D 12 -17.87 -4.97 12.93
C SER D 12 -16.67 -4.04 13.11
N ARG D 13 -16.95 -2.86 13.66
CA ARG D 13 -15.92 -1.86 13.97
C ARG D 13 -16.22 -1.42 15.41
N PRO D 14 -15.86 -2.24 16.39
CA PRO D 14 -16.16 -1.89 17.79
C PRO D 14 -15.50 -0.58 18.20
N GLY D 15 -16.33 0.33 18.74
CA GLY D 15 -15.91 1.66 19.10
C GLY D 15 -16.14 2.70 18.03
N LEU D 16 -16.32 2.28 16.78
CA LEU D 16 -16.54 3.18 15.66
C LEU D 16 -17.98 3.12 15.16
N GLY D 17 -18.87 2.61 15.99
CA GLY D 17 -20.26 2.48 15.63
C GLY D 17 -20.68 1.05 15.31
N GLU D 18 -21.82 0.95 14.65
CA GLU D 18 -22.43 -0.32 14.31
C GLU D 18 -21.66 -1.01 13.19
N PRO D 19 -21.81 -2.33 13.05
CA PRO D 19 -21.05 -3.03 12.01
C PRO D 19 -21.43 -2.47 10.66
N ARG D 20 -20.53 -2.61 9.71
CA ARG D 20 -20.77 -2.08 8.38
C ARG D 20 -21.40 -3.17 7.54
N PHE D 21 -22.53 -2.85 6.89
CA PHE D 21 -23.27 -3.84 6.12
C PHE D 21 -23.40 -3.40 4.66
N ILE D 22 -22.90 -4.24 3.76
CA ILE D 22 -22.97 -4.01 2.31
C ILE D 22 -23.54 -5.26 1.66
N ALA D 23 -24.52 -5.08 0.79
CA ALA D 23 -24.99 -6.15 -0.09
C ALA D 23 -24.97 -5.66 -1.54
N VAL D 24 -24.30 -6.40 -2.41
CA VAL D 24 -24.16 -6.05 -3.82
C VAL D 24 -24.72 -7.19 -4.67
N GLY D 25 -25.56 -6.85 -5.64
CA GLY D 25 -26.24 -7.84 -6.47
C GLY D 25 -25.69 -7.81 -7.87
N TYR D 26 -25.56 -8.99 -8.48
CA TYR D 26 -25.07 -9.15 -9.84
C TYR D 26 -25.96 -10.12 -10.60
N VAL D 27 -26.15 -9.83 -11.87
CA VAL D 27 -26.63 -10.79 -12.85
C VAL D 27 -25.47 -11.04 -13.80
N ASP D 28 -25.00 -12.28 -13.81
CA ASP D 28 -23.81 -12.65 -14.58
C ASP D 28 -22.67 -11.76 -14.10
N ASP D 29 -22.04 -10.98 -14.97
CA ASP D 29 -20.98 -10.04 -14.65
C ASP D 29 -21.45 -8.59 -14.60
N THR D 30 -22.75 -8.35 -14.42
CA THR D 30 -23.30 -6.99 -14.45
C THR D 30 -23.89 -6.71 -13.08
N GLN D 31 -23.39 -5.66 -12.42
CA GLN D 31 -23.96 -5.25 -11.14
C GLN D 31 -25.27 -4.55 -11.40
N PHE D 32 -26.30 -4.91 -10.64
CA PHE D 32 -27.62 -4.34 -10.84
C PHE D 32 -28.21 -3.63 -9.63
N VAL D 33 -27.80 -3.95 -8.40
CA VAL D 33 -28.32 -3.30 -7.20
C VAL D 33 -27.19 -3.16 -6.19
N ARG D 34 -27.41 -2.25 -5.24
CA ARG D 34 -26.55 -2.13 -4.08
C ARG D 34 -27.38 -1.66 -2.88
N PHE D 35 -26.98 -2.11 -1.70
CA PHE D 35 -27.37 -1.62 -0.38
C PHE D 35 -26.10 -1.30 0.38
N ASP D 36 -25.99 -0.08 0.92
CA ASP D 36 -24.85 0.25 1.76
C ASP D 36 -25.27 0.97 3.04
N SER D 37 -24.95 0.37 4.19
CA SER D 37 -25.39 0.92 5.48
C SER D 37 -24.82 2.31 5.76
N ASP D 38 -23.71 2.67 5.14
CA ASP D 38 -23.05 3.96 5.35
C ASP D 38 -23.44 4.99 4.31
N ALA D 39 -24.29 4.63 3.36
CA ALA D 39 -24.74 5.62 2.38
C ALA D 39 -25.74 6.57 3.02
N ASP D 40 -26.15 7.57 2.22
CA ASP D 40 -26.88 8.73 2.70
C ASP D 40 -28.15 8.33 3.44
N ASN D 41 -29.04 7.65 2.73
CA ASN D 41 -30.31 7.15 3.24
C ASN D 41 -30.29 5.68 2.87
N PRO D 42 -29.49 4.85 3.59
CA PRO D 42 -29.25 3.47 3.16
C PRO D 42 -30.52 2.76 2.70
N ARG D 43 -30.49 2.36 1.44
CA ARG D 43 -31.59 1.69 0.77
C ARG D 43 -31.03 0.95 -0.43
N PHE D 44 -31.81 0.00 -0.92
CA PHE D 44 -31.49 -0.62 -2.20
C PHE D 44 -31.68 0.39 -3.33
N GLU D 45 -30.64 0.55 -4.14
CA GLU D 45 -30.55 1.51 -5.24
C GLU D 45 -30.15 0.79 -6.52
N PRO D 46 -30.57 1.31 -7.67
CA PRO D 46 -30.14 0.72 -8.95
C PRO D 46 -28.68 0.98 -9.29
N ARG D 47 -28.01 -0.07 -9.76
CA ARG D 47 -26.65 -0.01 -10.29
C ARG D 47 -26.60 -0.42 -11.76
N ALA D 48 -27.74 -0.64 -12.39
CA ALA D 48 -27.81 -0.84 -13.82
C ALA D 48 -29.00 -0.04 -14.35
N PRO D 49 -28.88 0.51 -15.57
CA PRO D 49 -29.95 1.39 -16.09
C PRO D 49 -31.29 0.69 -16.30
N TRP D 50 -31.28 -0.60 -16.58
CA TRP D 50 -32.53 -1.32 -16.79
C TRP D 50 -33.31 -1.55 -15.51
N MET D 51 -32.79 -1.05 -14.38
CA MET D 51 -33.46 -1.22 -13.10
C MET D 51 -34.23 0.02 -12.64
N GLU D 52 -34.01 1.20 -13.24
CA GLU D 52 -34.60 2.43 -12.68
C GLU D 52 -36.10 2.57 -12.90
N GLN D 53 -36.72 1.77 -13.76
CA GLN D 53 -38.15 1.89 -13.99
C GLN D 53 -38.96 1.02 -13.04
N GLU D 54 -38.29 0.26 -12.17
CA GLU D 54 -39.00 -0.51 -11.15
C GLU D 54 -39.64 0.46 -10.17
N GLY D 55 -40.84 0.11 -9.73
CA GLY D 55 -41.64 0.97 -8.89
C GLY D 55 -41.12 1.13 -7.49
N PRO D 56 -41.76 2.02 -6.71
CA PRO D 56 -41.32 2.21 -5.33
C PRO D 56 -41.47 0.98 -4.46
N GLU D 57 -42.55 0.22 -4.59
CA GLU D 57 -42.69 -0.92 -3.70
C GLU D 57 -41.66 -2.01 -3.98
N TYR D 58 -41.03 -2.02 -5.16
CA TYR D 58 -39.90 -2.93 -5.36
C TYR D 58 -38.74 -2.53 -4.47
N TRP D 59 -38.37 -1.25 -4.49
CA TRP D 59 -37.27 -0.77 -3.67
C TRP D 59 -37.56 -0.88 -2.18
N GLU D 60 -38.80 -0.59 -1.76
CA GLU D 60 -39.12 -0.70 -0.34
C GLU D 60 -39.04 -2.13 0.16
N GLU D 61 -39.52 -3.11 -0.61
CA GLU D 61 -39.37 -4.50 -0.19
C GLU D 61 -37.92 -4.92 -0.14
N GLN D 62 -37.15 -4.58 -1.18
CA GLN D 62 -35.73 -4.91 -1.22
C GLN D 62 -34.97 -4.24 -0.08
N THR D 63 -35.25 -2.96 0.18
CA THR D 63 -34.59 -2.23 1.25
C THR D 63 -34.93 -2.82 2.62
N GLN D 64 -36.17 -3.25 2.79
CA GLN D 64 -36.62 -3.91 4.02
C GLN D 64 -35.93 -5.24 4.23
N ARG D 65 -35.73 -6.00 3.16
CA ARG D 65 -34.98 -7.26 3.24
C ARG D 65 -33.53 -7.04 3.69
N ALA D 66 -32.89 -5.98 3.21
CA ALA D 66 -31.53 -5.65 3.66
C ALA D 66 -31.44 -5.27 5.13
N LYS D 67 -32.39 -4.47 5.63
CA LYS D 67 -32.42 -4.07 7.04
C LYS D 67 -32.70 -5.24 7.97
N SER D 68 -33.52 -6.18 7.54
CA SER D 68 -33.72 -7.39 8.35
C SER D 68 -32.41 -8.18 8.43
N ASP D 69 -31.75 -8.35 7.30
CA ASP D 69 -30.44 -9.03 7.25
C ASP D 69 -29.37 -8.26 8.03
N GLU D 70 -29.44 -6.93 8.03
CA GLU D 70 -28.44 -6.15 8.76
C GLU D 70 -28.47 -6.50 10.24
N GLN D 71 -29.66 -6.58 10.84
CA GLN D 71 -29.75 -7.01 12.24
C GLN D 71 -29.33 -8.46 12.44
N TRP D 72 -29.66 -9.32 11.49
CA TRP D 72 -29.23 -10.70 11.57
C TRP D 72 -27.71 -10.80 11.60
N PHE D 73 -27.02 -10.00 10.78
CA PHE D 73 -25.56 -9.99 10.80
C PHE D 73 -24.96 -9.43 12.08
N ARG D 74 -25.54 -8.36 12.65
CA ARG D 74 -25.01 -7.89 13.93
C ARG D 74 -25.16 -8.93 15.03
N VAL D 75 -26.30 -9.62 15.10
CA VAL D 75 -26.45 -10.72 16.05
C VAL D 75 -25.48 -11.85 15.73
N SER D 76 -25.35 -12.20 14.44
CA SER D 76 -24.52 -13.33 14.05
C SER D 76 -23.04 -13.06 14.32
N LEU D 77 -22.60 -11.80 14.12
CA LEU D 77 -21.21 -11.46 14.43
C LEU D 77 -20.89 -11.57 15.92
N ARG D 78 -21.82 -11.16 16.79
CA ARG D 78 -21.65 -11.34 18.23
C ARG D 78 -21.68 -12.81 18.65
N THR D 79 -22.58 -13.60 18.06
CA THR D 79 -22.59 -15.03 18.37
C THR D 79 -21.29 -15.70 17.96
N ALA D 80 -20.79 -15.41 16.77
CA ALA D 80 -19.52 -15.98 16.32
C ALA D 80 -18.38 -15.54 17.23
N GLN D 81 -18.42 -14.29 17.71
CA GLN D 81 -17.40 -13.81 18.63
C GLN D 81 -17.39 -14.64 19.91
N ARG D 82 -18.57 -14.98 20.42
CA ARG D 82 -18.69 -15.87 21.55
C ARG D 82 -18.25 -17.30 21.22
N TYR D 83 -18.54 -17.78 20.00
CA TYR D 83 -18.15 -19.13 19.62
C TYR D 83 -16.64 -19.30 19.67
N TYR D 84 -15.92 -18.31 19.19
CA TYR D 84 -14.47 -18.31 19.08
C TYR D 84 -13.79 -17.76 20.32
N ASN D 85 -14.55 -17.41 21.35
CA ASN D 85 -14.05 -16.80 22.58
C ASN D 85 -13.09 -15.66 22.23
N GLN D 86 -13.58 -14.77 21.38
CA GLN D 86 -12.78 -13.65 20.89
C GLN D 86 -12.99 -12.43 21.77
N SER D 87 -11.98 -11.56 21.79
CA SER D 87 -12.10 -10.35 22.59
C SER D 87 -13.03 -9.33 21.93
N LYS D 88 -13.45 -8.37 22.75
CA LYS D 88 -14.57 -7.49 22.42
C LYS D 88 -14.23 -6.42 21.37
N GLY D 89 -12.98 -5.95 21.33
CA GLY D 89 -12.58 -4.80 20.55
C GLY D 89 -12.06 -5.03 19.15
N GLY D 90 -11.91 -6.29 18.72
CA GLY D 90 -11.44 -6.55 17.37
C GLY D 90 -12.55 -6.44 16.33
N SER D 91 -12.15 -6.03 15.13
CA SER D 91 -13.01 -6.12 13.94
C SER D 91 -13.06 -7.54 13.38
N HIS D 92 -14.27 -8.00 13.05
CA HIS D 92 -14.48 -9.32 12.44
C HIS D 92 -15.43 -9.18 11.25
N THR D 93 -15.37 -10.17 10.36
CA THR D 93 -16.12 -10.16 9.10
C THR D 93 -16.99 -11.39 8.96
N PHE D 94 -18.26 -11.19 8.62
CA PHE D 94 -19.10 -12.22 8.03
C PHE D 94 -19.32 -11.87 6.57
N GLN D 95 -19.23 -12.89 5.72
CA GLN D 95 -19.54 -12.75 4.31
C GLN D 95 -20.53 -13.82 3.92
N ARG D 96 -21.47 -13.45 3.06
CA ARG D 96 -22.45 -14.39 2.56
C ARG D 96 -22.58 -14.19 1.06
N MET D 97 -22.46 -15.30 0.33
CA MET D 97 -22.75 -15.33 -1.09
C MET D 97 -23.94 -16.23 -1.27
N PHE D 98 -24.94 -15.74 -2.01
CA PHE D 98 -26.09 -16.55 -2.40
C PHE D 98 -26.61 -16.10 -3.76
N GLY D 99 -27.34 -17.00 -4.40
CA GLY D 99 -27.95 -16.75 -5.68
C GLY D 99 -28.27 -18.08 -6.34
N CYS D 100 -28.49 -18.01 -7.65
CA CYS D 100 -28.86 -19.21 -8.38
C CYS D 100 -28.32 -19.15 -9.81
N ASP D 101 -28.14 -20.35 -10.39
CA ASP D 101 -27.76 -20.52 -11.79
C ASP D 101 -28.88 -21.17 -12.59
N VAL D 102 -29.02 -20.76 -13.85
CA VAL D 102 -29.98 -21.35 -14.76
C VAL D 102 -29.27 -21.76 -16.05
N GLY D 103 -29.81 -22.78 -16.72
CA GLY D 103 -29.30 -23.25 -17.99
C GLY D 103 -29.98 -22.65 -19.21
N SER D 104 -29.86 -23.40 -20.33
CA SER D 104 -30.48 -22.97 -21.58
C SER D 104 -31.99 -22.90 -21.50
N ASP D 105 -32.62 -23.80 -20.73
CA ASP D 105 -34.05 -23.70 -20.49
C ASP D 105 -34.40 -22.56 -19.52
N TRP D 106 -33.40 -22.05 -18.81
CA TRP D 106 -33.57 -21.06 -17.74
C TRP D 106 -34.33 -21.62 -16.54
N ARG D 107 -34.23 -22.93 -16.28
CA ARG D 107 -34.58 -23.51 -14.99
C ARG D 107 -33.36 -23.52 -14.08
N LEU D 108 -33.61 -23.73 -12.78
CA LEU D 108 -32.54 -23.86 -11.80
C LEU D 108 -31.57 -25.00 -12.07
N LEU D 109 -30.30 -24.64 -12.27
CA LEU D 109 -29.17 -25.57 -12.30
C LEU D 109 -28.54 -25.84 -10.94
N ARG D 110 -28.27 -24.78 -10.17
CA ARG D 110 -27.65 -24.87 -8.86
C ARG D 110 -28.07 -23.67 -8.00
N GLY D 111 -28.26 -23.94 -6.71
CA GLY D 111 -28.54 -22.93 -5.71
C GLY D 111 -27.37 -22.76 -4.74
N TYR D 112 -27.14 -21.53 -4.30
CA TYR D 112 -26.05 -21.22 -3.37
C TYR D 112 -26.55 -20.57 -2.09
N HIS D 113 -25.96 -21.02 -0.98
CA HIS D 113 -26.12 -20.38 0.32
C HIS D 113 -24.89 -20.71 1.17
N GLN D 114 -23.97 -19.75 1.28
CA GLN D 114 -22.68 -19.99 1.92
C GLN D 114 -22.23 -18.76 2.69
N PHE D 115 -21.46 -18.99 3.75
CA PHE D 115 -20.92 -17.96 4.61
C PHE D 115 -19.42 -18.12 4.79
N ALA D 116 -18.75 -17.00 5.01
CA ALA D 116 -17.38 -16.95 5.48
C ALA D 116 -17.32 -16.13 6.76
N TYR D 117 -16.55 -16.60 7.73
CA TYR D 117 -16.20 -15.82 8.91
C TYR D 117 -14.69 -15.58 8.90
N ASP D 118 -14.29 -14.31 8.97
CA ASP D 118 -12.89 -13.89 8.96
C ASP D 118 -12.09 -14.46 7.78
N GLY D 119 -12.68 -14.44 6.58
CA GLY D 119 -12.05 -14.84 5.32
C GLY D 119 -11.95 -16.32 4.98
N ARG D 120 -12.49 -17.22 5.78
CA ARG D 120 -12.41 -18.64 5.51
C ARG D 120 -13.82 -19.22 5.59
N ASP D 121 -14.00 -20.36 4.92
CA ASP D 121 -15.31 -20.99 4.85
C ASP D 121 -15.82 -21.25 6.25
N TYR D 122 -17.12 -21.01 6.46
CA TYR D 122 -17.74 -21.21 7.76
C TYR D 122 -18.83 -22.27 7.65
N ILE D 123 -19.92 -22.00 6.93
CA ILE D 123 -20.90 -23.03 6.63
C ILE D 123 -21.46 -22.77 5.24
N ALA D 124 -21.72 -23.87 4.50
CA ALA D 124 -22.35 -23.79 3.18
C ALA D 124 -23.46 -24.81 3.02
N LEU D 125 -24.55 -24.38 2.36
CA LEU D 125 -25.57 -25.31 1.89
C LEU D 125 -25.04 -26.12 0.72
N ASN D 126 -25.25 -27.43 0.74
CA ASN D 126 -24.82 -28.32 -0.33
C ASN D 126 -25.77 -28.24 -1.53
N GLU D 127 -25.34 -28.84 -2.64
CA GLU D 127 -26.12 -28.78 -3.88
C GLU D 127 -27.49 -29.45 -3.73
N ASP D 128 -27.64 -30.38 -2.79
CA ASP D 128 -28.98 -30.92 -2.54
C ASP D 128 -29.91 -29.86 -1.96
N LEU D 129 -29.36 -28.79 -1.38
CA LEU D 129 -30.14 -27.77 -0.68
C LEU D 129 -30.90 -28.35 0.51
N LYS D 130 -30.37 -29.44 1.08
CA LYS D 130 -31.02 -30.05 2.24
C LYS D 130 -30.06 -30.18 3.41
N THR D 131 -28.78 -30.34 3.12
CA THR D 131 -27.78 -30.59 4.15
C THR D 131 -26.72 -29.50 4.11
N TRP D 132 -26.02 -29.37 5.23
CA TRP D 132 -25.01 -28.33 5.41
C TRP D 132 -23.62 -28.93 5.56
N THR D 133 -22.63 -28.15 5.12
CA THR D 133 -21.23 -28.45 5.38
C THR D 133 -20.70 -27.39 6.35
N ALA D 134 -20.37 -27.83 7.56
CA ALA D 134 -19.66 -27.00 8.52
C ALA D 134 -18.17 -27.10 8.26
N ALA D 135 -17.50 -25.94 8.17
CA ALA D 135 -16.05 -25.89 7.96
C ALA D 135 -15.23 -26.19 9.22
N ASP D 136 -15.76 -25.93 10.42
CA ASP D 136 -14.96 -26.04 11.64
C ASP D 136 -15.89 -26.35 12.82
N THR D 137 -15.32 -26.41 14.02
CA THR D 137 -16.11 -26.78 15.20
C THR D 137 -17.20 -25.77 15.51
N ALA D 138 -16.90 -24.47 15.41
CA ALA D 138 -17.95 -23.48 15.63
C ALA D 138 -19.08 -23.65 14.62
N ALA D 139 -18.76 -24.01 13.39
CA ALA D 139 -19.81 -24.24 12.40
C ALA D 139 -20.59 -25.53 12.61
N LEU D 140 -20.05 -26.50 13.37
CA LEU D 140 -20.87 -27.65 13.77
C LEU D 140 -21.95 -27.27 14.76
N ILE D 141 -21.69 -26.27 15.61
CA ILE D 141 -22.73 -25.76 16.50
C ILE D 141 -23.87 -25.19 15.67
N THR D 142 -23.50 -24.41 14.63
CA THR D 142 -24.47 -23.77 13.76
C THR D 142 -25.32 -24.78 12.99
N ARG D 143 -24.68 -25.82 12.45
CA ARG D 143 -25.43 -26.82 11.70
C ARG D 143 -26.47 -27.55 12.55
N ARG D 144 -26.15 -27.89 13.80
CA ARG D 144 -27.15 -28.51 14.66
C ARG D 144 -28.32 -27.57 14.92
N LYS D 145 -28.03 -26.28 15.12
CA LYS D 145 -29.06 -25.28 15.32
C LYS D 145 -29.92 -25.12 14.07
N TRP D 146 -29.30 -24.96 12.89
CA TRP D 146 -30.03 -24.81 11.64
C TRP D 146 -30.76 -26.09 11.22
N GLU D 147 -30.22 -27.26 11.57
CA GLU D 147 -30.93 -28.51 11.28
C GLU D 147 -32.22 -28.63 12.08
N GLN D 148 -32.20 -28.19 13.34
CA GLN D 148 -33.42 -28.28 14.14
C GLN D 148 -34.50 -27.31 13.66
N ALA D 149 -34.10 -26.15 13.14
CA ALA D 149 -35.07 -25.14 12.76
C ALA D 149 -35.55 -25.26 11.31
N GLY D 150 -35.08 -26.26 10.57
CA GLY D 150 -35.49 -26.40 9.17
C GLY D 150 -35.22 -25.17 8.32
N ASP D 151 -34.01 -24.60 8.47
CA ASP D 151 -33.56 -23.50 7.61
C ASP D 151 -33.36 -23.90 6.16
N ALA D 152 -32.98 -25.16 5.90
CA ALA D 152 -32.73 -25.59 4.53
C ALA D 152 -33.97 -25.44 3.66
N GLU D 153 -35.16 -25.76 4.20
CA GLU D 153 -36.39 -25.53 3.45
C GLU D 153 -36.60 -24.04 3.18
N TYR D 154 -36.24 -23.20 4.14
CA TYR D 154 -36.45 -21.76 3.98
C TYR D 154 -35.61 -21.18 2.84
N TYR D 155 -34.31 -21.49 2.81
CA TYR D 155 -33.49 -21.09 1.67
C TYR D 155 -33.83 -21.84 0.38
N ARG D 156 -34.14 -23.13 0.45
CA ARG D 156 -34.45 -23.87 -0.76
C ARG D 156 -35.67 -23.31 -1.45
N ALA D 157 -36.67 -22.93 -0.66
CA ALA D 157 -37.90 -22.35 -1.20
C ALA D 157 -37.65 -21.05 -1.94
N TYR D 158 -36.77 -20.21 -1.41
CA TYR D 158 -36.38 -19.00 -2.14
C TYR D 158 -35.60 -19.31 -3.40
N LEU D 159 -34.60 -20.19 -3.30
CA LEU D 159 -33.73 -20.45 -4.45
C LEU D 159 -34.51 -21.08 -5.60
N GLU D 160 -35.44 -21.99 -5.27
CA GLU D 160 -36.28 -22.60 -6.28
C GLU D 160 -37.40 -21.67 -6.73
N GLY D 161 -37.76 -20.67 -5.94
CA GLY D 161 -38.81 -19.77 -6.37
C GLY D 161 -38.38 -18.35 -6.71
N GLU D 162 -38.32 -17.47 -5.71
CA GLU D 162 -38.05 -16.06 -5.99
C GLU D 162 -36.70 -15.85 -6.68
N CYS D 163 -35.66 -16.56 -6.26
CA CYS D 163 -34.35 -16.36 -6.87
C CYS D 163 -34.40 -16.67 -8.35
N VAL D 164 -34.96 -17.85 -8.69
CA VAL D 164 -35.14 -18.29 -10.07
C VAL D 164 -36.14 -17.43 -10.84
N GLU D 165 -37.25 -17.03 -10.23
CA GLU D 165 -38.27 -16.32 -10.99
C GLU D 165 -37.83 -14.88 -11.27
N TRP D 166 -37.09 -14.28 -10.34
CA TRP D 166 -36.63 -12.90 -10.48
C TRP D 166 -35.44 -12.79 -11.41
N LEU D 167 -34.58 -13.81 -11.48
CA LEU D 167 -33.51 -13.81 -12.46
C LEU D 167 -34.07 -13.79 -13.88
N ARG D 168 -35.13 -14.56 -14.13
CA ARG D 168 -35.78 -14.46 -15.43
C ARG D 168 -36.32 -13.06 -15.66
N ARG D 169 -36.84 -12.43 -14.61
CA ARG D 169 -37.33 -11.06 -14.75
C ARG D 169 -36.23 -10.05 -15.05
N TYR D 170 -35.08 -10.16 -14.38
CA TYR D 170 -33.97 -9.26 -14.68
C TYR D 170 -33.47 -9.45 -16.10
N LEU D 171 -33.44 -10.70 -16.56
CA LEU D 171 -33.07 -11.01 -17.94
C LEU D 171 -34.04 -10.44 -18.98
N GLU D 172 -35.34 -10.34 -18.66
CA GLU D 172 -36.24 -9.62 -19.54
C GLU D 172 -35.97 -8.11 -19.54
N LEU D 173 -35.75 -7.52 -18.37
CA LEU D 173 -35.52 -6.07 -18.27
C LEU D 173 -34.25 -5.65 -18.99
N GLY D 174 -33.19 -6.47 -18.91
CA GLY D 174 -31.90 -6.12 -19.48
C GLY D 174 -31.48 -6.87 -20.73
N ASN D 175 -32.45 -7.36 -21.51
CA ASN D 175 -32.15 -8.30 -22.59
C ASN D 175 -31.20 -7.70 -23.61
N GLU D 176 -31.39 -6.43 -23.96
CA GLU D 176 -30.53 -5.80 -24.97
C GLU D 176 -29.06 -5.83 -24.57
N THR D 177 -28.77 -5.66 -23.28
CA THR D 177 -27.39 -5.68 -22.79
C THR D 177 -26.92 -6.97 -22.11
N LEU D 178 -27.75 -7.61 -21.29
CA LEU D 178 -27.32 -8.82 -20.59
C LEU D 178 -26.97 -9.99 -21.51
N LEU D 179 -27.75 -10.23 -22.57
CA LEU D 179 -27.49 -11.40 -23.41
C LEU D 179 -26.43 -11.15 -24.49
N ARG D 180 -25.95 -9.92 -24.61
CA ARG D 180 -24.91 -9.62 -25.57
C ARG D 180 -23.55 -10.14 -25.11
N THR D 181 -22.68 -10.41 -26.09
CA THR D 181 -21.27 -10.60 -25.87
C THR D 181 -20.53 -9.48 -26.57
N ASP D 182 -19.34 -9.14 -26.06
CA ASP D 182 -18.38 -8.35 -26.82
C ASP D 182 -17.12 -9.19 -26.96
N SER D 183 -16.81 -9.59 -28.19
CA SER D 183 -15.62 -10.38 -28.46
C SER D 183 -14.37 -9.59 -28.09
N PRO D 184 -13.34 -10.25 -27.55
CA PRO D 184 -12.13 -9.50 -27.19
C PRO D 184 -11.40 -8.95 -28.41
N LYS D 185 -10.86 -7.75 -28.26
CA LYS D 185 -9.90 -7.20 -29.19
C LYS D 185 -8.50 -7.47 -28.67
N ALA D 186 -7.74 -8.28 -29.40
CA ALA D 186 -6.49 -8.84 -28.93
C ALA D 186 -5.34 -8.28 -29.75
N HIS D 187 -4.23 -7.97 -29.08
CA HIS D 187 -3.01 -7.54 -29.74
C HIS D 187 -1.83 -8.00 -28.88
N VAL D 188 -0.67 -8.13 -29.52
CA VAL D 188 0.58 -8.49 -28.85
C VAL D 188 1.51 -7.28 -28.76
N THR D 189 2.04 -7.04 -27.57
CA THR D 189 3.10 -6.06 -27.39
C THR D 189 4.42 -6.78 -27.15
N TYR D 190 5.52 -6.08 -27.41
CA TYR D 190 6.87 -6.63 -27.35
C TYR D 190 7.74 -5.74 -26.48
N HIS D 191 8.31 -6.29 -25.42
CA HIS D 191 9.29 -5.55 -24.62
C HIS D 191 10.57 -6.29 -24.27
N PRO D 192 11.72 -5.72 -24.62
CA PRO D 192 13.01 -6.34 -24.29
C PRO D 192 13.28 -6.40 -22.80
N ARG D 193 13.89 -7.51 -22.40
CA ARG D 193 14.29 -7.83 -21.04
C ARG D 193 15.77 -8.18 -21.11
N SER D 194 16.50 -8.02 -20.01
CA SER D 194 17.95 -8.28 -20.02
C SER D 194 18.72 -7.85 -21.26
N GLN D 195 19.00 -8.80 -22.16
CA GLN D 195 19.86 -8.61 -23.32
C GLN D 195 19.85 -9.91 -24.12
N VAL D 196 19.16 -10.90 -23.56
CA VAL D 196 19.04 -12.22 -24.15
C VAL D 196 17.60 -12.60 -24.46
N ASP D 197 16.62 -12.01 -23.78
CA ASP D 197 15.23 -12.45 -23.84
C ASP D 197 14.27 -11.27 -23.90
N VAL D 198 13.03 -11.55 -24.32
CA VAL D 198 11.98 -10.56 -24.52
C VAL D 198 10.67 -11.01 -23.88
N THR D 199 9.89 -10.02 -23.41
CA THR D 199 8.54 -10.26 -22.89
C THR D 199 7.55 -10.07 -24.03
N LEU D 200 6.76 -11.11 -24.28
CA LEU D 200 5.65 -11.07 -25.22
C LEU D 200 4.37 -11.04 -24.41
N ARG D 201 3.59 -9.97 -24.56
CA ARG D 201 2.35 -9.80 -23.81
C ARG D 201 1.17 -9.91 -24.75
N CYS D 202 0.26 -10.83 -24.43
CA CYS D 202 -0.99 -10.99 -25.15
C CYS D 202 -2.10 -10.22 -24.45
N TRP D 203 -2.69 -9.28 -25.15
CA TRP D 203 -3.73 -8.42 -24.58
C TRP D 203 -5.09 -8.89 -25.05
N ALA D 204 -6.08 -8.81 -24.17
CA ALA D 204 -7.47 -8.94 -24.54
C ALA D 204 -8.23 -7.79 -23.89
N LEU D 205 -8.94 -7.03 -24.71
CA LEU D 205 -9.60 -5.80 -24.26
C LEU D 205 -11.04 -5.78 -24.73
N GLY D 206 -11.84 -5.00 -24.01
CA GLY D 206 -13.23 -4.73 -24.35
C GLY D 206 -14.12 -5.94 -24.54
N PHE D 207 -14.00 -6.90 -23.63
CA PHE D 207 -14.75 -8.14 -23.71
C PHE D 207 -15.72 -8.29 -22.54
N TYR D 208 -16.91 -8.79 -22.88
CA TYR D 208 -17.93 -9.29 -21.96
C TYR D 208 -18.43 -10.59 -22.60
N PRO D 209 -18.59 -11.66 -21.80
CA PRO D 209 -18.42 -11.61 -20.34
C PRO D 209 -16.97 -11.73 -19.83
N ALA D 210 -16.81 -11.76 -18.51
CA ALA D 210 -15.49 -11.71 -17.90
C ALA D 210 -14.62 -12.93 -18.17
N ASP D 211 -15.23 -14.11 -18.27
CA ASP D 211 -14.47 -15.35 -18.51
C ASP D 211 -13.73 -15.33 -19.85
N ILE D 212 -12.44 -15.71 -19.81
CA ILE D 212 -11.60 -15.76 -21.00
C ILE D 212 -10.43 -16.70 -20.71
N THR D 213 -9.91 -17.34 -21.76
CA THR D 213 -8.68 -18.13 -21.68
C THR D 213 -7.67 -17.62 -22.69
N LEU D 214 -6.49 -17.28 -22.20
CA LEU D 214 -5.36 -16.87 -23.01
C LEU D 214 -4.24 -17.89 -22.82
N THR D 215 -3.70 -18.39 -23.93
CA THR D 215 -2.63 -19.36 -23.87
C THR D 215 -1.55 -18.99 -24.88
N TRP D 216 -0.32 -19.28 -24.52
CA TRP D 216 0.83 -19.16 -25.40
C TRP D 216 1.28 -20.55 -25.82
N GLN D 217 1.74 -20.67 -27.06
CA GLN D 217 2.18 -21.94 -27.61
C GLN D 217 3.46 -21.73 -28.40
N LEU D 218 4.33 -22.75 -28.41
CA LEU D 218 5.50 -22.72 -29.28
C LEU D 218 5.44 -23.93 -30.22
N ASN D 219 6.37 -23.97 -31.16
CA ASN D 219 6.53 -24.99 -32.21
C ASN D 219 5.45 -26.07 -32.21
N GLY D 220 5.74 -27.23 -31.63
CA GLY D 220 4.81 -28.34 -31.60
C GLY D 220 3.37 -28.01 -31.23
N GLU D 221 3.08 -26.71 -31.07
CA GLU D 221 1.77 -26.21 -30.68
C GLU D 221 1.33 -26.87 -29.36
N ASP D 222 2.01 -26.45 -28.30
CA ASP D 222 1.79 -26.99 -26.97
C ASP D 222 1.66 -25.84 -25.99
N LEU D 223 0.84 -26.04 -24.95
CA LEU D 223 0.68 -25.02 -23.92
C LEU D 223 2.01 -24.83 -23.19
N THR D 224 2.28 -23.59 -22.79
CA THR D 224 3.59 -23.24 -22.23
C THR D 224 3.37 -22.44 -20.94
N GLN D 225 3.25 -23.14 -19.82
CA GLN D 225 3.09 -22.51 -18.50
C GLN D 225 4.44 -22.14 -17.87
N ASP D 226 5.19 -21.45 -18.70
CA ASP D 226 6.10 -20.37 -18.41
C ASP D 226 5.35 -19.05 -18.31
N MET D 227 4.02 -19.13 -18.30
CA MET D 227 3.11 -17.99 -18.39
C MET D 227 2.91 -17.26 -17.08
N GLU D 228 2.93 -15.92 -17.16
CA GLU D 228 2.43 -15.01 -16.14
C GLU D 228 1.04 -14.50 -16.50
N LEU D 229 0.10 -14.61 -15.56
CA LEU D 229 -1.28 -14.22 -15.78
C LEU D 229 -1.64 -13.17 -14.74
N VAL D 230 -2.26 -12.05 -15.16
CA VAL D 230 -2.87 -11.15 -14.21
C VAL D 230 -4.34 -11.49 -14.08
N GLU D 231 -4.96 -11.03 -13.00
CA GLU D 231 -6.39 -11.21 -12.85
C GLU D 231 -7.17 -10.39 -13.87
N THR D 232 -8.29 -10.95 -14.31
CA THR D 232 -9.17 -10.23 -15.21
C THR D 232 -9.64 -8.99 -14.46
N ARG D 233 -9.51 -7.85 -15.10
CA ARG D 233 -9.82 -6.60 -14.41
C ARG D 233 -10.95 -5.87 -15.10
N PRO D 234 -11.79 -5.16 -14.34
CA PRO D 234 -12.85 -4.38 -14.99
C PRO D 234 -12.29 -3.11 -15.63
N ALA D 235 -12.66 -2.89 -16.89
CA ALA D 235 -12.28 -1.66 -17.57
C ALA D 235 -12.98 -0.44 -16.98
N GLY D 236 -14.16 -0.65 -16.39
CA GLY D 236 -15.02 0.43 -15.92
C GLY D 236 -16.20 0.76 -16.82
N ASP D 237 -16.31 0.12 -17.98
CA ASP D 237 -17.46 0.33 -18.88
C ASP D 237 -18.39 -0.87 -18.97
N GLY D 238 -18.23 -1.86 -18.09
CA GLY D 238 -18.91 -3.14 -18.21
C GLY D 238 -18.14 -4.25 -18.92
N THR D 239 -17.10 -3.90 -19.69
CA THR D 239 -16.19 -4.88 -20.28
C THR D 239 -15.01 -5.21 -19.35
N PHE D 240 -14.18 -6.15 -19.79
CA PHE D 240 -13.06 -6.64 -18.99
C PHE D 240 -11.76 -6.62 -19.79
N GLN D 241 -10.65 -6.74 -19.05
CA GLN D 241 -9.29 -6.73 -19.60
C GLN D 241 -8.47 -7.86 -19.00
N LYS D 242 -7.58 -8.43 -19.80
CA LYS D 242 -6.64 -9.46 -19.33
C LYS D 242 -5.40 -9.51 -20.23
N TRP D 243 -4.27 -9.90 -19.65
CA TRP D 243 -3.09 -10.25 -20.43
C TRP D 243 -2.36 -11.48 -19.89
N ALA D 244 -1.68 -12.16 -20.79
CA ALA D 244 -0.76 -13.27 -20.53
C ALA D 244 0.58 -12.96 -21.17
N ALA D 245 1.67 -13.22 -20.44
CA ALA D 245 3.01 -12.94 -20.96
C ALA D 245 3.93 -14.15 -20.86
N VAL D 246 4.82 -14.26 -21.84
CA VAL D 246 5.88 -15.27 -21.84
C VAL D 246 7.17 -14.54 -22.15
N VAL D 247 8.27 -14.99 -21.55
CA VAL D 247 9.60 -14.45 -21.81
C VAL D 247 10.36 -15.46 -22.66
N VAL D 248 10.84 -15.01 -23.82
CA VAL D 248 11.38 -15.91 -24.84
C VAL D 248 12.71 -15.33 -25.34
N PRO D 249 13.56 -16.18 -25.90
CA PRO D 249 14.86 -15.70 -26.37
C PRO D 249 14.75 -14.68 -27.50
N LEU D 250 15.68 -13.72 -27.51
CA LEU D 250 15.69 -12.72 -28.57
C LEU D 250 15.88 -13.40 -29.93
N GLY D 251 15.07 -12.96 -30.89
CA GLY D 251 15.06 -13.50 -32.23
C GLY D 251 14.16 -14.69 -32.44
N LYS D 252 13.49 -15.18 -31.40
CA LYS D 252 12.56 -16.30 -31.53
C LYS D 252 11.10 -15.91 -31.35
N GLU D 253 10.78 -14.60 -31.38
CA GLU D 253 9.44 -14.13 -31.05
C GLU D 253 8.41 -14.71 -32.00
N GLN D 254 8.73 -14.76 -33.30
CA GLN D 254 7.76 -15.16 -34.30
C GLN D 254 7.45 -16.65 -34.25
N ASN D 255 8.07 -17.38 -33.33
CA ASN D 255 7.72 -18.77 -33.12
C ASN D 255 6.59 -18.94 -32.10
N TYR D 256 6.11 -17.87 -31.48
CA TYR D 256 5.11 -17.94 -30.41
C TYR D 256 3.75 -17.37 -30.83
N THR D 257 2.69 -18.08 -30.47
CA THR D 257 1.32 -17.70 -30.80
C THR D 257 0.51 -17.60 -29.51
N CYS D 258 -0.33 -16.57 -29.43
CA CYS D 258 -1.27 -16.42 -28.33
C CYS D 258 -2.66 -16.84 -28.80
N HIS D 259 -3.34 -17.63 -27.98
CA HIS D 259 -4.65 -18.17 -28.31
C HIS D 259 -5.71 -17.66 -27.34
N VAL D 260 -6.86 -17.28 -27.89
CA VAL D 260 -7.94 -16.66 -27.14
C VAL D 260 -9.20 -17.48 -27.32
N HIS D 261 -9.74 -17.99 -26.22
CA HIS D 261 -11.03 -18.67 -26.25
C HIS D 261 -12.03 -17.75 -25.55
N HIS D 262 -13.20 -17.52 -26.16
CA HIS D 262 -14.21 -16.70 -25.52
C HIS D 262 -15.59 -16.97 -26.15
N LYS D 263 -16.64 -16.73 -25.36
CA LYS D 263 -18.02 -16.96 -25.83
C LYS D 263 -18.39 -16.09 -27.02
N GLY D 264 -17.73 -14.95 -27.20
CA GLY D 264 -17.87 -14.17 -28.40
C GLY D 264 -17.14 -14.73 -29.61
N LEU D 265 -16.31 -15.75 -29.40
CA LEU D 265 -15.53 -16.29 -30.50
C LEU D 265 -15.97 -17.70 -30.87
N PRO D 266 -16.63 -17.90 -32.02
CA PRO D 266 -16.97 -19.28 -32.42
C PRO D 266 -15.74 -20.12 -32.65
N GLU D 267 -14.66 -19.52 -33.16
CA GLU D 267 -13.33 -20.11 -33.30
C GLU D 267 -12.32 -19.32 -32.49
N PRO D 268 -11.37 -19.98 -31.84
CA PRO D 268 -10.37 -19.26 -31.04
C PRO D 268 -9.39 -18.46 -31.88
N LEU D 269 -9.03 -17.29 -31.35
CA LEU D 269 -8.07 -16.42 -31.99
C LEU D 269 -6.65 -16.98 -31.87
N THR D 270 -5.83 -16.71 -32.88
CA THR D 270 -4.41 -17.04 -32.85
C THR D 270 -3.64 -15.77 -33.22
N LEU D 271 -2.80 -15.27 -32.32
CA LEU D 271 -2.06 -14.06 -32.60
C LEU D 271 -0.56 -14.23 -32.40
N ARG D 272 0.19 -13.40 -33.13
CA ARG D 272 1.63 -13.33 -33.14
C ARG D 272 2.11 -11.87 -33.08
N TRP D 273 3.36 -11.70 -32.68
CA TRP D 273 4.01 -10.38 -32.69
C TRP D 273 4.24 -9.79 -34.08
N MET E 1 -8.32 -16.52 11.39
CA MET E 1 -7.91 -15.25 10.81
C MET E 1 -6.84 -15.38 9.73
N ILE E 2 -7.27 -15.09 8.52
CA ILE E 2 -6.47 -15.19 7.31
C ILE E 2 -5.94 -13.80 6.99
N GLN E 3 -4.77 -13.74 6.36
CA GLN E 3 -4.33 -12.47 5.81
C GLN E 3 -3.93 -12.66 4.36
N ARG E 4 -4.49 -11.87 3.45
CA ARG E 4 -4.11 -11.89 2.05
C ARG E 4 -3.67 -10.50 1.62
N THR E 5 -2.46 -10.40 1.08
CA THR E 5 -1.98 -9.12 0.55
C THR E 5 -2.65 -8.81 -0.78
N PRO E 6 -2.99 -7.54 -1.03
CA PRO E 6 -3.71 -7.17 -2.24
C PRO E 6 -2.87 -7.25 -3.51
N LYS E 7 -3.54 -7.56 -4.60
CA LYS E 7 -2.99 -7.48 -5.94
C LYS E 7 -3.41 -6.15 -6.56
N ILE E 8 -2.50 -5.53 -7.29
CA ILE E 8 -2.68 -4.14 -7.73
C ILE E 8 -2.46 -4.04 -9.23
N GLN E 9 -3.44 -3.51 -9.94
CA GLN E 9 -3.27 -3.12 -11.34
C GLN E 9 -3.76 -1.69 -11.52
N VAL E 10 -2.93 -0.87 -12.18
CA VAL E 10 -3.27 0.51 -12.50
C VAL E 10 -3.26 0.66 -14.02
N TYR E 11 -4.35 1.17 -14.58
CA TYR E 11 -4.52 1.13 -16.03
C TYR E 11 -5.61 2.12 -16.43
N SER E 12 -5.76 2.31 -17.73
CA SER E 12 -6.80 3.19 -18.25
C SER E 12 -7.93 2.34 -18.82
N ARG E 13 -9.13 2.90 -18.78
CA ARG E 13 -10.32 2.20 -19.25
C ARG E 13 -10.26 1.96 -20.76
N HIS E 14 -9.81 2.96 -21.50
CA HIS E 14 -9.65 2.90 -22.94
C HIS E 14 -8.20 3.13 -23.33
N PRO E 15 -7.82 2.81 -24.57
CA PRO E 15 -6.43 3.02 -24.97
C PRO E 15 -6.08 4.50 -24.96
N ALA E 16 -5.00 4.83 -24.25
CA ALA E 16 -4.72 6.21 -23.89
C ALA E 16 -4.32 7.02 -25.11
N GLU E 17 -4.84 8.24 -25.20
CA GLU E 17 -4.43 9.17 -26.26
C GLU E 17 -4.30 10.55 -25.64
N ASN E 18 -3.18 11.21 -25.92
CA ASN E 18 -2.91 12.49 -25.26
C ASN E 18 -3.93 13.55 -25.66
N GLY E 19 -4.55 14.16 -24.65
CA GLY E 19 -5.57 15.15 -24.90
C GLY E 19 -6.97 14.61 -25.08
N LYS E 20 -7.16 13.29 -25.00
CA LYS E 20 -8.49 12.70 -25.09
C LYS E 20 -8.88 12.17 -23.71
N SER E 21 -10.07 12.56 -23.24
CA SER E 21 -10.53 12.15 -21.93
C SER E 21 -10.69 10.64 -21.83
N ASN E 22 -10.25 10.10 -20.70
CA ASN E 22 -10.11 8.67 -20.46
C ASN E 22 -10.41 8.44 -18.99
N PHE E 23 -10.27 7.19 -18.54
CA PHE E 23 -10.49 6.89 -17.14
C PHE E 23 -9.25 6.18 -16.60
N LEU E 24 -8.75 6.63 -15.46
CA LEU E 24 -7.64 5.99 -14.76
C LEU E 24 -8.22 5.09 -13.67
N ASN E 25 -7.80 3.83 -13.68
CA ASN E 25 -8.28 2.80 -12.76
C ASN E 25 -7.16 2.29 -11.87
N CYS E 26 -7.46 2.12 -10.58
CA CYS E 26 -6.66 1.28 -9.69
C CYS E 26 -7.55 0.11 -9.32
N TYR E 27 -7.17 -1.10 -9.73
CA TYR E 27 -7.90 -2.30 -9.34
C TYR E 27 -7.13 -3.09 -8.28
N VAL E 28 -7.73 -3.24 -7.10
CA VAL E 28 -7.16 -4.02 -6.02
C VAL E 28 -8.06 -5.23 -5.75
N SER E 29 -7.46 -6.43 -5.69
CA SER E 29 -8.22 -7.65 -5.55
C SER E 29 -7.42 -8.68 -4.77
N GLY E 30 -8.11 -9.75 -4.36
CA GLY E 30 -7.49 -10.86 -3.64
C GLY E 30 -6.97 -10.60 -2.25
N PHE E 31 -7.46 -9.57 -1.58
CA PHE E 31 -7.00 -9.22 -0.24
C PHE E 31 -8.02 -9.57 0.84
N HIS E 32 -7.50 -9.89 2.03
CA HIS E 32 -8.32 -10.07 3.23
C HIS E 32 -7.44 -9.70 4.43
N PRO E 33 -7.96 -8.89 5.37
CA PRO E 33 -9.34 -8.42 5.44
C PRO E 33 -9.70 -7.26 4.51
N SER E 34 -10.95 -6.83 4.66
CA SER E 34 -11.59 -5.85 3.78
C SER E 34 -10.96 -4.46 3.86
N ASP E 35 -10.45 -4.07 5.03
CA ASP E 35 -9.92 -2.73 5.21
C ASP E 35 -8.72 -2.48 4.29
N ILE E 36 -8.79 -1.43 3.48
CA ILE E 36 -7.74 -1.14 2.52
C ILE E 36 -7.76 0.36 2.23
N GLU E 37 -6.60 0.91 1.89
CA GLU E 37 -6.49 2.30 1.45
C GLU E 37 -5.93 2.33 0.05
N VAL E 38 -6.62 3.03 -0.84
CA VAL E 38 -6.23 3.20 -2.22
C VAL E 38 -6.26 4.68 -2.56
N ASP E 39 -5.14 5.20 -3.05
CA ASP E 39 -5.07 6.60 -3.45
C ASP E 39 -4.56 6.64 -4.87
N LEU E 40 -5.07 7.60 -5.65
CA LEU E 40 -4.57 7.84 -7.00
C LEU E 40 -3.76 9.13 -7.01
N LEU E 41 -2.62 9.08 -7.69
CA LEU E 41 -1.61 10.14 -7.64
C LEU E 41 -1.39 10.72 -9.03
N LYS E 42 -1.26 12.04 -9.10
CA LYS E 42 -0.83 12.75 -10.30
C LYS E 42 0.42 13.54 -9.95
N ASN E 43 1.55 13.17 -10.59
CA ASN E 43 2.82 13.83 -10.32
C ASN E 43 3.17 13.76 -8.83
N GLY E 44 2.78 12.65 -8.22
CA GLY E 44 3.09 12.35 -6.84
C GLY E 44 2.07 12.85 -5.84
N GLU E 45 1.25 13.83 -6.23
CA GLU E 45 0.19 14.33 -5.37
C GLU E 45 -1.09 13.54 -5.58
N ARG E 46 -1.77 13.31 -4.47
CA ARG E 46 -2.98 12.53 -4.43
C ARG E 46 -4.11 13.31 -5.08
N ILE E 47 -4.88 12.62 -5.92
CA ILE E 47 -5.94 13.23 -6.72
C ILE E 47 -7.22 13.34 -5.91
N GLU E 48 -7.81 14.53 -5.89
CA GLU E 48 -9.04 14.78 -5.15
C GLU E 48 -10.20 14.46 -6.07
N LYS E 49 -11.17 13.71 -5.55
CA LYS E 49 -12.33 13.16 -6.26
C LYS E 49 -11.95 11.85 -6.93
N VAL E 50 -11.89 10.77 -6.14
CA VAL E 50 -11.69 9.43 -6.68
C VAL E 50 -12.83 8.56 -6.19
N GLU E 51 -13.62 8.04 -7.11
CA GLU E 51 -14.69 7.10 -6.86
C GLU E 51 -14.13 5.68 -6.74
N HIS E 52 -14.89 4.82 -6.07
CA HIS E 52 -14.56 3.41 -6.04
C HIS E 52 -15.85 2.59 -6.09
N SER E 53 -15.70 1.35 -6.56
CA SER E 53 -16.85 0.47 -6.68
C SER E 53 -17.32 -0.01 -5.31
N ASP E 54 -18.51 -0.62 -5.31
CA ASP E 54 -19.05 -1.22 -4.10
C ASP E 54 -18.32 -2.53 -3.76
N LEU E 55 -18.10 -2.74 -2.46
CA LEU E 55 -17.28 -3.85 -2.01
C LEU E 55 -17.91 -5.20 -2.35
N SER E 56 -17.13 -6.04 -3.04
CA SER E 56 -17.56 -7.36 -3.48
C SER E 56 -16.41 -8.32 -3.25
N PHE E 57 -16.67 -9.61 -3.38
CA PHE E 57 -15.62 -10.62 -3.18
C PHE E 57 -15.75 -11.75 -4.18
N SER E 58 -14.64 -12.48 -4.33
CA SER E 58 -14.52 -13.59 -5.26
C SER E 58 -14.82 -14.94 -4.60
N LYS E 59 -14.71 -16.01 -5.38
CA LYS E 59 -15.11 -17.34 -4.91
C LYS E 59 -14.32 -17.78 -3.68
N ASP E 60 -13.06 -17.37 -3.59
CA ASP E 60 -12.22 -17.68 -2.44
C ASP E 60 -12.42 -16.72 -1.26
N TRP E 61 -13.45 -15.87 -1.30
CA TRP E 61 -13.85 -14.91 -0.26
C TRP E 61 -12.96 -13.69 -0.17
N SER E 62 -11.97 -13.55 -1.06
CA SER E 62 -11.11 -12.38 -1.06
C SER E 62 -11.77 -11.23 -1.80
N PHE E 63 -11.61 -10.03 -1.25
CA PHE E 63 -12.26 -8.83 -1.73
C PHE E 63 -11.59 -8.24 -2.97
N TYR E 64 -12.38 -7.51 -3.74
CA TYR E 64 -11.90 -6.71 -4.85
C TYR E 64 -12.63 -5.37 -4.88
N LEU E 65 -11.88 -4.33 -5.26
CA LEU E 65 -12.37 -2.97 -5.39
C LEU E 65 -11.81 -2.37 -6.66
N LEU E 66 -12.61 -1.55 -7.35
CA LEU E 66 -12.12 -0.75 -8.46
C LEU E 66 -12.21 0.72 -8.06
N TYR E 67 -11.06 1.41 -8.07
CA TYR E 67 -10.93 2.83 -7.78
C TYR E 67 -10.63 3.57 -9.07
N TYR E 68 -11.39 4.62 -9.36
CA TYR E 68 -11.32 5.24 -10.68
C TYR E 68 -11.51 6.74 -10.56
N THR E 69 -10.80 7.48 -11.41
CA THR E 69 -10.99 8.91 -11.57
C THR E 69 -10.82 9.28 -13.04
N GLU E 70 -11.59 10.26 -13.48
CA GLU E 70 -11.45 10.73 -14.85
C GLU E 70 -10.16 11.52 -14.99
N PHE E 71 -9.47 11.32 -16.11
CA PHE E 71 -8.26 12.07 -16.37
C PHE E 71 -8.06 12.20 -17.86
N THR E 72 -7.23 13.17 -18.24
CA THR E 72 -6.80 13.33 -19.62
C THR E 72 -5.30 13.17 -19.64
N PRO E 73 -4.79 12.10 -20.25
CA PRO E 73 -3.35 11.90 -20.31
C PRO E 73 -2.69 12.94 -21.21
N THR E 74 -1.49 13.31 -20.84
CA THR E 74 -0.64 14.17 -21.63
C THR E 74 0.63 13.38 -21.92
N GLU E 75 1.57 13.99 -22.62
CA GLU E 75 2.80 13.28 -22.90
C GLU E 75 3.62 13.02 -21.63
N LYS E 76 3.79 14.03 -20.78
CA LYS E 76 4.70 13.89 -19.64
C LYS E 76 4.02 13.82 -18.28
N ASP E 77 2.69 13.86 -18.19
CA ASP E 77 2.04 13.74 -16.88
C ASP E 77 2.07 12.31 -16.38
N GLU E 78 2.70 12.11 -15.22
CA GLU E 78 2.80 10.81 -14.57
C GLU E 78 1.65 10.61 -13.58
N TYR E 79 1.24 9.36 -13.43
CA TYR E 79 0.13 8.96 -12.58
C TYR E 79 0.50 7.64 -11.92
N ALA E 80 0.00 7.42 -10.69
CA ALA E 80 0.27 6.17 -10.01
C ALA E 80 -0.80 5.89 -8.97
N CYS E 81 -0.78 4.67 -8.46
CA CYS E 81 -1.62 4.23 -7.36
C CYS E 81 -0.74 3.93 -6.16
N ARG E 82 -1.16 4.41 -5.00
CA ARG E 82 -0.49 4.10 -3.75
C ARG E 82 -1.48 3.39 -2.84
N VAL E 83 -1.23 2.11 -2.58
CA VAL E 83 -2.12 1.26 -1.79
C VAL E 83 -1.41 0.95 -0.49
N ASN E 84 -2.11 1.10 0.62
CA ASN E 84 -1.65 0.62 1.91
C ASN E 84 -2.67 -0.34 2.50
N HIS E 85 -2.17 -1.41 3.10
CA HIS E 85 -3.03 -2.46 3.63
C HIS E 85 -2.34 -2.93 4.90
N VAL E 86 -3.07 -3.67 5.73
CA VAL E 86 -2.49 -4.16 6.97
C VAL E 86 -1.33 -5.12 6.70
N THR E 87 -1.41 -5.87 5.60
CA THR E 87 -0.36 -6.82 5.22
C THR E 87 0.92 -6.14 4.77
N LEU E 88 0.85 -4.86 4.38
CA LEU E 88 1.97 -4.13 3.79
C LEU E 88 2.62 -3.26 4.87
N SER E 89 3.89 -3.55 5.18
CA SER E 89 4.60 -2.74 6.18
C SER E 89 4.71 -1.28 5.73
N GLN E 90 4.94 -1.05 4.45
CA GLN E 90 5.02 0.29 3.88
C GLN E 90 4.04 0.37 2.74
N PRO E 91 3.55 1.56 2.41
CA PRO E 91 2.58 1.69 1.31
C PRO E 91 3.21 1.31 -0.02
N LYS E 92 2.44 0.62 -0.85
CA LYS E 92 2.92 0.18 -2.15
C LYS E 92 2.50 1.19 -3.20
N ILE E 93 3.49 1.65 -3.97
CA ILE E 93 3.26 2.53 -5.10
C ILE E 93 3.55 1.75 -6.37
N VAL E 94 2.60 1.77 -7.30
CA VAL E 94 2.74 1.15 -8.61
C VAL E 94 2.52 2.25 -9.62
N LYS E 95 3.48 2.46 -10.52
CA LYS E 95 3.29 3.54 -11.48
C LYS E 95 2.43 3.05 -12.64
N TRP E 96 1.66 3.97 -13.19
CA TRP E 96 0.87 3.69 -14.37
C TRP E 96 1.77 3.72 -15.60
N ASP E 97 1.75 2.64 -16.37
CA ASP E 97 2.51 2.52 -17.61
C ASP E 97 1.49 2.26 -18.69
N ARG E 98 1.35 3.20 -19.63
CA ARG E 98 0.35 3.06 -20.69
C ARG E 98 0.72 2.01 -21.72
N ASP E 99 1.95 1.48 -21.67
CA ASP E 99 2.30 0.35 -22.52
C ASP E 99 2.15 -1.04 -21.87
N MET E 100 2.23 -1.15 -20.54
CA MET E 100 2.15 -2.48 -19.94
C MET E 100 1.46 -2.53 -18.58
N TYR F 1 -33.72 -10.64 -6.61
CA TYR F 1 -34.58 -10.53 -5.45
C TYR F 1 -33.84 -11.04 -4.22
N TYR F 2 -33.59 -10.12 -3.28
CA TYR F 2 -32.82 -10.38 -2.07
C TYR F 2 -33.58 -11.24 -1.07
N GLN F 3 -32.83 -11.99 -0.27
CA GLN F 3 -33.42 -12.75 0.84
C GLN F 3 -32.61 -12.50 2.11
N SER F 4 -33.34 -12.27 3.20
CA SER F 4 -32.80 -12.05 4.56
C SER F 4 -32.59 -13.37 5.27
N GLY F 5 -31.64 -13.37 6.23
CA GLY F 5 -31.40 -14.57 7.02
C GLY F 5 -32.54 -14.89 7.97
N LEU F 6 -32.66 -16.17 8.30
CA LEU F 6 -33.62 -16.61 9.30
C LEU F 6 -32.91 -16.94 10.63
N SER F 7 -32.64 -18.22 10.90
CA SER F 7 -31.97 -18.64 12.14
C SER F 7 -30.58 -18.02 12.25
N ILE F 8 -30.23 -17.62 13.48
CA ILE F 8 -28.88 -17.10 13.75
C ILE F 8 -27.86 -18.23 13.66
N VAL F 9 -26.64 -17.89 13.26
CA VAL F 9 -25.48 -18.81 13.30
C VAL F 9 -25.28 -19.45 14.66
N PRO G 1 24.56 21.05 19.11
CA PRO G 1 25.18 20.79 17.81
C PRO G 1 25.00 19.36 17.35
N HIS G 2 25.02 19.15 16.03
CA HIS G 2 24.97 17.82 15.45
C HIS G 2 25.91 17.76 14.26
N SER G 3 26.33 16.56 13.90
CA SER G 3 27.30 16.39 12.84
C SER G 3 26.88 15.28 11.89
N LEU G 4 27.32 15.41 10.65
CA LEU G 4 27.19 14.39 9.63
C LEU G 4 28.61 14.07 9.18
N ARG G 5 28.95 12.79 9.14
CA ARG G 5 30.28 12.37 8.73
C ARG G 5 30.25 11.14 7.86
N TYR G 6 31.20 11.12 6.92
CA TYR G 6 31.54 9.96 6.12
C TYR G 6 33.03 9.63 6.27
N PHE G 7 33.29 8.35 6.51
CA PHE G 7 34.65 7.82 6.64
C PHE G 7 34.84 6.87 5.47
N VAL G 8 35.74 7.25 4.56
CA VAL G 8 35.90 6.61 3.25
C VAL G 8 37.30 6.02 3.22
N THR G 9 37.38 4.72 2.92
CA THR G 9 38.65 3.99 2.87
C THR G 9 38.84 3.37 1.50
N ALA G 10 40.02 3.56 0.89
CA ALA G 10 40.39 2.90 -0.35
C ALA G 10 41.73 2.19 -0.15
N VAL G 11 41.72 0.86 -0.30
CA VAL G 11 42.90 0.00 -0.09
C VAL G 11 43.20 -0.82 -1.35
N SER G 12 44.34 -0.53 -1.99
CA SER G 12 44.83 -1.36 -3.09
C SER G 12 45.28 -2.75 -2.61
N ARG G 13 44.98 -3.77 -3.43
CA ARG G 13 45.35 -5.16 -3.17
C ARG G 13 46.01 -5.84 -4.36
N PRO G 14 47.29 -5.57 -4.62
CA PRO G 14 47.95 -6.18 -5.79
C PRO G 14 47.90 -7.71 -5.75
N GLY G 15 47.40 -8.29 -6.85
CA GLY G 15 47.19 -9.72 -6.97
C GLY G 15 45.80 -10.21 -6.61
N LEU G 16 45.01 -9.40 -5.88
CA LEU G 16 43.66 -9.80 -5.49
C LEU G 16 42.57 -9.04 -6.20
N GLY G 17 42.85 -8.38 -7.31
CA GLY G 17 41.75 -7.66 -7.90
C GLY G 17 41.81 -6.17 -7.70
N GLU G 18 40.64 -5.56 -7.90
CA GLU G 18 40.47 -4.14 -7.82
C GLU G 18 40.53 -3.68 -6.37
N PRO G 19 40.83 -2.40 -6.13
CA PRO G 19 40.95 -1.92 -4.74
C PRO G 19 39.65 -2.06 -4.00
N ARG G 20 39.76 -2.15 -2.68
CA ARG G 20 38.58 -2.31 -1.85
C ARG G 20 38.08 -0.95 -1.43
N PHE G 21 36.79 -0.69 -1.66
CA PHE G 21 36.19 0.61 -1.37
C PHE G 21 35.04 0.46 -0.39
N ILE G 22 35.14 1.14 0.75
CA ILE G 22 34.11 1.16 1.78
C ILE G 22 33.79 2.61 2.12
N ALA G 23 32.50 2.93 2.18
CA ALA G 23 32.07 4.22 2.71
C ALA G 23 31.04 3.98 3.81
N VAL G 24 31.30 4.55 4.98
CA VAL G 24 30.46 4.42 6.17
C VAL G 24 30.02 5.82 6.58
N GLY G 25 28.73 5.99 6.84
CA GLY G 25 28.15 7.28 7.16
C GLY G 25 27.73 7.30 8.61
N TYR G 26 27.90 8.45 9.25
CA TYR G 26 27.52 8.62 10.65
C TYR G 26 26.74 9.91 10.81
N VAL G 27 25.74 9.87 11.68
CA VAL G 27 25.12 11.05 12.25
C VAL G 27 25.47 11.06 13.73
N ASP G 28 26.21 12.08 14.16
CA ASP G 28 26.72 12.15 15.53
C ASP G 28 27.52 10.88 15.76
N ASP G 29 27.16 10.06 16.75
CA ASP G 29 27.81 8.79 17.04
C ASP G 29 26.99 7.59 16.56
N THR G 30 26.08 7.80 15.60
CA THR G 30 25.19 6.75 15.11
C THR G 30 25.43 6.52 13.62
N GLN G 31 25.80 5.29 13.28
CA GLN G 31 25.95 4.90 11.88
C GLN G 31 24.60 4.73 11.22
N PHE G 32 24.43 5.30 10.04
CA PHE G 32 23.17 5.21 9.32
C PHE G 32 23.26 4.57 7.93
N VAL G 33 24.42 4.60 7.26
CA VAL G 33 24.57 4.03 5.92
C VAL G 33 25.94 3.37 5.77
N ARG G 34 26.03 2.48 4.78
CA ARG G 34 27.29 1.88 4.34
C ARG G 34 27.25 1.53 2.85
N PHE G 35 28.43 1.62 2.22
CA PHE G 35 28.74 1.05 0.90
C PHE G 35 30.01 0.21 1.06
N ASP G 36 29.99 -1.03 0.62
CA ASP G 36 31.21 -1.85 0.63
C ASP G 36 31.36 -2.54 -0.71
N SER G 37 32.48 -2.26 -1.38
CA SER G 37 32.73 -2.77 -2.73
C SER G 37 32.82 -4.29 -2.76
N ASP G 38 33.14 -4.95 -1.65
CA ASP G 38 33.23 -6.41 -1.63
C ASP G 38 31.95 -7.07 -1.15
N ALA G 39 30.95 -6.29 -0.78
CA ALA G 39 29.66 -6.83 -0.36
C ALA G 39 28.86 -7.33 -1.56
N ASP G 40 27.75 -8.00 -1.24
CA ASP G 40 26.49 -8.09 -1.99
C ASP G 40 26.54 -7.76 -3.47
N ASN G 41 25.54 -7.00 -3.90
CA ASN G 41 25.50 -6.29 -5.17
C ASN G 41 25.82 -4.84 -4.85
N PRO G 42 27.13 -4.46 -4.76
CA PRO G 42 27.53 -3.24 -4.03
C PRO G 42 26.59 -2.06 -4.16
N ARG G 43 26.07 -1.60 -3.03
CA ARG G 43 25.14 -0.49 -2.99
C ARG G 43 25.16 0.09 -1.58
N PHE G 44 24.68 1.33 -1.49
CA PHE G 44 24.40 1.95 -0.20
C PHE G 44 23.21 1.28 0.48
N GLU G 45 23.41 0.89 1.75
CA GLU G 45 22.42 0.15 2.52
C GLU G 45 22.14 0.87 3.83
N PRO G 46 20.93 0.74 4.36
CA PRO G 46 20.64 1.34 5.67
C PRO G 46 21.32 0.60 6.81
N ARG G 47 21.90 1.37 7.74
CA ARG G 47 22.50 0.84 8.97
C ARG G 47 21.81 1.37 10.23
N ALA G 48 20.73 2.12 10.08
CA ALA G 48 19.88 2.54 11.19
C ALA G 48 18.43 2.39 10.76
N PRO G 49 17.54 2.06 11.68
CA PRO G 49 16.14 1.79 11.29
C PRO G 49 15.42 2.98 10.68
N TRP G 50 15.80 4.20 11.06
CA TRP G 50 15.12 5.39 10.51
C TRP G 50 15.47 5.70 9.06
N MET G 51 16.30 4.89 8.39
CA MET G 51 16.67 5.15 7.00
C MET G 51 15.91 4.31 5.99
N GLU G 52 15.23 3.24 6.42
CA GLU G 52 14.63 2.27 5.51
C GLU G 52 13.39 2.82 4.82
N GLN G 53 12.89 3.98 5.25
CA GLN G 53 11.72 4.56 4.64
C GLN G 53 12.09 5.48 3.48
N GLU G 54 13.39 5.67 3.24
CA GLU G 54 13.81 6.44 2.09
C GLU G 54 13.49 5.67 0.82
N GLY G 55 13.06 6.39 -0.22
CA GLY G 55 12.65 5.75 -1.45
C GLY G 55 13.81 5.24 -2.26
N PRO G 56 13.53 4.50 -3.35
CA PRO G 56 14.61 4.02 -4.21
C PRO G 56 15.37 5.15 -4.87
N GLU G 57 14.68 6.24 -5.19
CA GLU G 57 15.30 7.45 -5.73
C GLU G 57 16.49 7.90 -4.89
N TYR G 58 16.45 7.62 -3.59
CA TYR G 58 17.53 8.00 -2.68
C TYR G 58 18.70 7.02 -2.77
N TRP G 59 18.42 5.71 -2.69
CA TRP G 59 19.49 4.71 -2.72
C TRP G 59 20.27 4.65 -4.03
N GLU G 60 19.59 4.76 -5.19
CA GLU G 60 20.32 4.70 -6.47
C GLU G 60 21.23 5.91 -6.68
N GLU G 61 20.80 7.12 -6.33
CA GLU G 61 21.70 8.27 -6.46
C GLU G 61 22.91 8.17 -5.53
N GLN G 62 22.69 7.80 -4.27
CA GLN G 62 23.80 7.68 -3.34
C GLN G 62 24.79 6.62 -3.83
N THR G 63 24.26 5.49 -4.31
CA THR G 63 25.11 4.43 -4.83
C THR G 63 25.90 4.86 -6.05
N GLN G 64 25.28 5.64 -6.95
CA GLN G 64 25.99 6.12 -8.13
C GLN G 64 27.14 7.06 -7.78
N ARG G 65 26.93 7.96 -6.81
CA ARG G 65 28.01 8.81 -6.34
C ARG G 65 29.10 7.97 -5.68
N ALA G 66 28.71 6.93 -4.95
CA ALA G 66 29.69 6.01 -4.39
C ALA G 66 30.45 5.27 -5.48
N LYS G 67 29.76 4.81 -6.52
CA LYS G 67 30.41 4.15 -7.64
C LYS G 67 31.30 5.10 -8.44
N SER G 68 30.89 6.37 -8.56
CA SER G 68 31.75 7.37 -9.18
C SER G 68 33.03 7.63 -8.38
N ASP G 69 32.88 7.80 -7.06
CA ASP G 69 34.03 8.00 -6.17
C ASP G 69 34.98 6.81 -6.12
N GLU G 70 34.47 5.59 -6.22
CA GLU G 70 35.33 4.42 -6.21
C GLU G 70 36.35 4.49 -7.34
N GLN G 71 35.89 4.88 -8.54
CA GLN G 71 36.78 5.07 -9.68
C GLN G 71 37.73 6.24 -9.46
N TRP G 72 37.27 7.30 -8.80
CA TRP G 72 38.12 8.44 -8.48
C TRP G 72 39.30 8.03 -7.60
N PHE G 73 39.05 7.20 -6.59
CA PHE G 73 40.11 6.71 -5.72
C PHE G 73 41.12 5.80 -6.43
N ARG G 74 40.66 4.92 -7.32
CA ARG G 74 41.62 4.07 -8.06
C ARG G 74 42.55 4.90 -8.93
N VAL G 75 42.02 5.93 -9.59
CA VAL G 75 42.89 6.84 -10.32
C VAL G 75 43.82 7.55 -9.33
N SER G 76 43.26 8.01 -8.21
CA SER G 76 44.05 8.75 -7.23
C SER G 76 45.10 7.88 -6.54
N LEU G 77 44.78 6.62 -6.25
CA LEU G 77 45.78 5.74 -5.65
C LEU G 77 46.95 5.49 -6.58
N ARG G 78 46.68 5.32 -7.88
CA ARG G 78 47.75 5.20 -8.85
C ARG G 78 48.54 6.49 -9.03
N THR G 79 47.85 7.65 -9.07
CA THR G 79 48.55 8.91 -9.16
C THR G 79 49.45 9.13 -7.95
N ALA G 80 48.92 8.88 -6.74
CA ALA G 80 49.74 9.01 -5.54
C ALA G 80 50.89 8.01 -5.55
N GLN G 81 50.65 6.81 -6.08
CA GLN G 81 51.73 5.83 -6.20
C GLN G 81 52.85 6.35 -7.09
N ARG G 82 52.48 7.01 -8.19
CA ARG G 82 53.43 7.71 -9.03
C ARG G 82 54.05 8.95 -8.36
N TYR G 83 53.28 9.69 -7.56
CA TYR G 83 53.84 10.87 -6.89
C TYR G 83 54.99 10.48 -5.97
N TYR G 84 54.82 9.39 -5.23
CA TYR G 84 55.76 8.91 -4.22
C TYR G 84 56.80 7.94 -4.76
N ASN G 85 56.79 7.67 -6.07
CA ASN G 85 57.66 6.71 -6.76
C ASN G 85 57.65 5.39 -5.98
N GLN G 86 56.46 4.87 -5.74
CA GLN G 86 56.30 3.65 -4.96
C GLN G 86 56.32 2.42 -5.88
N SER G 87 56.71 1.29 -5.29
CA SER G 87 56.73 0.04 -6.04
C SER G 87 55.32 -0.49 -6.25
N LYS G 88 55.17 -1.25 -7.34
CA LYS G 88 53.83 -1.57 -7.84
C LYS G 88 53.11 -2.62 -6.99
N GLY G 89 53.85 -3.51 -6.34
CA GLY G 89 53.29 -4.65 -5.64
C GLY G 89 52.80 -4.40 -4.23
N GLY G 90 53.00 -3.20 -3.70
CA GLY G 90 52.52 -2.90 -2.36
C GLY G 90 51.04 -2.53 -2.30
N SER G 91 50.44 -2.89 -1.17
CA SER G 91 49.14 -2.38 -0.77
C SER G 91 49.31 -0.96 -0.23
N HIS G 92 48.43 -0.04 -0.66
CA HIS G 92 48.47 1.33 -0.17
C HIS G 92 47.06 1.79 0.20
N THR G 93 46.99 2.83 1.05
CA THR G 93 45.71 3.30 1.58
C THR G 93 45.49 4.78 1.28
N PHE G 94 44.31 5.08 0.74
CA PHE G 94 43.74 6.42 0.77
C PHE G 94 42.56 6.43 1.74
N GLN G 95 42.47 7.49 2.52
CA GLN G 95 41.35 7.72 3.41
C GLN G 95 40.81 9.13 3.17
N ARG G 96 39.49 9.25 3.22
CA ARG G 96 38.83 10.53 3.08
C ARG G 96 37.77 10.67 4.14
N MET G 97 37.81 11.78 4.87
CA MET G 97 36.73 12.14 5.78
C MET G 97 36.09 13.42 5.28
N PHE G 98 34.76 13.43 5.22
CA PHE G 98 34.02 14.65 4.91
C PHE G 98 32.69 14.69 5.63
N GLY G 99 32.17 15.90 5.79
CA GLY G 99 30.88 16.14 6.41
C GLY G 99 30.80 17.57 6.91
N CYS G 100 29.84 17.81 7.81
CA CYS G 100 29.65 19.17 8.30
C CYS G 100 29.14 19.14 9.74
N ASP G 101 29.37 20.24 10.47
CA ASP G 101 28.83 20.45 11.80
C ASP G 101 27.82 21.60 11.76
N VAL G 102 26.76 21.49 12.57
CA VAL G 102 25.75 22.52 12.71
C VAL G 102 25.55 22.88 14.17
N GLY G 103 25.09 24.12 14.42
CA GLY G 103 24.78 24.61 15.75
C GLY G 103 23.32 24.43 16.19
N SER G 104 22.91 25.26 17.16
CA SER G 104 21.55 25.22 17.70
C SER G 104 20.48 25.54 16.66
N ASP G 105 20.77 26.43 15.72
CA ASP G 105 19.89 26.72 14.59
C ASP G 105 19.89 25.60 13.55
N TRP G 106 20.87 24.68 13.62
CA TRP G 106 21.10 23.63 12.63
C TRP G 106 21.53 24.22 11.29
N ARG G 107 22.24 25.36 11.35
CA ARG G 107 22.96 25.96 10.24
C ARG G 107 24.44 25.61 10.36
N LEU G 108 25.17 25.82 9.26
CA LEU G 108 26.54 25.34 9.16
C LEU G 108 27.49 26.00 10.15
N LEU G 109 28.07 25.20 11.04
CA LEU G 109 29.18 25.65 11.86
C LEU G 109 30.50 25.43 11.15
N ARG G 110 30.71 24.23 10.60
CA ARG G 110 31.94 23.97 9.86
C ARG G 110 31.71 22.86 8.86
N GLY G 111 32.38 22.94 7.71
CA GLY G 111 32.39 21.88 6.70
C GLY G 111 33.75 21.22 6.62
N TYR G 112 33.77 19.90 6.37
CA TYR G 112 35.01 19.13 6.29
C TYR G 112 35.22 18.44 4.96
N HIS G 113 36.48 18.50 4.48
CA HIS G 113 36.94 17.71 3.34
C HIS G 113 38.46 17.52 3.44
N GLN G 114 38.87 16.33 3.86
CA GLN G 114 40.28 16.07 4.15
C GLN G 114 40.65 14.65 3.75
N PHE G 115 41.92 14.47 3.40
CA PHE G 115 42.46 13.18 2.95
C PHE G 115 43.70 12.78 3.74
N ALA G 116 43.88 11.46 3.85
CA ALA G 116 45.13 10.85 4.32
C ALA G 116 45.63 9.85 3.28
N TYR G 117 46.93 9.86 3.04
CA TYR G 117 47.59 8.82 2.25
C TYR G 117 48.55 8.00 3.11
N ASP G 118 48.36 6.68 3.07
CA ASP G 118 49.14 5.70 3.83
C ASP G 118 49.16 6.03 5.33
N GLY G 119 48.00 6.38 5.87
CA GLY G 119 47.86 6.63 7.29
C GLY G 119 48.28 7.99 7.79
N ARG G 120 48.72 8.88 6.91
CA ARG G 120 49.21 10.19 7.31
C ARG G 120 48.47 11.26 6.53
N ASP G 121 48.43 12.46 7.10
CA ASP G 121 47.69 13.57 6.50
C ASP G 121 48.20 13.89 5.10
N TYR G 122 47.28 14.17 4.19
CA TYR G 122 47.65 14.50 2.81
C TYR G 122 47.20 15.90 2.39
N ILE G 123 45.90 16.15 2.26
CA ILE G 123 45.36 17.48 2.03
C ILE G 123 44.02 17.62 2.74
N ALA G 124 43.77 18.83 3.26
CA ALA G 124 42.49 19.16 3.88
C ALA G 124 41.98 20.50 3.39
N LEU G 125 40.68 20.60 3.16
CA LEU G 125 40.07 21.91 2.96
C LEU G 125 40.08 22.62 4.30
N ASN G 126 40.49 23.89 4.31
CA ASN G 126 40.52 24.63 5.56
C ASN G 126 39.13 25.08 5.96
N GLU G 127 39.04 25.56 7.19
CA GLU G 127 37.76 25.98 7.76
C GLU G 127 37.11 27.12 6.99
N ASP G 128 37.90 27.91 6.24
CA ASP G 128 37.32 28.92 5.36
C ASP G 128 36.56 28.27 4.21
N LEU G 129 36.85 26.99 3.96
CA LEU G 129 36.34 26.21 2.83
C LEU G 129 36.79 26.78 1.50
N LYS G 130 37.90 27.51 1.46
CA LYS G 130 38.39 28.07 0.21
C LYS G 130 39.83 27.69 -0.13
N THR G 131 40.66 27.43 0.87
CA THR G 131 42.07 27.17 0.69
C THR G 131 42.35 25.80 1.28
N TRP G 132 43.46 25.20 0.86
CA TRP G 132 43.87 23.88 1.27
C TRP G 132 45.15 23.92 2.08
N THR G 133 45.30 22.95 2.98
CA THR G 133 46.55 22.73 3.68
C THR G 133 47.11 21.41 3.15
N ALA G 134 48.24 21.51 2.45
CA ALA G 134 48.98 20.33 2.02
C ALA G 134 49.91 19.86 3.12
N ALA G 135 49.86 18.55 3.39
CA ALA G 135 50.73 17.94 4.40
C ALA G 135 52.17 17.79 3.93
N ASP G 136 52.41 17.67 2.63
CA ASP G 136 53.76 17.38 2.16
C ASP G 136 53.93 17.94 0.75
N THR G 137 55.12 17.71 0.17
CA THR G 137 55.42 18.27 -1.16
C THR G 137 54.54 17.66 -2.25
N ALA G 138 54.31 16.35 -2.21
CA ALA G 138 53.41 15.75 -3.19
C ALA G 138 52.01 16.33 -3.10
N ALA G 139 51.56 16.65 -1.88
CA ALA G 139 50.25 17.28 -1.73
C ALA G 139 50.23 18.72 -2.19
N LEU G 140 51.40 19.36 -2.28
CA LEU G 140 51.45 20.67 -2.94
C LEU G 140 51.17 20.55 -4.43
N ILE G 141 51.55 19.43 -5.06
CA ILE G 141 51.20 19.22 -6.47
C ILE G 141 49.68 19.20 -6.61
N THR G 142 49.04 18.45 -5.73
CA THR G 142 47.59 18.32 -5.76
C THR G 142 46.90 19.65 -5.46
N ARG G 143 47.38 20.35 -4.43
CA ARG G 143 46.80 21.63 -4.05
C ARG G 143 46.89 22.67 -5.17
N ARG G 144 48.02 22.72 -5.89
CA ARG G 144 48.13 23.63 -7.03
C ARG G 144 47.13 23.27 -8.11
N LYS G 145 46.96 21.97 -8.37
CA LYS G 145 45.99 21.48 -9.34
C LYS G 145 44.57 21.82 -8.91
N TRP G 146 44.23 21.53 -7.65
CA TRP G 146 42.90 21.85 -7.13
C TRP G 146 42.67 23.36 -7.04
N GLU G 147 43.72 24.14 -6.80
CA GLU G 147 43.58 25.61 -6.78
C GLU G 147 43.20 26.18 -8.14
N GLN G 148 43.78 25.67 -9.21
CA GLN G 148 43.43 26.19 -10.53
C GLN G 148 42.04 25.75 -10.96
N ALA G 149 41.60 24.56 -10.54
CA ALA G 149 40.33 24.03 -11.00
C ALA G 149 39.14 24.40 -10.13
N GLY G 150 39.35 25.18 -9.08
CA GLY G 150 38.25 25.53 -8.19
C GLY G 150 37.50 24.37 -7.57
N ASP G 151 38.22 23.36 -7.08
CA ASP G 151 37.60 22.27 -6.34
C ASP G 151 37.02 22.73 -5.01
N ALA G 152 37.63 23.73 -4.36
CA ALA G 152 37.12 24.18 -3.07
C ALA G 152 35.71 24.73 -3.21
N GLU G 153 35.43 25.44 -4.30
CA GLU G 153 34.07 25.92 -4.54
C GLU G 153 33.12 24.76 -4.74
N TYR G 154 33.63 23.64 -5.26
CA TYR G 154 32.80 22.47 -5.52
C TYR G 154 32.41 21.77 -4.23
N TYR G 155 33.38 21.50 -3.34
CA TYR G 155 33.04 20.96 -2.02
C TYR G 155 32.28 21.96 -1.15
N ARG G 156 32.61 23.24 -1.20
CA ARG G 156 31.90 24.20 -0.36
C ARG G 156 30.42 24.28 -0.71
N ALA G 157 30.09 24.23 -2.00
CA ALA G 157 28.68 24.29 -2.36
C ALA G 157 27.92 23.09 -1.82
N TYR G 158 28.54 21.91 -1.84
CA TYR G 158 27.93 20.74 -1.22
C TYR G 158 27.84 20.89 0.30
N LEU G 159 28.92 21.32 0.94
CA LEU G 159 28.95 21.40 2.41
C LEU G 159 27.95 22.41 2.94
N GLU G 160 27.80 23.55 2.26
CA GLU G 160 26.83 24.56 2.65
C GLU G 160 25.40 24.23 2.27
N GLY G 161 25.19 23.35 1.29
CA GLY G 161 23.86 23.00 0.85
C GLY G 161 23.42 21.58 1.18
N GLU G 162 23.76 20.64 0.30
CA GLU G 162 23.26 19.28 0.48
C GLU G 162 23.71 18.69 1.81
N CYS G 163 24.95 18.97 2.22
CA CYS G 163 25.44 18.39 3.47
C CYS G 163 24.61 18.86 4.66
N VAL G 164 24.40 20.17 4.79
CA VAL G 164 23.56 20.72 5.87
C VAL G 164 22.11 20.31 5.70
N GLU G 165 21.58 20.40 4.48
CA GLU G 165 20.16 20.11 4.28
C GLU G 165 19.84 18.69 4.70
N TRP G 166 20.67 17.73 4.30
CA TRP G 166 20.34 16.33 4.58
C TRP G 166 20.55 15.96 6.04
N LEU G 167 21.50 16.58 6.74
CA LEU G 167 21.62 16.32 8.17
C LEU G 167 20.35 16.76 8.90
N ARG G 168 19.78 17.90 8.52
CA ARG G 168 18.48 18.26 9.08
C ARG G 168 17.43 17.25 8.72
N ARG G 169 17.48 16.70 7.50
CA ARG G 169 16.52 15.66 7.14
C ARG G 169 16.73 14.38 7.96
N TYR G 170 17.98 13.96 8.17
CA TYR G 170 18.25 12.78 9.00
C TYR G 170 17.80 12.98 10.44
N LEU G 171 17.99 14.19 10.98
CA LEU G 171 17.52 14.48 12.33
C LEU G 171 16.00 14.41 12.48
N GLU G 172 15.21 14.77 11.47
CA GLU G 172 13.76 14.49 11.57
C GLU G 172 13.40 13.02 11.48
N LEU G 173 14.00 12.25 10.57
CA LEU G 173 13.62 10.84 10.47
C LEU G 173 13.94 10.09 11.75
N GLY G 174 15.10 10.38 12.36
CA GLY G 174 15.55 9.66 13.53
C GLY G 174 15.50 10.45 14.82
N ASN G 175 14.60 11.43 14.90
CA ASN G 175 14.60 12.41 15.98
C ASN G 175 14.42 11.78 17.34
N GLU G 176 13.54 10.79 17.43
CA GLU G 176 13.23 10.12 18.69
C GLU G 176 14.46 9.49 19.32
N THR G 177 15.39 8.97 18.52
CA THR G 177 16.60 8.35 19.04
C THR G 177 17.84 9.25 19.02
N LEU G 178 18.02 10.02 17.94
CA LEU G 178 19.19 10.89 17.84
C LEU G 178 19.26 11.96 18.94
N LEU G 179 18.13 12.58 19.30
CA LEU G 179 18.16 13.66 20.28
C LEU G 179 18.15 13.15 21.72
N ARG G 180 18.02 11.84 21.91
CA ARG G 180 18.07 11.24 23.23
C ARG G 180 19.49 11.18 23.75
N THR G 181 19.61 11.19 25.07
CA THR G 181 20.83 10.83 25.77
C THR G 181 20.57 9.56 26.59
N ASP G 182 21.62 8.77 26.82
CA ASP G 182 21.59 7.74 27.85
C ASP G 182 22.69 8.08 28.84
N SER G 183 22.29 8.46 30.05
CA SER G 183 23.27 8.78 31.10
C SER G 183 24.09 7.54 31.43
N PRO G 184 25.37 7.67 31.74
CA PRO G 184 26.16 6.48 32.10
C PRO G 184 25.66 5.89 33.41
N LYS G 185 25.67 4.57 33.48
CA LYS G 185 25.50 3.84 34.71
C LYS G 185 26.90 3.54 35.27
N ALA G 186 27.20 4.13 36.42
CA ALA G 186 28.55 4.19 36.95
C ALA G 186 28.69 3.40 38.25
N HIS G 187 29.82 2.69 38.38
CA HIS G 187 30.17 2.00 39.61
C HIS G 187 31.68 1.95 39.77
N VAL G 188 32.12 1.78 41.02
CA VAL G 188 33.53 1.66 41.38
C VAL G 188 33.83 0.21 41.74
N THR G 189 34.89 -0.34 41.15
CA THR G 189 35.43 -1.63 41.56
C THR G 189 36.74 -1.45 42.30
N TYR G 190 37.07 -2.46 43.10
CA TYR G 190 38.22 -2.47 44.00
C TYR G 190 39.03 -3.72 43.71
N HIS G 191 40.30 -3.57 43.35
CA HIS G 191 41.18 -4.73 43.25
C HIS G 191 42.51 -4.53 43.96
N PRO G 192 42.83 -5.41 44.90
CA PRO G 192 44.13 -5.35 45.59
C PRO G 192 45.22 -5.62 44.59
N ARG G 193 46.36 -4.96 44.75
CA ARG G 193 47.43 -5.13 43.78
C ARG G 193 48.75 -5.59 44.38
N SER G 194 49.02 -5.29 45.65
CA SER G 194 50.30 -5.67 46.24
C SER G 194 50.07 -6.20 47.65
N GLN G 195 51.07 -6.03 48.52
CA GLN G 195 50.75 -5.80 49.92
C GLN G 195 50.37 -4.34 50.14
N VAL G 196 50.89 -3.45 49.30
CA VAL G 196 50.98 -2.02 49.63
C VAL G 196 49.89 -1.20 48.94
N ASP G 197 49.39 -1.64 47.77
CA ASP G 197 48.53 -0.78 46.98
C ASP G 197 47.36 -1.54 46.35
N VAL G 198 46.35 -0.78 45.93
CA VAL G 198 45.12 -1.30 45.36
C VAL G 198 44.79 -0.51 44.09
N THR G 199 44.19 -1.20 43.12
CA THR G 199 43.67 -0.56 41.91
C THR G 199 42.19 -0.24 42.10
N LEU G 200 41.84 1.03 41.96
CA LEU G 200 40.45 1.49 41.94
C LEU G 200 40.08 1.83 40.51
N ARG G 201 39.08 1.15 39.98
CA ARG G 201 38.65 1.37 38.60
C ARG G 201 37.27 2.02 38.60
N CYS G 202 37.16 3.17 37.95
CA CYS G 202 35.89 3.86 37.75
C CYS G 202 35.28 3.50 36.41
N TRP G 203 34.08 2.94 36.45
CA TRP G 203 33.38 2.49 35.25
C TRP G 203 32.26 3.46 34.85
N ALA G 204 32.09 3.64 33.54
CA ALA G 204 30.91 4.29 32.99
C ALA G 204 30.41 3.42 31.86
N LEU G 205 29.13 3.03 31.93
CA LEU G 205 28.54 2.08 31.01
C LEU G 205 27.21 2.59 30.46
N GLY G 206 26.85 2.04 29.30
CA GLY G 206 25.56 2.30 28.69
C GLY G 206 25.21 3.75 28.46
N PHE G 207 26.15 4.54 27.93
CA PHE G 207 25.93 5.96 27.74
C PHE G 207 25.92 6.35 26.27
N TYR G 208 24.99 7.22 25.92
CA TYR G 208 24.99 7.92 24.65
C TYR G 208 24.65 9.40 24.84
N PRO G 209 25.41 10.29 24.18
CA PRO G 209 26.45 9.92 23.20
C PRO G 209 27.82 9.54 23.77
N ALA G 210 28.79 9.29 22.87
CA ALA G 210 30.09 8.76 23.24
C ALA G 210 30.92 9.70 24.11
N ASP G 211 30.79 11.00 23.94
CA ASP G 211 31.60 11.93 24.73
C ASP G 211 31.32 11.80 26.23
N ILE G 212 32.40 11.69 27.00
CA ILE G 212 32.35 11.55 28.45
C ILE G 212 33.69 11.99 29.03
N THR G 213 33.67 12.50 30.26
CA THR G 213 34.88 12.78 31.02
C THR G 213 34.84 12.05 32.35
N LEU G 214 35.87 11.27 32.63
CA LEU G 214 36.05 10.59 33.91
C LEU G 214 37.32 11.15 34.55
N THR G 215 37.20 11.56 35.81
CA THR G 215 38.32 12.10 36.58
C THR G 215 38.35 11.51 37.98
N TRP G 216 39.56 11.34 38.52
CA TRP G 216 39.76 10.97 39.91
C TRP G 216 40.29 12.18 40.69
N GLN G 217 39.84 12.27 41.94
CA GLN G 217 40.14 13.33 42.91
C GLN G 217 40.42 12.72 44.27
N LEU G 218 41.27 13.40 45.05
CA LEU G 218 41.46 12.98 46.43
C LEU G 218 41.03 14.07 47.40
N ASN G 219 41.81 15.14 47.55
CA ASN G 219 41.40 16.20 48.46
C ASN G 219 40.73 17.35 47.73
N GLY G 220 40.47 17.20 46.43
CA GLY G 220 39.86 18.26 45.66
C GLY G 220 40.56 18.53 44.34
N GLU G 221 41.77 18.00 44.19
CA GLU G 221 42.57 18.20 42.99
C GLU G 221 42.45 16.99 42.06
N ASP G 222 42.54 17.25 40.75
CA ASP G 222 42.47 16.17 39.77
C ASP G 222 43.66 15.23 39.93
N LEU G 223 43.39 13.98 39.73
CA LEU G 223 44.41 12.98 39.74
C LEU G 223 44.75 12.70 38.30
N THR G 224 44.82 13.73 37.50
CA THR G 224 45.18 13.59 36.09
C THR G 224 46.58 12.99 35.94
N GLN G 225 47.49 13.31 36.86
CA GLN G 225 48.79 12.64 36.87
C GLN G 225 48.60 11.12 36.83
N ASP G 226 47.73 10.61 37.70
CA ASP G 226 47.81 9.22 38.12
C ASP G 226 46.78 8.34 37.46
N MET G 227 46.02 8.88 36.51
CA MET G 227 44.91 8.13 35.94
C MET G 227 45.36 7.20 34.82
N GLU G 228 44.84 5.97 34.84
CA GLU G 228 44.89 5.12 33.66
C GLU G 228 43.51 5.21 33.02
N LEU G 229 43.48 5.53 31.74
CA LEU G 229 42.26 5.73 30.99
C LEU G 229 42.28 4.79 29.79
N VAL G 230 41.20 4.06 29.56
CA VAL G 230 41.08 3.34 28.30
C VAL G 230 40.28 4.20 27.32
N GLU G 231 40.42 3.87 26.04
CA GLU G 231 39.62 4.52 25.01
C GLU G 231 38.16 4.11 25.15
N THR G 232 37.28 5.05 24.84
CA THR G 232 35.85 4.76 24.82
C THR G 232 35.59 3.70 23.76
N ARG G 233 34.87 2.65 24.15
CA ARG G 233 34.59 1.49 23.32
C ARG G 233 33.09 1.35 23.12
N PRO G 234 32.65 0.86 21.97
CA PRO G 234 31.21 0.64 21.73
C PRO G 234 30.71 -0.60 22.47
N ALA G 235 29.57 -0.46 23.16
CA ALA G 235 28.98 -1.62 23.82
C ALA G 235 28.46 -2.61 22.80
N GLY G 236 28.11 -2.15 21.60
CA GLY G 236 27.47 -2.96 20.58
C GLY G 236 25.97 -2.79 20.46
N ASP G 237 25.35 -2.03 21.36
CA ASP G 237 23.92 -1.76 21.31
C ASP G 237 23.62 -0.30 20.93
N GLY G 238 24.63 0.45 20.50
CA GLY G 238 24.52 1.88 20.33
C GLY G 238 24.99 2.72 21.49
N THR G 239 25.11 2.15 22.70
CA THR G 239 25.72 2.85 23.83
C THR G 239 27.22 2.61 23.87
N PHE G 240 27.88 3.26 24.83
CA PHE G 240 29.34 3.21 24.96
C PHE G 240 29.77 2.85 26.38
N GLN G 241 31.04 2.47 26.50
CA GLN G 241 31.64 2.04 27.75
C GLN G 241 33.00 2.70 27.93
N LYS G 242 33.35 3.01 29.17
CA LYS G 242 34.67 3.55 29.48
C LYS G 242 35.01 3.27 30.95
N TRP G 243 36.29 3.13 31.24
CA TRP G 243 36.78 3.14 32.63
C TRP G 243 38.09 3.90 32.78
N ALA G 244 38.29 4.42 33.99
CA ALA G 244 39.52 5.06 34.45
C ALA G 244 40.00 4.39 35.73
N ALA G 245 41.31 4.13 35.84
CA ALA G 245 41.88 3.47 37.01
C ALA G 245 43.06 4.25 37.59
N VAL G 246 43.17 4.21 38.93
CA VAL G 246 44.27 4.76 39.70
C VAL G 246 44.75 3.71 40.68
N VAL G 247 46.05 3.72 40.97
CA VAL G 247 46.66 2.83 41.97
C VAL G 247 47.00 3.65 43.20
N VAL G 248 46.46 3.24 44.35
CA VAL G 248 46.48 4.02 45.58
C VAL G 248 46.88 3.10 46.74
N PRO G 249 47.39 3.68 47.84
CA PRO G 249 47.82 2.82 48.96
C PRO G 249 46.68 2.04 49.59
N LEU G 250 46.98 0.82 50.04
CA LEU G 250 45.98 0.01 50.72
C LEU G 250 45.51 0.71 51.98
N GLY G 251 44.19 0.72 52.18
CA GLY G 251 43.56 1.37 53.31
C GLY G 251 43.23 2.83 53.11
N LYS G 252 43.59 3.41 51.97
CA LYS G 252 43.28 4.80 51.64
C LYS G 252 42.23 4.89 50.53
N GLU G 253 41.55 3.78 50.22
CA GLU G 253 40.68 3.71 49.05
C GLU G 253 39.54 4.71 49.14
N GLN G 254 38.92 4.81 50.31
CA GLN G 254 37.70 5.60 50.48
C GLN G 254 37.91 7.11 50.48
N ASN G 255 39.13 7.62 50.35
CA ASN G 255 39.34 9.05 50.19
C ASN G 255 39.30 9.53 48.75
N TYR G 256 39.14 8.64 47.78
CA TYR G 256 39.20 9.00 46.38
C TYR G 256 37.79 8.95 45.80
N THR G 257 37.50 9.96 44.99
CA THR G 257 36.21 10.15 44.37
C THR G 257 36.40 10.18 42.85
N CYS G 258 35.50 9.52 42.15
CA CYS G 258 35.46 9.54 40.70
C CYS G 258 34.36 10.49 40.24
N HIS G 259 34.68 11.30 39.24
CA HIS G 259 33.75 12.30 38.73
C HIS G 259 33.42 12.02 37.27
N VAL G 260 32.13 12.14 36.94
CA VAL G 260 31.58 11.79 35.64
C VAL G 260 30.83 12.97 35.04
N HIS G 261 31.28 13.43 33.89
CA HIS G 261 30.58 14.45 33.11
C HIS G 261 29.98 13.81 31.86
N HIS G 262 28.71 14.12 31.59
CA HIS G 262 28.07 13.62 30.37
C HIS G 262 26.86 14.48 30.06
N LYS G 263 26.52 14.54 28.76
CA LYS G 263 25.39 15.35 28.31
C LYS G 263 24.07 14.86 28.92
N GLY G 264 24.00 13.58 29.28
CA GLY G 264 22.88 13.05 30.04
C GLY G 264 22.88 13.41 31.50
N LEU G 265 23.96 14.00 32.01
CA LEU G 265 23.99 14.35 33.43
C LEU G 265 24.02 15.86 33.59
N PRO G 266 22.92 16.47 34.05
CA PRO G 266 22.95 17.93 34.29
C PRO G 266 23.96 18.27 35.35
N GLU G 267 24.13 17.40 36.34
CA GLU G 267 25.20 17.58 37.30
C GLU G 267 26.13 16.38 37.20
N PRO G 268 27.43 16.62 37.30
CA PRO G 268 28.39 15.52 37.24
C PRO G 268 28.33 14.62 38.47
N LEU G 269 28.51 13.32 38.23
CA LEU G 269 28.54 12.29 39.25
C LEU G 269 29.83 12.33 40.09
N THR G 270 29.70 11.92 41.35
CA THR G 270 30.80 11.71 42.28
C THR G 270 30.62 10.30 42.86
N LEU G 271 31.61 9.41 42.66
CA LEU G 271 31.47 8.06 43.16
C LEU G 271 32.63 7.66 44.05
N ARG G 272 32.34 6.72 44.94
CA ARG G 272 33.28 6.14 45.89
C ARG G 272 33.07 4.63 45.84
N TRP G 273 34.07 3.86 46.25
CA TRP G 273 33.85 2.42 46.28
C TRP G 273 32.84 1.99 47.36
N MET H 1 55.19 5.44 5.15
CA MET H 1 54.39 4.31 5.60
C MET H 1 54.44 4.20 7.12
N ILE H 2 53.32 4.49 7.75
CA ILE H 2 53.29 4.47 9.21
C ILE H 2 52.71 3.12 9.60
N GLN H 3 53.13 2.61 10.74
CA GLN H 3 52.53 1.42 11.33
C GLN H 3 52.13 1.62 12.80
N ARG H 4 50.88 1.31 13.11
CA ARG H 4 50.34 1.35 14.46
C ARG H 4 49.79 -0.01 14.86
N THR H 5 50.26 -0.50 16.00
CA THR H 5 49.75 -1.75 16.56
C THR H 5 48.37 -1.49 17.18
N PRO H 6 47.46 -2.43 17.05
CA PRO H 6 46.09 -2.21 17.55
C PRO H 6 45.98 -2.23 19.07
N LYS H 7 45.19 -1.29 19.59
CA LYS H 7 44.64 -1.43 20.93
C LYS H 7 43.55 -2.49 20.92
N ILE H 8 43.45 -3.27 22.00
CA ILE H 8 42.54 -4.40 22.03
C ILE H 8 41.83 -4.43 23.38
N GLN H 9 40.50 -4.45 23.35
CA GLN H 9 39.70 -4.72 24.54
C GLN H 9 38.67 -5.80 24.24
N VAL H 10 38.59 -6.78 25.12
CA VAL H 10 37.62 -7.87 25.06
C VAL H 10 36.77 -7.73 26.32
N TYR H 11 35.46 -7.70 26.13
CA TYR H 11 34.53 -7.36 27.20
C TYR H 11 33.13 -7.83 26.81
N SER H 12 32.22 -7.72 27.76
CA SER H 12 30.84 -8.12 27.50
C SER H 12 29.97 -6.88 27.31
N ARG H 13 28.91 -7.05 26.50
CA ARG H 13 28.01 -5.94 26.23
C ARG H 13 27.27 -5.49 27.48
N HIS H 14 26.80 -6.44 28.27
CA HIS H 14 26.09 -6.16 29.50
C HIS H 14 26.83 -6.80 30.68
N PRO H 15 26.52 -6.39 31.91
CA PRO H 15 27.18 -6.99 33.07
C PRO H 15 26.83 -8.47 33.15
N ALA H 16 27.86 -9.29 33.24
CA ALA H 16 27.73 -10.73 32.99
C ALA H 16 26.94 -11.41 34.10
N GLU H 17 25.99 -12.26 33.71
CA GLU H 17 25.32 -13.19 34.61
C GLU H 17 25.24 -14.56 33.96
N ASN H 18 25.68 -15.58 34.69
CA ASN H 18 25.79 -16.94 34.17
C ASN H 18 24.43 -17.51 33.78
N GLY H 19 24.33 -18.02 32.55
CA GLY H 19 23.08 -18.53 32.06
C GLY H 19 22.20 -17.49 31.41
N LYS H 20 22.66 -16.25 31.34
CA LYS H 20 21.94 -15.17 30.67
C LYS H 20 22.63 -14.81 29.36
N SER H 21 21.84 -14.78 28.30
CA SER H 21 22.37 -14.48 26.98
C SER H 21 22.95 -13.06 26.95
N ASN H 22 24.11 -12.95 26.32
CA ASN H 22 24.92 -11.74 26.36
C ASN H 22 25.60 -11.60 25.02
N PHE H 23 26.44 -10.59 24.89
CA PHE H 23 27.22 -10.37 23.69
C PHE H 23 28.66 -10.27 24.14
N LEU H 24 29.55 -11.00 23.47
CA LEU H 24 30.97 -10.88 23.74
C LEU H 24 31.53 -9.96 22.68
N ASN H 25 32.23 -8.90 23.12
CA ASN H 25 32.76 -7.91 22.20
C ASN H 25 34.27 -7.97 22.29
N CYS H 26 34.92 -7.96 21.13
CA CYS H 26 36.32 -7.63 21.01
C CYS H 26 36.42 -6.35 20.20
N TYR H 27 36.92 -5.29 20.82
CA TYR H 27 37.16 -4.03 20.14
C TYR H 27 38.65 -3.84 19.88
N VAL H 28 38.99 -3.73 18.60
CA VAL H 28 40.36 -3.45 18.17
C VAL H 28 40.35 -2.08 17.49
N SER H 29 41.26 -1.19 17.92
CA SER H 29 41.26 0.17 17.42
C SER H 29 42.68 0.73 17.42
N GLY H 30 42.83 1.88 16.77
CA GLY H 30 44.11 2.57 16.71
C GLY H 30 45.22 1.89 15.93
N PHE H 31 44.88 1.02 14.98
CA PHE H 31 45.85 0.30 14.18
C PHE H 31 45.93 0.81 12.75
N HIS H 32 47.13 0.68 12.18
CA HIS H 32 47.36 0.95 10.77
C HIS H 32 48.51 0.07 10.25
N PRO H 33 48.33 -0.58 9.09
CA PRO H 33 47.19 -0.43 8.18
C PRO H 33 45.93 -1.19 8.57
N SER H 34 44.93 -1.06 7.69
CA SER H 34 43.59 -1.55 7.98
C SER H 34 43.50 -3.08 8.05
N ASP H 35 44.27 -3.84 7.24
CA ASP H 35 44.10 -5.30 7.27
C ASP H 35 44.47 -5.87 8.65
N ILE H 36 43.53 -6.60 9.23
CA ILE H 36 43.68 -7.14 10.58
C ILE H 36 42.84 -8.41 10.73
N GLU H 37 43.41 -9.43 11.38
CA GLU H 37 42.71 -10.68 11.63
C GLU H 37 42.29 -10.74 13.10
N VAL H 38 40.98 -10.91 13.34
CA VAL H 38 40.41 -10.92 14.69
C VAL H 38 39.50 -12.13 14.83
N ASP H 39 39.77 -12.97 15.85
CA ASP H 39 39.01 -14.16 16.21
C ASP H 39 38.63 -14.14 17.68
N LEU H 40 37.46 -14.69 17.97
CA LEU H 40 37.01 -14.87 19.35
C LEU H 40 37.13 -16.35 19.72
N LEU H 41 37.63 -16.62 20.92
CA LEU H 41 37.99 -17.97 21.34
C LEU H 41 37.17 -18.36 22.55
N LYS H 42 36.67 -19.59 22.57
CA LYS H 42 36.06 -20.17 23.76
C LYS H 42 36.76 -21.46 24.16
N ASN H 43 37.41 -21.45 25.33
CA ASN H 43 38.15 -22.62 25.81
C ASN H 43 39.17 -23.06 24.78
N GLY H 44 39.76 -22.10 24.07
CA GLY H 44 40.80 -22.40 23.10
C GLY H 44 40.27 -22.65 21.71
N GLU H 45 38.99 -22.98 21.57
CA GLU H 45 38.39 -23.17 20.25
C GLU H 45 37.83 -21.87 19.70
N ARG H 46 38.04 -21.69 18.40
CA ARG H 46 37.59 -20.50 17.70
C ARG H 46 36.07 -20.52 17.52
N ILE H 47 35.41 -19.40 17.83
CA ILE H 47 33.95 -19.32 17.75
C ILE H 47 33.58 -18.93 16.32
N GLU H 48 32.68 -19.70 15.71
CA GLU H 48 32.29 -19.40 14.33
C GLU H 48 31.12 -18.43 14.22
N LYS H 49 31.04 -17.76 13.06
CA LYS H 49 29.99 -16.80 12.73
C LYS H 49 30.04 -15.57 13.63
N VAL H 50 31.22 -14.98 13.75
CA VAL H 50 31.42 -13.74 14.49
C VAL H 50 31.34 -12.57 13.51
N GLU H 51 30.37 -11.70 13.75
CA GLU H 51 30.17 -10.46 13.01
C GLU H 51 31.11 -9.38 13.49
N HIS H 52 31.32 -8.40 12.61
CA HIS H 52 32.07 -7.21 12.93
C HIS H 52 31.43 -6.00 12.27
N SER H 53 31.73 -4.83 12.84
CA SER H 53 31.19 -3.57 12.34
C SER H 53 31.87 -3.22 11.02
N ASP H 54 31.29 -2.22 10.35
CA ASP H 54 31.89 -1.70 9.13
C ASP H 54 33.14 -0.88 9.42
N LEU H 55 34.13 -1.01 8.54
CA LEU H 55 35.43 -0.41 8.78
C LEU H 55 35.34 1.12 8.80
N SER H 56 35.84 1.69 9.89
CA SER H 56 35.83 3.13 10.11
C SER H 56 37.17 3.51 10.71
N PHE H 57 37.44 4.81 10.82
CA PHE H 57 38.71 5.25 11.37
C PHE H 57 38.47 6.47 12.26
N SER H 58 39.46 6.75 13.10
CA SER H 58 39.37 7.84 14.06
C SER H 58 39.98 9.13 13.50
N LYS H 59 39.99 10.17 14.35
CA LYS H 59 40.50 11.47 13.96
C LYS H 59 41.96 11.41 13.55
N ASP H 60 42.74 10.53 14.18
CA ASP H 60 44.14 10.36 13.82
C ASP H 60 44.33 9.42 12.63
N TRP H 61 43.25 9.05 11.93
CA TRP H 61 43.21 8.21 10.73
C TRP H 61 43.42 6.74 11.07
N SER H 62 43.51 6.38 12.34
CA SER H 62 43.67 4.99 12.73
C SER H 62 42.33 4.26 12.76
N PHE H 63 42.35 3.03 12.26
CA PHE H 63 41.14 2.23 12.09
C PHE H 63 40.67 1.61 13.40
N TYR H 64 39.36 1.38 13.47
CA TYR H 64 38.76 0.62 14.55
C TYR H 64 37.70 -0.33 14.00
N LEU H 65 37.60 -1.49 14.63
CA LEU H 65 36.62 -2.51 14.29
C LEU H 65 36.04 -3.07 15.58
N LEU H 66 34.75 -3.39 15.58
CA LEU H 66 34.12 -4.12 16.66
C LEU H 66 33.73 -5.51 16.19
N TYR H 67 34.28 -6.55 16.83
CA TYR H 67 33.95 -7.93 16.53
C TYR H 67 33.11 -8.48 17.69
N TYR H 68 31.96 -9.07 17.37
CA TYR H 68 30.96 -9.43 18.37
C TYR H 68 30.20 -10.69 17.99
N THR H 69 29.87 -11.51 18.99
CA THR H 69 28.97 -12.65 18.83
C THR H 69 28.09 -12.80 20.05
N GLU H 70 26.88 -13.32 19.85
CA GLU H 70 26.03 -13.70 20.97
C GLU H 70 26.69 -14.83 21.75
N PHE H 71 26.68 -14.72 23.07
CA PHE H 71 27.17 -15.82 23.91
C PHE H 71 26.42 -15.83 25.23
N THR H 72 26.48 -16.97 25.89
CA THR H 72 25.93 -17.11 27.25
C THR H 72 27.07 -17.48 28.19
N PRO H 73 27.45 -16.60 29.11
CA PRO H 73 28.54 -16.92 30.04
C PRO H 73 28.12 -17.97 31.04
N THR H 74 29.09 -18.80 31.42
CA THR H 74 28.97 -19.81 32.46
C THR H 74 30.05 -19.51 33.50
N GLU H 75 30.11 -20.35 34.53
CA GLU H 75 31.13 -20.17 35.56
C GLU H 75 32.55 -20.44 35.06
N LYS H 76 32.76 -21.55 34.35
CA LYS H 76 34.10 -22.01 34.01
C LYS H 76 34.50 -21.86 32.55
N ASP H 77 33.63 -21.31 31.70
CA ASP H 77 34.00 -21.12 30.30
C ASP H 77 34.94 -19.92 30.16
N GLU H 78 36.09 -20.16 29.53
CA GLU H 78 37.14 -19.17 29.31
C GLU H 78 37.02 -18.59 27.89
N TYR H 79 37.10 -17.26 27.79
CA TYR H 79 36.91 -16.55 26.53
C TYR H 79 38.09 -15.64 26.28
N ALA H 80 38.42 -15.44 24.99
CA ALA H 80 39.53 -14.57 24.66
C ALA H 80 39.39 -14.02 23.24
N CYS H 81 40.24 -13.03 22.96
CA CYS H 81 40.39 -12.46 21.63
C CYS H 81 41.77 -12.78 21.12
N ARG H 82 41.85 -13.23 19.87
CA ARG H 82 43.13 -13.47 19.22
C ARG H 82 43.23 -12.58 17.98
N VAL H 83 44.17 -11.61 18.05
CA VAL H 83 44.39 -10.60 17.02
C VAL H 83 45.74 -10.84 16.38
N ASN H 84 45.79 -10.83 15.06
CA ASN H 84 47.06 -10.80 14.35
C ASN H 84 47.09 -9.59 13.43
N HIS H 85 48.24 -8.92 13.39
CA HIS H 85 48.42 -7.69 12.61
C HIS H 85 49.84 -7.69 12.06
N VAL H 86 50.08 -6.82 11.09
CA VAL H 86 51.41 -6.71 10.51
C VAL H 86 52.43 -6.25 11.53
N THR H 87 52.01 -5.40 12.47
CA THR H 87 52.89 -4.89 13.52
C THR H 87 53.26 -5.95 14.55
N LEU H 88 52.47 -7.03 14.65
CA LEU H 88 52.62 -8.05 15.68
C LEU H 88 53.38 -9.25 15.13
N SER H 89 54.55 -9.51 15.72
CA SER H 89 55.35 -10.66 15.31
C SER H 89 54.61 -11.97 15.53
N GLN H 90 53.90 -12.10 16.64
CA GLN H 90 53.12 -13.29 16.92
C GLN H 90 51.69 -12.85 17.23
N PRO H 91 50.71 -13.73 17.01
CA PRO H 91 49.33 -13.34 17.29
C PRO H 91 49.13 -13.07 18.78
N LYS H 92 48.37 -12.02 19.08
CA LYS H 92 48.09 -11.62 20.45
C LYS H 92 46.76 -12.18 20.95
N ILE H 93 46.82 -12.84 22.11
CA ILE H 93 45.64 -13.35 22.79
C ILE H 93 45.45 -12.50 24.04
N VAL H 94 44.22 -12.00 24.22
CA VAL H 94 43.85 -11.22 25.39
C VAL H 94 42.68 -11.94 26.04
N LYS H 95 42.82 -12.28 27.31
CA LYS H 95 41.74 -13.01 27.96
C LYS H 95 40.68 -12.03 28.44
N TRP H 96 39.43 -12.50 28.42
CA TRP H 96 38.31 -11.75 28.96
C TRP H 96 38.26 -11.83 30.48
N ASP H 97 38.19 -10.67 31.13
CA ASP H 97 38.11 -10.59 32.59
C ASP H 97 36.81 -9.83 32.89
N ARG H 98 35.85 -10.53 33.50
CA ARG H 98 34.53 -9.95 33.80
C ARG H 98 34.53 -8.94 34.94
N ASP H 99 35.62 -8.79 35.68
CA ASP H 99 35.72 -7.69 36.64
C ASP H 99 36.44 -6.45 36.10
N MET H 100 37.33 -6.60 35.13
CA MET H 100 38.10 -5.47 34.62
C MET H 100 37.62 -5.04 33.25
N TYR I 1 24.23 12.32 3.24
CA TYR I 1 24.19 12.44 1.79
C TYR I 1 25.62 12.41 1.25
N TYR I 2 25.94 11.36 0.49
CA TYR I 2 27.29 11.17 -0.01
C TYR I 2 27.59 12.18 -1.13
N GLN I 3 28.87 12.52 -1.27
CA GLN I 3 29.39 13.38 -2.34
C GLN I 3 30.60 12.78 -3.04
N SER I 4 30.61 12.89 -4.36
CA SER I 4 31.71 12.43 -5.20
C SER I 4 32.82 13.46 -5.35
N GLY I 5 34.03 12.96 -5.58
CA GLY I 5 35.19 13.82 -5.83
C GLY I 5 35.10 14.54 -7.16
N LEU I 6 35.79 15.69 -7.24
CA LEU I 6 35.91 16.38 -8.52
C LEU I 6 37.28 16.09 -9.12
N SER I 7 38.21 17.03 -8.98
CA SER I 7 39.56 16.86 -9.52
C SER I 7 40.29 15.68 -8.91
N ILE I 8 41.06 15.00 -9.77
CA ILE I 8 41.91 13.92 -9.32
C ILE I 8 43.03 14.50 -8.46
N VAL I 9 43.51 13.71 -7.50
CA VAL I 9 44.70 14.04 -6.73
C VAL I 9 45.87 14.38 -7.66
N PRO J 1 18.80 21.34 40.72
CA PRO J 1 18.20 21.42 42.06
C PRO J 1 17.82 20.06 42.62
N HIS J 2 17.78 19.93 43.94
CA HIS J 2 17.33 18.69 44.55
C HIS J 2 16.45 19.00 45.76
N SER J 3 15.61 18.03 46.11
CA SER J 3 14.67 18.24 47.20
C SER J 3 14.62 17.02 48.11
N LEU J 4 14.29 17.29 49.37
CA LEU J 4 14.00 16.26 50.36
C LEU J 4 12.60 16.54 50.85
N ARG J 5 11.76 15.50 50.86
CA ARG J 5 10.38 15.63 51.31
C ARG J 5 9.96 14.44 52.15
N TYR J 6 9.10 14.73 53.13
CA TYR J 6 8.40 13.70 53.87
C TYR J 6 6.91 14.01 53.72
N PHE J 7 6.13 12.99 53.37
CA PHE J 7 4.69 13.08 53.21
C PHE J 7 4.07 12.19 54.27
N VAL J 8 3.38 12.82 55.23
CA VAL J 8 2.92 12.19 56.46
C VAL J 8 1.39 12.22 56.51
N THR J 9 0.78 11.04 56.69
CA THR J 9 -0.67 10.90 56.77
C THR J 9 -1.08 10.23 58.08
N ALA J 10 -2.05 10.81 58.77
CA ALA J 10 -2.67 10.25 59.96
C ALA J 10 -4.17 10.14 59.77
N VAL J 11 -4.70 8.92 59.83
CA VAL J 11 -6.12 8.67 59.60
C VAL J 11 -6.70 8.01 60.84
N SER J 12 -7.57 8.73 61.54
CA SER J 12 -8.35 8.15 62.62
C SER J 12 -9.38 7.15 62.11
N ARG J 13 -9.55 6.05 62.86
CA ARG J 13 -10.51 4.99 62.56
C ARG J 13 -11.28 4.67 63.84
N PRO J 14 -12.26 5.48 64.22
CA PRO J 14 -13.00 5.21 65.47
C PRO J 14 -13.64 3.82 65.44
N GLY J 15 -13.34 3.03 66.47
CA GLY J 15 -13.81 1.67 66.51
C GLY J 15 -12.85 0.67 65.93
N LEU J 16 -11.88 1.10 65.12
CA LEU J 16 -10.94 0.20 64.49
C LEU J 16 -9.54 0.29 65.09
N GLY J 17 -9.40 0.87 66.28
CA GLY J 17 -8.10 1.00 66.87
C GLY J 17 -7.52 2.40 66.80
N GLU J 18 -6.21 2.48 67.00
CA GLU J 18 -5.49 3.74 67.01
C GLU J 18 -5.35 4.25 65.57
N PRO J 19 -5.11 5.55 65.40
CA PRO J 19 -5.03 6.10 64.05
C PRO J 19 -3.88 5.48 63.26
N ARG J 20 -4.04 5.52 61.94
CA ARG J 20 -3.04 4.95 61.05
C ARG J 20 -2.07 6.06 60.69
N PHE J 21 -0.78 5.78 60.85
CA PHE J 21 0.27 6.76 60.64
C PHE J 21 1.24 6.26 59.57
N ILE J 22 1.40 7.05 58.51
CA ILE J 22 2.33 6.75 57.43
C ILE J 22 3.22 7.96 57.23
N ALA J 23 4.53 7.73 57.15
CA ALA J 23 5.49 8.74 56.73
C ALA J 23 6.34 8.18 55.58
N VAL J 24 6.37 8.90 54.47
CA VAL J 24 7.09 8.48 53.28
C VAL J 24 8.10 9.57 52.93
N GLY J 25 9.35 9.18 52.67
CA GLY J 25 10.43 10.12 52.41
C GLY J 25 10.82 10.05 50.95
N TYR J 26 11.13 11.21 50.37
CA TYR J 26 11.52 11.28 48.98
C TYR J 26 12.73 12.17 48.88
N VAL J 27 13.66 11.81 48.00
CA VAL J 27 14.66 12.73 47.49
C VAL J 27 14.34 12.90 46.01
N ASP J 28 14.01 14.13 45.62
CA ASP J 28 13.55 14.45 44.27
C ASP J 28 12.31 13.61 43.98
N ASP J 29 12.32 12.77 42.94
CA ASP J 29 11.20 11.90 42.61
C ASP J 29 11.47 10.46 43.03
N THR J 30 12.40 10.25 43.97
CA THR J 30 12.81 8.91 44.38
C THR J 30 12.51 8.70 45.86
N GLN J 31 11.70 7.68 46.15
CA GLN J 31 11.42 7.31 47.53
C GLN J 31 12.62 6.60 48.12
N PHE J 32 13.01 6.98 49.33
CA PHE J 32 14.17 6.36 49.96
C PHE J 32 13.88 5.68 51.30
N VAL J 33 12.84 6.11 52.04
CA VAL J 33 12.49 5.51 53.32
C VAL J 33 10.98 5.51 53.46
N ARG J 34 10.46 4.64 54.34
CA ARG J 34 9.04 4.75 54.68
C ARG J 34 8.85 4.25 56.11
N PHE J 35 7.86 4.81 56.81
CA PHE J 35 7.35 4.27 58.07
C PHE J 35 5.85 4.07 57.95
N ASP J 36 5.37 2.88 58.29
CA ASP J 36 3.93 2.63 58.32
C ASP J 36 3.51 1.90 59.60
N SER J 37 2.61 2.53 60.36
CA SER J 37 2.18 2.02 61.65
C SER J 37 1.46 0.68 61.51
N ASP J 38 0.96 0.36 60.33
CA ASP J 38 0.24 -0.88 60.10
C ASP J 38 1.15 -1.99 59.58
N ALA J 39 2.43 -1.70 59.37
CA ALA J 39 3.38 -2.73 58.99
C ALA J 39 3.68 -3.61 60.20
N ASP J 40 4.38 -4.72 59.94
CA ASP J 40 4.48 -5.79 60.95
C ASP J 40 5.28 -5.33 62.16
N ASN J 41 6.51 -4.87 61.94
CA ASN J 41 7.34 -4.34 63.02
C ASN J 41 7.47 -2.85 62.73
N PRO J 42 6.71 -1.99 63.40
CA PRO J 42 6.60 -0.61 62.90
C PRO J 42 7.94 0.08 63.07
N ARG J 43 8.52 0.47 61.94
CA ARG J 43 9.81 1.14 61.97
C ARG J 43 9.98 1.86 60.64
N PHE J 44 10.87 2.85 60.63
CA PHE J 44 11.33 3.42 59.39
C PHE J 44 12.20 2.41 58.65
N GLU J 45 11.90 2.17 57.38
CA GLU J 45 12.59 1.14 56.63
C GLU J 45 13.17 1.77 55.37
N PRO J 46 14.28 1.24 54.86
CA PRO J 46 14.83 1.74 53.60
C PRO J 46 13.98 1.33 52.42
N ARG J 47 13.75 2.27 51.49
CA ARG J 47 13.03 1.93 50.28
C ARG J 47 13.90 2.14 49.04
N ALA J 48 15.18 2.44 49.22
CA ALA J 48 16.15 2.51 48.13
C ALA J 48 17.46 1.86 48.53
N PRO J 49 18.17 1.23 47.58
CA PRO J 49 19.39 0.48 47.93
C PRO J 49 20.50 1.34 48.51
N TRP J 50 20.58 2.61 48.16
CA TRP J 50 21.64 3.41 48.75
C TRP J 50 21.39 3.73 50.20
N MET J 51 20.28 3.28 50.78
CA MET J 51 20.00 3.56 52.17
C MET J 51 20.33 2.39 53.07
N GLU J 52 20.52 1.19 52.49
CA GLU J 52 20.68 -0.03 53.27
C GLU J 52 22.04 -0.14 53.95
N GLN J 53 22.99 0.71 53.57
CA GLN J 53 24.31 0.68 54.19
C GLN J 53 24.40 1.62 55.40
N GLU J 54 23.33 2.37 55.66
CA GLU J 54 23.25 3.22 56.84
C GLU J 54 23.15 2.37 58.10
N GLY J 55 23.82 2.80 59.17
CA GLY J 55 23.90 2.03 60.39
C GLY J 55 22.65 1.93 61.25
N PRO J 56 22.72 1.09 62.30
CA PRO J 56 21.58 0.96 63.21
C PRO J 56 21.22 2.21 63.98
N GLU J 57 22.19 3.12 64.18
CA GLU J 57 21.92 4.32 64.98
C GLU J 57 21.08 5.32 64.21
N TYR J 58 21.21 5.37 62.89
CA TYR J 58 20.32 6.19 62.08
C TYR J 58 18.89 5.68 62.14
N TRP J 59 18.70 4.36 61.95
CA TRP J 59 17.35 3.80 61.96
C TRP J 59 16.67 3.91 63.31
N GLU J 60 17.39 3.70 64.43
CA GLU J 60 16.70 3.83 65.72
C GLU J 60 16.24 5.25 65.97
N GLU J 61 17.08 6.24 65.64
CA GLU J 61 16.65 7.63 65.82
C GLU J 61 15.45 7.97 64.93
N GLN J 62 15.50 7.57 63.66
CA GLN J 62 14.37 7.86 62.78
C GLN J 62 13.09 7.22 63.29
N THR J 63 13.17 5.98 63.75
CA THR J 63 11.99 5.31 64.29
C THR J 63 11.47 6.01 65.52
N GLN J 64 12.36 6.46 66.41
CA GLN J 64 11.90 7.18 67.58
C GLN J 64 11.23 8.51 67.23
N ARG J 65 11.79 9.25 66.27
CA ARG J 65 11.10 10.47 65.83
C ARG J 65 9.75 10.13 65.20
N ALA J 66 9.69 9.03 64.44
CA ALA J 66 8.41 8.58 63.90
C ALA J 66 7.42 8.16 65.00
N LYS J 67 7.89 7.43 66.02
CA LYS J 67 7.00 7.06 67.13
C LYS J 67 6.53 8.24 67.94
N SER J 68 7.36 9.26 68.10
CA SER J 68 6.92 10.49 68.74
C SER J 68 5.84 11.18 67.92
N ASP J 69 6.05 11.31 66.60
CA ASP J 69 5.07 11.91 65.71
C ASP J 69 3.74 11.18 65.65
N GLU J 70 3.73 9.86 65.74
CA GLU J 70 2.46 9.16 65.71
C GLU J 70 1.56 9.63 66.85
N GLN J 71 2.13 9.75 68.05
CA GLN J 71 1.40 10.26 69.22
C GLN J 71 1.04 11.73 69.07
N TRP J 72 1.90 12.51 68.44
CA TRP J 72 1.60 13.92 68.17
C TRP J 72 0.35 14.08 67.31
N PHE J 73 0.22 13.25 66.26
CA PHE J 73 -0.97 13.29 65.40
C PHE J 73 -2.26 12.85 66.09
N ARG J 74 -2.20 11.83 66.95
CA ARG J 74 -3.42 11.45 67.67
C ARG J 74 -3.93 12.57 68.55
N VAL J 75 -3.03 13.27 69.25
CA VAL J 75 -3.43 14.45 70.01
C VAL J 75 -3.98 15.52 69.08
N SER J 76 -3.32 15.74 67.94
CA SER J 76 -3.74 16.79 67.03
C SER J 76 -5.08 16.48 66.39
N LEU J 77 -5.35 15.20 66.07
CA LEU J 77 -6.65 14.85 65.52
C LEU J 77 -7.77 15.07 66.51
N ARG J 78 -7.52 14.76 67.78
CA ARG J 78 -8.46 15.03 68.86
C ARG J 78 -8.65 16.53 69.11
N THR J 79 -7.58 17.30 69.10
CA THR J 79 -7.71 18.74 69.23
C THR J 79 -8.46 19.36 68.05
N ALA J 80 -8.09 18.97 66.82
CA ALA J 80 -8.78 19.49 65.65
C ALA J 80 -10.25 19.06 65.59
N GLN J 81 -10.53 17.84 66.02
CA GLN J 81 -11.92 17.38 66.05
C GLN J 81 -12.75 18.23 67.01
N ARG J 82 -12.18 18.58 68.15
CA ARG J 82 -12.80 19.52 69.07
C ARG J 82 -12.87 20.93 68.51
N TYR J 83 -11.84 21.37 67.75
CA TYR J 83 -11.86 22.72 67.19
C TYR J 83 -13.04 22.91 66.25
N TYR J 84 -13.31 21.89 65.43
CA TYR J 84 -14.35 21.95 64.43
C TYR J 84 -15.67 21.45 64.99
N ASN J 85 -15.71 21.11 66.29
CA ASN J 85 -16.87 20.54 66.96
C ASN J 85 -17.47 19.40 66.12
N GLN J 86 -16.59 18.48 65.78
CA GLN J 86 -16.95 17.35 64.95
C GLN J 86 -17.41 16.20 65.84
N SER J 87 -18.23 15.32 65.27
CA SER J 87 -18.70 14.19 66.06
C SER J 87 -17.59 13.18 66.26
N LYS J 88 -17.61 12.52 67.41
CA LYS J 88 -16.55 11.60 67.79
C LYS J 88 -16.45 10.40 66.87
N GLY J 89 -17.52 10.05 66.16
CA GLY J 89 -17.50 8.85 65.36
C GLY J 89 -17.02 8.98 63.93
N GLY J 90 -16.71 10.18 63.44
CA GLY J 90 -16.21 10.29 62.07
C GLY J 90 -14.73 9.98 61.96
N SER J 91 -14.35 9.42 60.81
CA SER J 91 -12.95 9.33 60.41
C SER J 91 -12.45 10.66 59.87
N HIS J 92 -11.25 11.08 60.31
CA HIS J 92 -10.64 12.31 59.85
C HIS J 92 -9.16 12.10 59.49
N THR J 93 -8.64 13.02 58.68
CA THR J 93 -7.30 12.94 58.13
C THR J 93 -6.52 14.20 58.49
N PHE J 94 -5.31 13.99 59.04
CA PHE J 94 -4.28 15.01 59.07
C PHE J 94 -3.20 14.65 58.07
N GLN J 95 -2.71 15.67 57.35
CA GLN J 95 -1.60 15.52 56.43
C GLN J 95 -0.53 16.55 56.74
N ARG J 96 0.72 16.12 56.64
CA ARG J 96 1.87 16.99 56.85
C ARG J 96 2.89 16.75 55.74
N MET J 97 3.31 17.84 55.08
CA MET J 97 4.42 17.81 54.14
C MET J 97 5.51 18.71 54.70
N PHE J 98 6.74 18.20 54.76
CA PHE J 98 7.88 19.03 55.13
C PHE J 98 9.12 18.56 54.37
N GLY J 99 10.08 19.46 54.26
CA GLY J 99 11.33 19.15 53.60
C GLY J 99 12.00 20.44 53.15
N CYS J 100 12.94 20.30 52.22
CA CYS J 100 13.67 21.47 51.75
C CYS J 100 14.05 21.28 50.29
N ASP J 101 14.27 22.41 49.61
CA ASP J 101 14.78 22.42 48.25
C ASP J 101 16.17 23.04 48.23
N VAL J 102 17.04 22.51 47.39
CA VAL J 102 18.35 23.11 47.22
C VAL J 102 18.54 23.28 45.72
N GLY J 103 19.33 24.28 45.36
CA GLY J 103 19.69 24.55 43.99
C GLY J 103 20.99 23.93 43.56
N SER J 104 21.56 24.55 42.53
CA SER J 104 22.85 24.16 41.98
C SER J 104 23.93 24.30 43.04
N ASP J 105 23.74 25.24 43.96
CA ASP J 105 24.62 25.41 45.10
C ASP J 105 24.52 24.31 46.13
N TRP J 106 23.46 23.52 46.12
CA TRP J 106 23.17 22.52 47.15
C TRP J 106 22.96 23.18 48.52
N ARG J 107 22.93 24.51 48.55
CA ARG J 107 22.46 25.30 49.66
C ARG J 107 20.94 25.40 49.62
N LEU J 108 20.38 25.91 50.72
CA LEU J 108 18.94 25.80 50.93
C LEU J 108 18.23 26.82 50.03
N LEU J 109 17.36 26.35 49.12
CA LEU J 109 16.50 27.23 48.37
C LEU J 109 15.20 27.56 49.09
N ARG J 110 14.52 26.55 49.62
CA ARG J 110 13.28 26.75 50.35
C ARG J 110 13.06 25.62 51.35
N GLY J 111 12.47 25.96 52.50
CA GLY J 111 12.07 24.97 53.49
C GLY J 111 10.56 24.91 53.55
N TYR J 112 10.02 23.72 53.75
CA TYR J 112 8.59 23.51 53.80
C TYR J 112 8.14 22.89 55.13
N HIS J 113 7.02 23.40 55.66
CA HIS J 113 6.30 22.78 56.78
C HIS J 113 4.84 23.23 56.72
N GLN J 114 3.97 22.35 56.24
CA GLN J 114 2.60 22.72 55.96
C GLN J 114 1.69 21.56 56.32
N PHE J 115 0.45 21.90 56.68
CA PHE J 115 -0.52 20.89 57.08
C PHE J 115 -1.81 21.08 56.29
N ALA J 116 -2.49 19.97 56.07
CA ALA J 116 -3.87 19.93 55.58
C ALA J 116 -4.68 19.13 56.58
N TYR J 117 -5.90 19.59 56.86
CA TYR J 117 -6.86 18.80 57.62
C TYR J 117 -8.06 18.42 56.77
N ASP J 118 -8.33 17.11 56.71
CA ASP J 118 -9.43 16.55 55.94
C ASP J 118 -9.42 16.99 54.47
N GLY J 119 -8.22 16.94 53.87
CA GLY J 119 -8.05 17.26 52.45
C GLY J 119 -7.94 18.72 52.09
N ARG J 120 -7.96 19.64 53.07
CA ARG J 120 -7.90 21.07 52.81
C ARG J 120 -6.78 21.73 53.61
N ASP J 121 -6.35 22.88 53.10
CA ASP J 121 -5.25 23.62 53.69
C ASP J 121 -5.58 23.93 55.14
N TYR J 122 -4.60 23.77 56.03
CA TYR J 122 -4.84 24.06 57.44
C TYR J 122 -3.94 25.17 57.95
N ILE J 123 -2.64 24.93 58.04
CA ILE J 123 -1.64 25.96 58.34
C ILE J 123 -0.37 25.61 57.56
N ALA J 124 0.33 26.64 57.08
CA ALA J 124 1.61 26.44 56.42
C ALA J 124 2.62 27.46 56.92
N LEU J 125 3.85 27.01 57.12
CA LEU J 125 4.96 27.94 57.35
C LEU J 125 5.27 28.68 56.05
N ASN J 126 5.45 30.00 56.16
CA ASN J 126 5.77 30.79 54.99
C ASN J 126 7.23 30.65 54.60
N GLU J 127 7.56 31.18 53.43
CA GLU J 127 8.90 31.07 52.86
C GLU J 127 9.96 31.71 53.73
N ASP J 128 9.58 32.68 54.57
CA ASP J 128 10.51 33.22 55.56
C ASP J 128 10.89 32.22 56.63
N LEU J 129 10.08 31.17 56.81
CA LEU J 129 10.25 30.20 57.89
C LEU J 129 10.13 30.86 59.26
N LYS J 130 9.40 31.97 59.34
CA LYS J 130 9.22 32.61 60.63
C LYS J 130 7.76 32.80 60.95
N THR J 131 6.92 32.95 59.92
CA THR J 131 5.51 33.23 60.08
C THR J 131 4.67 32.17 59.39
N TRP J 132 3.41 32.08 59.82
CA TRP J 132 2.46 31.08 59.34
C TRP J 132 1.31 31.74 58.61
N THR J 133 0.74 31.00 57.65
CA THR J 133 -0.52 31.39 57.00
C THR J 133 -1.57 30.38 57.49
N ALA J 134 -2.54 30.85 58.27
CA ALA J 134 -3.67 30.04 58.65
C ALA J 134 -4.73 30.08 57.55
N ALA J 135 -5.22 28.90 57.16
CA ALA J 135 -6.26 28.78 56.14
C ALA J 135 -7.66 29.14 56.63
N ASP J 136 -7.95 28.98 57.93
CA ASP J 136 -9.33 29.19 58.37
C ASP J 136 -9.34 29.61 59.84
N THR J 137 -10.54 29.77 60.39
CA THR J 137 -10.67 30.25 61.77
C THR J 137 -10.13 29.25 62.80
N ALA J 138 -10.39 27.95 62.62
CA ALA J 138 -9.81 26.96 63.52
C ALA J 138 -8.28 26.98 63.47
N ALA J 139 -7.72 27.20 62.29
CA ALA J 139 -6.27 27.29 62.15
C ALA J 139 -5.66 28.57 62.72
N LEU J 140 -6.46 29.61 62.92
CA LEU J 140 -5.98 30.77 63.65
C LEU J 140 -5.75 30.45 65.12
N ILE J 141 -6.54 29.55 65.71
CA ILE J 141 -6.25 29.15 67.09
C ILE J 141 -4.87 28.53 67.15
N THR J 142 -4.58 27.63 66.21
CA THR J 142 -3.29 26.96 66.17
C THR J 142 -2.17 27.95 65.91
N ARG J 143 -2.35 28.85 64.94
CA ARG J 143 -1.32 29.83 64.61
C ARG J 143 -1.00 30.74 65.79
N ARG J 144 -2.02 31.15 66.54
CA ARG J 144 -1.77 31.93 67.75
C ARG J 144 -0.98 31.09 68.76
N LYS J 145 -1.27 29.80 68.86
CA LYS J 145 -0.52 28.93 69.73
C LYS J 145 0.94 28.79 69.31
N TRP J 146 1.17 28.50 68.04
CA TRP J 146 2.52 28.34 67.51
C TRP J 146 3.31 29.64 67.46
N GLU J 147 2.66 30.78 67.25
CA GLU J 147 3.38 32.05 67.30
C GLU J 147 3.90 32.36 68.70
N GLN J 148 3.09 32.06 69.73
CA GLN J 148 3.51 32.28 71.11
C GLN J 148 4.58 31.30 71.58
N ALA J 149 4.54 30.06 71.11
CA ALA J 149 5.46 29.04 71.60
C ALA J 149 6.76 28.96 70.82
N GLY J 150 6.95 29.82 69.81
CA GLY J 150 8.14 29.79 68.98
C GLY J 150 8.39 28.46 68.29
N ASP J 151 7.33 27.86 67.74
CA ASP J 151 7.45 26.66 66.92
C ASP J 151 8.17 26.88 65.60
N ALA J 152 8.04 28.07 65.02
CA ALA J 152 8.67 28.32 63.72
C ALA J 152 10.18 28.19 63.79
N GLU J 153 10.79 28.67 64.89
CA GLU J 153 12.24 28.53 65.00
C GLU J 153 12.65 27.09 65.21
N TYR J 154 11.77 26.28 65.80
CA TYR J 154 12.09 24.87 65.99
C TYR J 154 12.12 24.14 64.66
N TYR J 155 11.09 24.32 63.83
CA TYR J 155 11.14 23.78 62.48
C TYR J 155 12.17 24.47 61.58
N ARG J 156 12.35 25.79 61.69
CA ARG J 156 13.32 26.45 60.82
C ARG J 156 14.73 25.96 61.07
N ALA J 157 15.07 25.72 62.34
CA ALA J 157 16.40 25.23 62.68
C ALA J 157 16.68 23.88 62.05
N TYR J 158 15.67 23.01 62.00
CA TYR J 158 15.81 21.76 61.27
C TYR J 158 15.95 22.03 59.77
N LEU J 159 15.10 22.88 59.22
CA LEU J 159 15.09 23.12 57.77
C LEU J 159 16.40 23.73 57.27
N GLU J 160 16.96 24.67 58.04
CA GLU J 160 18.23 25.29 57.70
C GLU J 160 19.44 24.42 58.02
N GLY J 161 19.31 23.45 58.91
CA GLY J 161 20.46 22.62 59.23
C GLY J 161 20.39 21.19 58.76
N GLU J 162 19.78 20.34 59.59
CA GLU J 162 19.75 18.90 59.34
C GLU J 162 19.09 18.54 58.00
N CYS J 163 18.01 19.23 57.60
CA CYS J 163 17.33 18.87 56.37
C CYS J 163 18.24 18.99 55.14
N VAL J 164 18.91 20.14 54.98
CA VAL J 164 19.84 20.30 53.87
C VAL J 164 21.05 19.37 54.00
N GLU J 165 21.72 19.39 55.16
CA GLU J 165 22.93 18.60 55.33
C GLU J 165 22.67 17.11 55.08
N TRP J 166 21.50 16.61 55.50
CA TRP J 166 21.15 15.24 55.13
C TRP J 166 20.67 15.09 53.69
N LEU J 167 20.03 16.08 53.10
CA LEU J 167 19.71 15.95 51.68
C LEU J 167 20.97 15.88 50.83
N ARG J 168 21.98 16.70 51.15
CA ARG J 168 23.28 16.59 50.51
C ARG J 168 23.94 15.26 50.81
N ARG J 169 23.75 14.75 52.03
CA ARG J 169 24.28 13.42 52.35
C ARG J 169 23.62 12.32 51.55
N TYR J 170 22.30 12.35 51.36
CA TYR J 170 21.65 11.35 50.54
C TYR J 170 22.11 11.44 49.08
N LEU J 171 22.34 12.66 48.60
CA LEU J 171 22.85 12.83 47.24
C LEU J 171 24.25 12.26 47.04
N GLU J 172 25.11 12.33 48.06
CA GLU J 172 26.37 11.58 47.99
C GLU J 172 26.15 10.07 48.14
N LEU J 173 25.28 9.65 49.05
CA LEU J 173 25.05 8.22 49.25
C LEU J 173 24.47 7.54 48.01
N GLY J 174 23.54 8.22 47.34
CA GLY J 174 22.83 7.68 46.19
C GLY J 174 23.22 8.34 44.88
N ASN J 175 24.44 8.89 44.86
CA ASN J 175 24.86 9.80 43.81
C ASN J 175 24.82 9.19 42.41
N GLU J 176 25.25 7.94 42.28
CA GLU J 176 25.31 7.30 40.97
C GLU J 176 23.97 7.22 40.26
N THR J 177 22.87 7.04 40.99
CA THR J 177 21.53 6.96 40.40
C THR J 177 20.70 8.24 40.49
N LEU J 178 20.76 8.98 41.61
CA LEU J 178 19.97 10.21 41.74
C LEU J 178 20.33 11.26 40.70
N LEU J 179 21.62 11.41 40.38
CA LEU J 179 22.02 12.46 39.45
C LEU J 179 21.84 12.05 38.00
N ARG J 180 21.45 10.80 37.76
CA ARG J 180 21.19 10.31 36.42
C ARG J 180 19.87 10.87 35.91
N THR J 181 19.78 10.96 34.59
CA THR J 181 18.53 11.16 33.88
C THR J 181 18.28 9.91 33.05
N ASP J 182 17.01 9.63 32.78
CA ASP J 182 16.63 8.68 31.73
C ASP J 182 15.79 9.42 30.70
N SER J 183 16.32 9.58 29.50
CA SER J 183 15.57 10.24 28.45
C SER J 183 14.32 9.41 28.13
N PRO J 184 13.22 10.06 27.82
CA PRO J 184 12.01 9.29 27.48
C PRO J 184 12.25 8.56 26.16
N LYS J 185 11.71 7.35 26.06
CA LYS J 185 11.63 6.70 24.76
C LYS J 185 10.24 7.06 24.25
N ALA J 186 10.19 7.83 23.17
CA ALA J 186 8.97 8.49 22.74
C ALA J 186 8.48 7.94 21.41
N HIS J 187 7.16 7.79 21.30
CA HIS J 187 6.53 7.39 20.05
C HIS J 187 5.12 7.97 19.96
N VAL J 188 4.64 8.07 18.72
CA VAL J 188 3.29 8.54 18.41
C VAL J 188 2.46 7.35 17.94
N THR J 189 1.27 7.19 18.52
CA THR J 189 0.30 6.23 18.03
C THR J 189 -0.88 6.90 17.35
N TYR J 190 -1.53 6.09 16.52
CA TYR J 190 -2.62 6.46 15.64
C TYR J 190 -3.77 5.51 15.93
N HIS J 191 -4.93 6.07 16.30
CA HIS J 191 -6.13 5.27 16.46
C HIS J 191 -7.25 5.96 15.67
N PRO J 192 -7.89 5.28 14.71
CA PRO J 192 -8.99 5.94 14.00
C PRO J 192 -10.18 6.22 14.90
N ARG J 193 -10.80 7.36 14.64
CA ARG J 193 -11.95 7.83 15.39
C ARG J 193 -13.03 8.12 14.36
N SER J 194 -14.29 7.95 14.76
CA SER J 194 -15.44 8.13 13.86
C SER J 194 -15.12 7.84 12.40
N GLN J 195 -15.64 8.67 11.49
CA GLN J 195 -15.28 8.65 10.08
C GLN J 195 -14.55 9.90 9.66
N VAL J 196 -14.42 10.89 10.54
CA VAL J 196 -13.94 12.21 10.17
C VAL J 196 -12.60 12.56 10.80
N ASP J 197 -12.28 11.99 11.96
CA ASP J 197 -11.14 12.42 12.73
C ASP J 197 -10.42 11.22 13.35
N VAL J 198 -9.17 11.44 13.77
CA VAL J 198 -8.34 10.37 14.31
C VAL J 198 -7.68 10.86 15.59
N THR J 199 -7.48 9.96 16.55
CA THR J 199 -6.73 10.26 17.76
C THR J 199 -5.26 9.89 17.59
N LEU J 200 -4.41 10.90 17.75
CA LEU J 200 -2.95 10.76 17.79
C LEU J 200 -2.46 10.92 19.22
N ARG J 201 -1.81 9.88 19.74
CA ARG J 201 -1.30 9.87 21.10
C ARG J 201 0.22 9.90 21.08
N CYS J 202 0.80 10.87 21.76
CA CYS J 202 2.24 10.97 21.93
C CYS J 202 2.67 10.33 23.24
N TRP J 203 3.54 9.34 23.14
CA TRP J 203 4.00 8.59 24.30
C TRP J 203 5.41 8.99 24.71
N ALA J 204 5.66 9.00 26.01
CA ALA J 204 6.99 9.09 26.57
C ALA J 204 7.10 8.03 27.67
N LEU J 205 8.11 7.17 27.58
CA LEU J 205 8.22 6.03 28.47
C LEU J 205 9.63 5.96 29.07
N GLY J 206 9.70 5.29 30.23
CA GLY J 206 10.96 5.01 30.90
C GLY J 206 11.85 6.19 31.19
N PHE J 207 11.29 7.28 31.69
CA PHE J 207 12.07 8.49 31.93
C PHE J 207 12.14 8.80 33.42
N TYR J 208 13.32 9.20 33.85
CA TYR J 208 13.60 9.82 35.13
C TYR J 208 14.53 11.02 34.93
N PRO J 209 14.24 12.15 35.58
CA PRO J 209 13.16 12.31 36.56
C PRO J 209 11.76 12.56 35.98
N ALA J 210 10.79 12.79 36.88
CA ALA J 210 9.37 12.90 36.55
C ALA J 210 9.02 14.11 35.67
N ASP J 211 9.76 15.21 35.80
CA ASP J 211 9.46 16.40 35.02
C ASP J 211 9.58 16.14 33.52
N ILE J 212 8.55 16.58 32.78
CA ILE J 212 8.50 16.40 31.33
C ILE J 212 7.53 17.42 30.75
N THR J 213 7.76 17.81 29.50
CA THR J 213 6.82 18.63 28.73
C THR J 213 6.47 17.93 27.41
N LEU J 214 5.18 17.71 27.18
CA LEU J 214 4.69 17.18 25.92
C LEU J 214 3.79 18.21 25.26
N THR J 215 4.05 18.52 23.99
CA THR J 215 3.23 19.47 23.25
C THR J 215 2.96 18.96 21.85
N TRP J 216 1.79 19.29 21.34
CA TRP J 216 1.38 19.07 19.96
C TRP J 216 1.38 20.40 19.23
N GLN J 217 1.75 20.36 17.95
CA GLN J 217 1.86 21.56 17.14
C GLN J 217 1.24 21.30 15.76
N LEU J 218 0.66 22.36 15.18
CA LEU J 218 0.20 22.34 13.80
C LEU J 218 0.86 23.41 12.94
N ASN J 219 1.41 22.99 11.79
CA ASN J 219 2.09 23.87 10.84
C ASN J 219 3.29 24.56 11.48
N GLY J 220 3.96 25.43 10.73
CA GLY J 220 5.15 26.17 11.16
C GLY J 220 5.32 26.43 12.65
N GLU J 221 5.15 25.39 13.47
CA GLU J 221 5.27 25.41 14.92
C GLU J 221 4.24 26.31 15.60
N ASP J 222 3.01 25.82 15.77
CA ASP J 222 1.97 26.54 16.50
C ASP J 222 1.39 25.61 17.56
N LEU J 223 1.66 25.93 18.83
CA LEU J 223 1.34 25.05 19.95
C LEU J 223 -0.15 24.68 19.96
N THR J 224 -0.44 23.39 19.82
CA THR J 224 -1.79 22.87 19.95
C THR J 224 -2.02 22.52 21.42
N GLN J 225 -2.94 23.23 22.05
CA GLN J 225 -3.36 22.91 23.41
C GLN J 225 -4.72 22.21 23.42
N ASP J 226 -5.28 21.91 22.24
CA ASP J 226 -6.33 20.90 21.98
C ASP J 226 -5.99 19.56 22.64
N MET J 227 -4.95 19.55 23.46
CA MET J 227 -4.36 18.35 24.02
C MET J 227 -5.14 17.85 25.22
N GLU J 228 -5.30 16.53 25.25
CA GLU J 228 -5.69 15.81 26.44
C GLU J 228 -4.42 15.19 27.03
N LEU J 229 -4.21 15.44 28.32
CA LEU J 229 -3.03 15.01 29.05
C LEU J 229 -3.42 14.15 30.23
N VAL J 230 -2.73 13.04 30.40
CA VAL J 230 -2.84 12.25 31.62
C VAL J 230 -1.73 12.67 32.58
N GLU J 231 -1.93 12.33 33.84
CA GLU J 231 -0.90 12.55 34.84
C GLU J 231 0.31 11.65 34.60
N THR J 232 1.47 12.20 34.93
CA THR J 232 2.70 11.43 34.85
C THR J 232 2.55 10.24 35.78
N ARG J 233 2.82 9.05 35.25
CA ARG J 233 2.59 7.87 36.05
C ARG J 233 3.89 7.09 36.28
N PRO J 234 4.03 6.45 37.43
CA PRO J 234 5.21 5.62 37.69
C PRO J 234 5.17 4.30 36.93
N ALA J 235 6.27 3.96 36.27
CA ALA J 235 6.40 2.68 35.60
C ALA J 235 6.45 1.54 36.61
N GLY J 236 6.93 1.81 37.83
CA GLY J 236 7.18 0.81 38.85
C GLY J 236 8.62 0.38 39.00
N ASP J 237 9.51 0.85 38.13
CA ASP J 237 10.94 0.57 38.21
C ASP J 237 11.75 1.80 38.61
N GLY J 238 11.07 2.87 39.04
CA GLY J 238 11.70 4.16 39.22
C GLY J 238 11.59 5.12 38.05
N THR J 239 11.29 4.63 36.85
CA THR J 239 11.01 5.52 35.74
C THR J 239 9.52 5.90 35.67
N PHE J 240 9.19 6.79 34.73
CA PHE J 240 7.85 7.32 34.60
C PHE J 240 7.34 7.23 33.17
N GLN J 241 6.01 7.40 33.05
CA GLN J 241 5.31 7.31 31.78
C GLN J 241 4.33 8.47 31.65
N LYS J 242 4.17 8.96 30.42
CA LYS J 242 3.20 10.00 30.10
C LYS J 242 2.82 9.93 28.63
N TRP J 243 1.58 10.35 28.33
CA TRP J 243 1.15 10.60 26.96
C TRP J 243 0.28 11.84 26.82
N ALA J 244 0.33 12.45 25.63
CA ALA J 244 -0.52 13.54 25.21
C ALA J 244 -1.22 13.16 23.90
N ALA J 245 -2.52 13.45 23.82
CA ALA J 245 -3.28 13.12 22.63
C ALA J 245 -4.05 14.32 22.10
N VAL J 246 -4.16 14.39 20.77
CA VAL J 246 -4.98 15.39 20.09
C VAL J 246 -5.84 14.62 19.10
N VAL J 247 -7.05 15.11 18.87
CA VAL J 247 -7.96 14.51 17.88
C VAL J 247 -8.00 15.44 16.67
N VAL J 248 -7.66 14.88 15.51
CA VAL J 248 -7.39 15.65 14.31
C VAL J 248 -8.11 15.00 13.12
N PRO J 249 -8.36 15.77 12.06
CA PRO J 249 -9.10 15.21 10.92
C PRO J 249 -8.39 14.08 10.21
N LEU J 250 -9.18 13.13 9.73
CA LEU J 250 -8.68 11.99 8.97
C LEU J 250 -7.99 12.45 7.70
N GLY J 251 -6.81 11.88 7.45
CA GLY J 251 -5.96 12.18 6.31
C GLY J 251 -4.98 13.32 6.50
N LYS J 252 -5.03 14.00 7.65
CA LYS J 252 -4.12 15.07 8.01
C LYS J 252 -3.17 14.71 9.15
N GLU J 253 -3.02 13.42 9.47
CA GLU J 253 -2.28 13.04 10.67
C GLU J 253 -0.85 13.57 10.61
N GLN J 254 -0.23 13.48 9.43
CA GLN J 254 1.18 13.81 9.26
C GLN J 254 1.46 15.32 9.31
N ASN J 255 0.46 16.19 9.50
CA ASN J 255 0.72 17.61 9.68
C ASN J 255 0.97 18.02 11.14
N TYR J 256 0.84 17.09 12.09
CA TYR J 256 0.94 17.37 13.51
C TYR J 256 2.22 16.77 14.08
N THR J 257 2.91 17.52 14.94
CA THR J 257 4.16 17.10 15.56
C THR J 257 4.04 17.11 17.07
N CYS J 258 4.60 16.09 17.71
CA CYS J 258 4.67 16.03 19.16
C CYS J 258 6.07 16.42 19.61
N HIS J 259 6.15 17.26 20.62
CA HIS J 259 7.41 17.76 21.12
C HIS J 259 7.60 17.34 22.57
N VAL J 260 8.81 16.88 22.90
CA VAL J 260 9.14 16.32 24.20
C VAL J 260 10.31 17.07 24.80
N HIS J 261 10.10 17.67 25.96
CA HIS J 261 11.14 18.32 26.74
C HIS J 261 11.41 17.50 28.00
N HIS J 262 12.69 17.27 28.29
CA HIS J 262 13.07 16.56 29.51
C HIS J 262 14.52 16.90 29.85
N LYS J 263 14.84 16.82 31.14
CA LYS J 263 16.19 17.16 31.60
C LYS J 263 17.26 16.25 30.99
N GLY J 264 16.86 15.03 30.61
CA GLY J 264 17.70 14.13 29.85
C GLY J 264 17.85 14.48 28.38
N LEU J 265 17.07 15.44 27.90
CA LEU J 265 17.12 15.80 26.50
C LEU J 265 17.70 17.21 26.41
N PRO J 266 18.93 17.37 25.92
CA PRO J 266 19.46 18.73 25.77
C PRO J 266 18.65 19.53 24.77
N GLU J 267 18.14 18.86 23.75
CA GLU J 267 17.23 19.41 22.78
C GLU J 267 15.91 18.64 22.85
N PRO J 268 14.79 19.34 22.73
CA PRO J 268 13.48 18.67 22.77
C PRO J 268 13.23 17.80 21.55
N LEU J 269 12.57 16.66 21.77
CA LEU J 269 12.23 15.74 20.68
C LEU J 269 11.12 16.28 19.78
N THR J 270 11.21 15.88 18.51
CA THR J 270 10.21 16.15 17.49
C THR J 270 9.83 14.83 16.84
N LEU J 271 8.56 14.46 16.95
CA LEU J 271 8.09 13.21 16.36
C LEU J 271 6.91 13.47 15.46
N ARG J 272 6.73 12.57 14.49
CA ARG J 272 5.62 12.63 13.55
C ARG J 272 5.01 11.24 13.41
N TRP J 273 3.76 11.19 12.96
CA TRP J 273 3.14 9.91 12.68
C TRP J 273 3.80 9.27 11.47
N MET K 1 -14.82 18.74 55.21
CA MET K 1 -14.60 17.36 54.78
C MET K 1 -14.65 17.31 53.25
N ILE K 2 -13.52 17.06 52.59
CA ILE K 2 -13.51 17.07 51.13
C ILE K 2 -13.59 15.63 50.63
N GLN K 3 -14.20 15.44 49.46
CA GLN K 3 -14.18 14.16 48.78
C GLN K 3 -13.70 14.33 47.35
N ARG K 4 -12.68 13.56 46.97
CA ARG K 4 -12.15 13.54 45.62
C ARG K 4 -12.24 12.12 45.08
N THR K 5 -12.87 11.96 43.92
CA THR K 5 -12.96 10.65 43.29
C THR K 5 -11.63 10.25 42.64
N PRO K 6 -11.27 8.97 42.73
CA PRO K 6 -9.98 8.51 42.19
C PRO K 6 -9.97 8.48 40.67
N LYS K 7 -8.89 8.99 40.10
CA LYS K 7 -8.61 8.81 38.69
C LYS K 7 -7.85 7.49 38.52
N ILE K 8 -8.16 6.79 37.42
CA ILE K 8 -7.74 5.40 37.25
C ILE K 8 -7.05 5.25 35.91
N GLN K 9 -5.84 4.71 35.93
CA GLN K 9 -5.13 4.28 34.73
C GLN K 9 -4.67 2.86 34.95
N VAL K 10 -4.93 2.01 33.95
CA VAL K 10 -4.50 0.60 33.94
C VAL K 10 -3.54 0.42 32.78
N TYR K 11 -2.36 -0.12 33.06
CA TYR K 11 -1.32 -0.17 32.05
C TYR K 11 -0.29 -1.18 32.51
N SER K 12 0.65 -1.46 31.62
CA SER K 12 1.76 -2.38 31.83
C SER K 12 3.07 -1.64 32.05
N ARG K 13 4.00 -2.27 32.79
CA ARG K 13 5.27 -1.63 33.07
C ARG K 13 6.05 -1.42 31.77
N HIS K 14 6.05 -2.40 30.90
CA HIS K 14 6.66 -2.30 29.58
C HIS K 14 5.57 -2.58 28.56
N PRO K 15 5.79 -2.24 27.30
CA PRO K 15 4.75 -2.49 26.29
C PRO K 15 4.51 -3.98 26.17
N ALA K 16 3.26 -4.38 26.30
CA ALA K 16 2.95 -5.78 26.52
C ALA K 16 3.25 -6.59 25.27
N GLU K 17 3.82 -7.77 25.50
CA GLU K 17 4.20 -8.68 24.44
C GLU K 17 3.85 -10.08 24.90
N ASN K 18 2.95 -10.74 24.20
CA ASN K 18 2.44 -12.03 24.64
C ASN K 18 3.59 -13.01 24.89
N GLY K 19 3.61 -13.62 26.06
CA GLY K 19 4.67 -14.49 26.45
C GLY K 19 5.88 -13.85 27.11
N LYS K 20 5.88 -12.54 27.33
CA LYS K 20 6.97 -11.89 28.05
C LYS K 20 6.42 -11.46 29.40
N SER K 21 7.12 -11.85 30.46
CA SER K 21 6.66 -11.49 31.79
C SER K 21 6.69 -9.98 31.95
N ASN K 22 5.64 -9.44 32.55
CA ASN K 22 5.43 -8.00 32.56
C ASN K 22 4.77 -7.66 33.90
N PHE K 23 4.44 -6.38 34.08
CA PHE K 23 3.75 -5.94 35.30
C PHE K 23 2.49 -5.21 34.88
N LEU K 24 1.37 -5.55 35.48
CA LEU K 24 0.12 -4.83 35.25
C LEU K 24 -0.04 -3.83 36.39
N ASN K 25 -0.26 -2.57 36.02
CA ASN K 25 -0.37 -1.49 36.98
C ASN K 25 -1.77 -0.88 36.97
N CYS K 26 -2.32 -0.65 38.15
CA CYS K 26 -3.44 0.27 38.32
C CYS K 26 -2.93 1.43 39.16
N TYR K 27 -2.91 2.62 38.59
CA TYR K 27 -2.54 3.84 39.29
C TYR K 27 -3.78 4.64 39.61
N VAL K 28 -4.03 4.87 40.90
CA VAL K 28 -5.13 5.68 41.38
C VAL K 28 -4.54 6.91 42.05
N SER K 29 -5.05 8.08 41.67
CA SER K 29 -4.50 9.33 42.17
C SER K 29 -5.62 10.36 42.25
N GLY K 30 -5.32 11.46 42.93
CA GLY K 30 -6.28 12.54 43.06
C GLY K 30 -7.51 12.22 43.87
N PHE K 31 -7.45 11.22 44.75
CA PHE K 31 -8.60 10.84 45.55
C PHE K 31 -8.44 11.28 47.00
N HIS K 32 -9.58 11.57 47.61
CA HIS K 32 -9.71 11.82 49.04
C HIS K 32 -11.11 11.40 49.44
N PRO K 33 -11.25 10.64 50.54
CA PRO K 33 -10.18 10.28 51.48
C PRO K 33 -9.29 9.12 51.04
N SER K 34 -8.33 8.76 51.91
CA SER K 34 -7.29 7.79 51.57
C SER K 34 -7.84 6.36 51.41
N ASP K 35 -8.84 5.96 52.19
CA ASP K 35 -9.32 4.57 52.11
C ASP K 35 -9.90 4.26 50.75
N ILE K 36 -9.36 3.23 50.13
CA ILE K 36 -9.72 2.83 48.78
C ILE K 36 -9.46 1.34 48.62
N GLU K 37 -10.31 0.67 47.88
CA GLU K 37 -10.18 -0.75 47.59
C GLU K 37 -9.79 -0.93 46.14
N VAL K 38 -8.63 -1.53 45.90
CA VAL K 38 -8.13 -1.73 44.56
C VAL K 38 -7.86 -3.22 44.36
N ASP K 39 -8.49 -3.79 43.34
CA ASP K 39 -8.28 -5.18 42.95
C ASP K 39 -7.95 -5.18 41.47
N LEU K 40 -7.09 -6.11 41.07
CA LEU K 40 -6.74 -6.35 39.68
C LEU K 40 -7.40 -7.63 39.21
N LEU K 41 -7.94 -7.61 38.00
CA LEU K 41 -8.79 -8.70 37.51
C LEU K 41 -8.16 -9.33 36.27
N LYS K 42 -8.22 -10.65 36.21
CA LYS K 42 -7.88 -11.44 35.03
C LYS K 42 -9.10 -12.28 34.67
N ASN K 43 -9.68 -12.00 33.50
CA ASN K 43 -10.88 -12.69 33.02
C ASN K 43 -12.01 -12.62 34.05
N GLY K 44 -12.09 -11.49 34.75
CA GLY K 44 -13.16 -11.25 35.68
C GLY K 44 -12.90 -11.73 37.09
N GLU K 45 -11.96 -12.64 37.28
CA GLU K 45 -11.60 -13.13 38.60
C GLU K 45 -10.50 -12.27 39.20
N ARG K 46 -10.61 -12.04 40.50
CA ARG K 46 -9.66 -11.20 41.22
C ARG K 46 -8.33 -11.92 41.35
N ILE K 47 -7.25 -11.17 41.09
CA ILE K 47 -5.90 -11.70 41.09
C ILE K 47 -5.36 -11.67 42.52
N GLU K 48 -4.82 -12.79 42.97
CA GLU K 48 -4.29 -12.91 44.31
C GLU K 48 -2.84 -12.45 44.27
N LYS K 49 -2.40 -11.78 45.35
CA LYS K 49 -1.05 -11.27 45.49
C LYS K 49 -0.82 -10.01 44.65
N VAL K 50 -1.57 -8.95 44.95
CA VAL K 50 -1.38 -7.64 44.33
C VAL K 50 -0.64 -6.77 45.32
N GLU K 51 0.56 -6.32 44.95
CA GLU K 51 1.33 -5.40 45.77
C GLU K 51 0.84 -3.97 45.58
N HIS K 52 1.11 -3.12 46.57
CA HIS K 52 0.84 -1.69 46.42
C HIS K 52 1.92 -0.86 47.10
N SER K 53 2.04 0.38 46.64
CA SER K 53 2.99 1.35 47.13
C SER K 53 2.60 1.90 48.51
N ASP K 54 3.55 2.60 49.14
CA ASP K 54 3.27 3.29 50.40
C ASP K 54 2.44 4.54 50.14
N LEU K 55 1.49 4.82 51.03
CA LEU K 55 0.55 5.91 50.78
C LEU K 55 1.25 7.26 50.78
N SER K 56 1.06 8.01 49.71
CA SER K 56 1.66 9.33 49.52
C SER K 56 0.60 10.24 48.92
N PHE K 57 0.91 11.53 48.85
CA PHE K 57 -0.03 12.51 48.31
C PHE K 57 0.71 13.54 47.48
N SER K 58 -0.04 14.24 46.65
CA SER K 58 0.55 15.22 45.76
C SER K 58 0.53 16.62 46.39
N LYS K 59 0.98 17.60 45.60
CA LYS K 59 1.04 18.98 46.04
C LYS K 59 -0.32 19.50 46.50
N ASP K 60 -1.42 18.96 45.97
CA ASP K 60 -2.76 19.38 46.35
C ASP K 60 -3.34 18.54 47.49
N TRP K 61 -2.53 17.70 48.13
CA TRP K 61 -2.85 16.86 49.27
C TRP K 61 -3.68 15.63 48.91
N SER K 62 -4.00 15.40 47.64
CA SER K 62 -4.75 14.21 47.25
C SER K 62 -3.83 13.00 47.14
N PHE K 63 -4.31 11.87 47.61
CA PHE K 63 -3.49 10.67 47.71
C PHE K 63 -3.33 9.96 46.37
N TYR K 64 -2.22 9.24 46.25
CA TYR K 64 -2.00 8.36 45.11
C TYR K 64 -1.37 7.05 45.57
N LEU K 65 -1.78 5.97 44.91
CA LEU K 65 -1.27 4.61 45.13
C LEU K 65 -1.05 3.98 43.77
N LEU K 66 0.01 3.18 43.66
CA LEU K 66 0.24 2.34 42.48
C LEU K 66 0.10 0.89 42.90
N TYR K 67 -0.83 0.17 42.28
CA TYR K 67 -1.05 -1.26 42.51
C TYR K 67 -0.55 -2.04 41.31
N TYR K 68 0.28 -3.03 41.58
CA TYR K 68 1.00 -3.71 40.51
C TYR K 68 1.18 -5.18 40.86
N THR K 69 1.09 -6.02 39.84
CA THR K 69 1.42 -7.43 39.94
C THR K 69 2.09 -7.87 38.65
N GLU K 70 3.13 -8.71 38.78
CA GLU K 70 3.76 -9.27 37.59
C GLU K 70 2.78 -10.18 36.86
N PHE K 71 2.84 -10.15 35.52
CA PHE K 71 1.92 -10.95 34.73
C PHE K 71 2.55 -11.23 33.37
N THR K 72 2.03 -12.25 32.69
CA THR K 72 2.43 -12.54 31.32
C THR K 72 1.19 -12.41 30.43
N PRO K 73 1.16 -11.39 29.56
CA PRO K 73 0.00 -11.20 28.68
C PRO K 73 -0.12 -12.24 27.57
N THR K 74 -1.37 -12.54 27.22
CA THR K 74 -1.72 -13.40 26.09
C THR K 74 -2.62 -12.60 25.14
N GLU K 75 -3.06 -13.26 24.05
CA GLU K 75 -3.96 -12.61 23.10
C GLU K 75 -5.35 -12.37 23.66
N LYS K 76 -5.94 -13.37 24.32
CA LYS K 76 -7.35 -13.30 24.69
C LYS K 76 -7.66 -13.10 26.16
N ASP K 77 -6.66 -13.00 27.03
CA ASP K 77 -6.95 -12.74 28.44
C ASP K 77 -7.31 -11.26 28.62
N GLU K 78 -8.35 -11.00 29.43
CA GLU K 78 -8.89 -9.66 29.61
C GLU K 78 -8.66 -9.19 31.05
N TYR K 79 -8.03 -8.02 31.19
CA TYR K 79 -7.58 -7.52 32.48
C TYR K 79 -8.18 -6.17 32.82
N ALA K 80 -8.37 -5.96 34.13
CA ALA K 80 -8.89 -4.70 34.62
C ALA K 80 -8.50 -4.53 36.07
N CYS K 81 -8.69 -3.31 36.57
CA CYS K 81 -8.53 -2.96 37.96
C CYS K 81 -9.91 -2.55 38.45
N ARG K 82 -10.27 -3.00 39.65
CA ARG K 82 -11.54 -2.63 40.26
C ARG K 82 -11.29 -1.83 41.52
N VAL K 83 -11.72 -0.58 41.46
CA VAL K 83 -11.52 0.42 42.50
C VAL K 83 -12.88 0.70 43.13
N ASN K 84 -12.91 0.72 44.45
CA ASN K 84 -14.07 1.19 45.21
C ASN K 84 -13.65 2.34 46.11
N HIS K 85 -14.50 3.35 46.17
CA HIS K 85 -14.21 4.56 46.92
C HIS K 85 -15.51 5.09 47.51
N VAL K 86 -15.37 6.02 48.46
CA VAL K 86 -16.55 6.62 49.06
C VAL K 86 -17.31 7.42 48.01
N THR K 87 -16.59 8.01 47.05
CA THR K 87 -17.20 8.78 45.97
C THR K 87 -17.93 7.90 44.98
N LEU K 88 -17.62 6.60 44.93
CA LEU K 88 -18.17 5.71 43.91
C LEU K 88 -19.32 4.94 44.53
N SER K 89 -20.54 5.18 44.00
CA SER K 89 -21.70 4.45 44.49
C SER K 89 -21.54 2.95 44.23
N GLN K 90 -20.99 2.61 43.07
CA GLN K 90 -20.73 1.24 42.67
C GLN K 90 -19.25 1.15 42.30
N PRO K 91 -18.64 -0.03 42.39
CA PRO K 91 -17.23 -0.12 42.03
C PRO K 91 -17.05 0.16 40.54
N LYS K 92 -15.98 0.90 40.24
CA LYS K 92 -15.64 1.27 38.88
C LYS K 92 -14.61 0.28 38.36
N ILE K 93 -14.86 -0.29 37.19
CA ILE K 93 -13.92 -1.17 36.54
C ILE K 93 -13.37 -0.46 35.32
N VAL K 94 -12.04 -0.43 35.21
CA VAL K 94 -11.36 0.16 34.07
C VAL K 94 -10.54 -0.97 33.48
N LYS K 95 -10.77 -1.25 32.20
CA LYS K 95 -10.11 -2.34 31.53
C LYS K 95 -8.73 -1.94 31.01
N TRP K 96 -7.84 -2.92 30.98
CA TRP K 96 -6.52 -2.71 30.42
C TRP K 96 -6.62 -2.73 28.90
N ASP K 97 -6.11 -1.68 28.27
CA ASP K 97 -6.12 -1.55 26.83
C ASP K 97 -4.65 -1.40 26.45
N ARG K 98 -4.09 -2.39 25.73
CA ARG K 98 -2.68 -2.39 25.38
C ARG K 98 -2.26 -1.41 24.28
N ASP K 99 -3.18 -0.77 23.56
CA ASP K 99 -2.77 0.33 22.68
C ASP K 99 -2.89 1.65 23.41
N MET K 100 -3.76 1.68 24.41
CA MET K 100 -4.03 2.87 25.19
C MET K 100 -2.73 3.22 25.88
N TYR L 1 16.30 12.82 56.86
CA TYR L 1 16.21 13.03 58.29
C TYR L 1 14.84 13.57 58.75
N TYR L 2 14.14 12.74 59.51
CA TYR L 2 12.80 13.06 59.99
C TYR L 2 12.88 14.08 61.11
N GLN L 3 11.83 14.87 61.27
CA GLN L 3 11.73 15.77 62.42
C GLN L 3 10.37 15.63 63.07
N SER L 4 10.36 15.58 64.40
CA SER L 4 9.14 15.48 65.19
C SER L 4 8.51 16.85 65.43
N GLY L 5 7.18 16.84 65.62
CA GLY L 5 6.47 18.06 65.91
C GLY L 5 6.81 18.61 67.29
N LEU L 6 6.64 19.92 67.43
CA LEU L 6 6.81 20.54 68.74
C LEU L 6 5.43 20.80 69.35
N SER L 7 4.93 22.04 69.27
CA SER L 7 3.61 22.34 69.81
C SER L 7 2.51 21.56 69.12
N ILE L 8 1.52 21.13 69.90
CA ILE L 8 0.34 20.48 69.37
C ILE L 8 -0.47 21.53 68.60
N VAL L 9 -1.22 21.10 67.58
CA VAL L 9 -2.15 22.03 66.93
C VAL L 9 -3.04 22.69 67.97
#